data_3OR2
#
_entry.id   3OR2
#
_cell.length_a   115.129
_cell.length_b   59.977
_cell.length_c   133.208
_cell.angle_alpha   90.00
_cell.angle_beta   94.24
_cell.angle_gamma   90.00
#
_symmetry.space_group_name_H-M   'P 1 21 1'
#
loop_
_entity.id
_entity.type
_entity.pdbx_description
1 polymer 'Sulfite redcutase subunit alpha'
2 polymer 'Sulfite redcutase subunit beta'
3 polymer 'Sulfite redcutase subunit gama'
4 non-polymer 'IRON/SULFUR CLUSTER'
5 non-polymer 'SULFITE ION'
6 non-polymer SIROHEME
7 water water
#
loop_
_entity_poly.entity_id
_entity_poly.type
_entity_poly.pdbx_seq_one_letter_code
_entity_poly.pdbx_strand_id
1 'polypeptide(L)'
;KHPTPMLDELEKGPWPSFVSDIKQECDNRAKNPKGLDYQIPAECPDDLLGILELSFHEGETHWKHGGIVGVFGYGGGVIG
RYCDQPEMFPGVAHFHTVRLAQPAAKYYTAEYLEAICDVWDLRGSGLTNMHGSTGDIVLLGTQTPQLEEIFFEMTHNLNT
DLGGSGSNLRTPESCLGISRCEFACYDTQLMCYQLTQDYQDELHRPAFPYKFKFKFDGCPNGCVASMARSDFAVIGTWKD
DIKIDQEAVKAYVGGEFKPNAGAHAGRDWGKFDIEAEVVGLCPTGCMTYESGTLSIDNKNCTRCMHCINTMPRALKIGDE
RGASILVGAKAPVLDGAQMGSLLIPFIAAEEPFDEVKEVIENIWEWWMEEGKNRERLGETMKRVGFQKLLEVTGTKAVPQ
HVSEPRHNPYIFFKEEEVPGGWSRDISDYRKRHMR
;
A,D
2 'polypeptide(L)'
;AFISSGYNPAKPMENRITDIGPRKFTEFFPPVIAKNAGNWDYHEILEPGILVHVAKNGDKVFTVRCGAARLMSTSHIREA
CEIAKKFCNGHLRFTTRNNIEFMVDNEETLKALVADLKTRKFAAGSFKFPIGGTGASISNIVHTQGWVYCHTPATDASGP
VKAVMDELFEEFTSMRLPAIVRVSLACCINMCGAVHCSDIGLVGIHRKPPMIDHENLAELCEIPLAVAACPTAAVKPITA
EVNGQKVKSVAINNDRCMYCGNCYTMCPALPLSDGTGDGIAIMVGGKISNRIKVPSFSKVVVAFVPNEPPRWPTMAKIVK
KIVEVYAEDARKYERIGDWIHRIGWETFYEKTGLEFSHHCIDDFRDPAYYTWRQSTQFKFVSFDS
;
B,E
3 'polypeptide(L)'
;AVVEFAGSAFEVDEDGFLNAFDDWCPEWVKYAKGSEGIGAGSADHQKIIDFLQDYYKANGIAPMVRILSKVTGFKLKQIY
ELFPSGPGKGACKMAGLPKPTGCV
;
C,F
#
# COMPACT_ATOMS: atom_id res chain seq x y z
N LYS A 1 23.63 48.98 -3.07
CA LYS A 1 23.10 48.03 -4.09
C LYS A 1 24.19 47.12 -4.63
N HIS A 2 23.83 45.87 -4.87
CA HIS A 2 24.75 44.86 -5.39
C HIS A 2 24.35 44.52 -6.83
N PRO A 3 25.34 44.25 -7.69
CA PRO A 3 24.99 43.90 -9.07
C PRO A 3 24.21 42.58 -9.06
N THR A 4 23.14 42.50 -9.84
CA THR A 4 22.32 41.29 -9.87
C THR A 4 21.97 40.86 -11.29
N PRO A 5 22.98 40.40 -12.06
CA PRO A 5 22.81 39.95 -13.45
C PRO A 5 21.70 38.91 -13.60
N MET A 6 21.77 37.87 -12.77
CA MET A 6 20.80 36.80 -12.85
C MET A 6 19.37 37.21 -12.47
N LEU A 7 19.22 37.88 -11.33
CA LEU A 7 17.89 38.29 -10.91
C LEU A 7 17.26 39.31 -11.86
N ASP A 8 18.09 40.13 -12.51
CA ASP A 8 17.57 41.12 -13.44
C ASP A 8 16.78 40.43 -14.52
N GLU A 9 17.25 39.25 -14.91
CA GLU A 9 16.60 38.46 -15.96
C GLU A 9 15.16 38.13 -15.56
N LEU A 10 14.92 38.04 -14.25
CA LEU A 10 13.58 37.73 -13.76
C LEU A 10 12.69 38.98 -13.66
N GLU A 11 13.12 40.06 -14.29
CA GLU A 11 12.32 41.30 -14.32
C GLU A 11 11.63 41.34 -15.68
N LYS A 12 12.12 40.52 -16.61
CA LYS A 12 11.53 40.41 -17.94
C LYS A 12 10.34 39.45 -17.82
N GLY A 13 9.47 39.43 -18.83
CA GLY A 13 8.33 38.54 -18.78
C GLY A 13 7.09 39.27 -18.28
N PRO A 14 5.90 38.76 -18.60
CA PRO A 14 4.61 39.34 -18.21
C PRO A 14 4.19 39.18 -16.74
N TRP A 15 4.52 38.06 -16.13
CA TRP A 15 4.14 37.78 -14.76
C TRP A 15 4.78 38.72 -13.74
N PRO A 16 3.98 39.29 -12.81
CA PRO A 16 4.52 40.20 -11.80
C PRO A 16 5.82 39.70 -11.21
N SER A 17 6.89 40.45 -11.48
CA SER A 17 8.21 40.10 -11.00
C SER A 17 8.45 40.45 -9.55
N PHE A 18 8.84 39.45 -8.75
CA PHE A 18 9.11 39.68 -7.33
C PHE A 18 10.38 40.53 -7.18
N VAL A 19 11.23 40.49 -8.20
CA VAL A 19 12.49 41.24 -8.18
C VAL A 19 12.24 42.73 -8.38
N SER A 20 11.43 43.07 -9.37
CA SER A 20 11.11 44.48 -9.64
C SER A 20 10.45 45.07 -8.39
N ASP A 21 9.59 44.28 -7.75
CA ASP A 21 8.89 44.73 -6.56
C ASP A 21 9.90 44.95 -5.42
N ILE A 22 10.76 44.03 -5.15
CA ILE A 22 11.77 44.20 -4.13
C ILE A 22 12.64 45.41 -4.48
N LYS A 23 12.97 45.52 -5.69
CA LYS A 23 13.78 46.67 -6.06
C LYS A 23 13.07 47.97 -5.72
N GLN A 24 11.77 48.04 -6.00
CA GLN A 24 11.01 49.24 -5.71
C GLN A 24 11.07 49.58 -4.23
N GLU A 25 10.98 48.57 -3.38
CA GLU A 25 11.04 48.81 -1.95
C GLU A 25 12.42 49.28 -1.52
N CYS A 26 13.46 48.81 -2.24
CA CYS A 26 14.83 49.21 -1.94
C CYS A 26 14.94 50.70 -2.26
N ASP A 27 14.30 51.08 -3.37
CA ASP A 27 14.28 52.47 -3.81
C ASP A 27 13.55 53.31 -2.77
N ASN A 28 12.36 52.84 -2.37
CA ASN A 28 11.54 53.52 -1.38
C ASN A 28 12.27 53.78 -0.08
N ARG A 29 12.90 52.76 0.48
CA ARG A 29 13.62 52.92 1.74
C ARG A 29 14.84 53.81 1.55
N ALA A 30 15.32 53.90 0.31
CA ALA A 30 16.48 54.73 -0.02
C ALA A 30 16.10 56.20 0.03
N LYS A 31 14.95 56.55 -0.56
CA LYS A 31 14.47 57.92 -0.55
C LYS A 31 13.89 58.27 0.82
N ASN A 32 13.26 57.29 1.45
CA ASN A 32 12.65 57.46 2.79
C ASN A 32 11.81 58.73 2.84
N PRO A 33 10.79 58.83 2.02
CA PRO A 33 10.12 60.11 1.87
C PRO A 33 9.36 60.50 3.12
N LYS A 34 8.99 59.53 3.92
CA LYS A 34 8.43 59.75 5.26
C LYS A 34 9.41 60.17 6.38
N GLY A 35 10.70 59.99 6.22
CA GLY A 35 11.67 60.38 7.22
C GLY A 35 11.68 59.46 8.43
N LEU A 36 11.48 58.16 8.18
CA LEU A 36 11.45 57.16 9.25
C LEU A 36 12.83 56.84 9.77
N ASP A 37 12.95 56.57 11.07
CA ASP A 37 14.25 56.17 11.58
C ASP A 37 14.17 54.65 11.61
N TYR A 38 14.53 54.03 10.48
CA TYR A 38 14.49 52.59 10.33
C TYR A 38 15.19 51.86 11.46
N GLN A 39 14.46 50.97 12.12
CA GLN A 39 14.99 50.20 13.24
C GLN A 39 15.95 49.10 12.81
N ILE A 40 15.90 48.63 11.63
CA ILE A 40 16.88 47.67 11.12
C ILE A 40 17.46 48.40 9.91
N PRO A 41 18.57 48.06 9.23
CA PRO A 41 19.19 48.71 8.08
C PRO A 41 18.23 49.02 6.93
N ALA A 42 18.27 50.26 6.46
CA ALA A 42 17.41 50.67 5.36
C ALA A 42 17.72 49.78 4.17
N GLU A 43 18.98 49.36 4.06
CA GLU A 43 19.42 48.51 2.96
C GLU A 43 19.21 47.02 3.18
N CYS A 44 18.24 46.66 4.01
CA CYS A 44 17.94 45.26 4.29
C CYS A 44 17.54 44.49 3.02
N PRO A 45 16.56 45.02 2.26
CA PRO A 45 16.09 44.36 1.04
C PRO A 45 17.19 44.30 -0.02
N ASP A 46 18.08 45.29 -0.01
CA ASP A 46 19.18 45.34 -0.95
C ASP A 46 20.10 44.13 -0.74
N ASP A 47 20.41 43.87 0.53
CA ASP A 47 21.25 42.74 0.88
C ASP A 47 20.51 41.41 0.67
N LEU A 48 19.18 41.44 0.76
CA LEU A 48 18.40 40.23 0.53
C LEU A 48 18.56 39.84 -0.93
N LEU A 49 18.51 40.83 -1.82
CA LEU A 49 18.69 40.59 -3.25
C LEU A 49 20.11 40.12 -3.46
N GLY A 50 21.05 40.82 -2.84
CA GLY A 50 22.46 40.46 -2.98
C GLY A 50 22.71 39.01 -2.65
N ILE A 51 22.23 38.56 -1.50
CA ILE A 51 22.46 37.18 -1.09
C ILE A 51 21.68 36.18 -1.95
N LEU A 52 20.50 36.56 -2.41
CA LEU A 52 19.71 35.66 -3.25
C LEU A 52 20.48 35.51 -4.57
N GLU A 53 21.08 36.60 -5.03
CA GLU A 53 21.86 36.59 -6.27
C GLU A 53 23.03 35.64 -6.07
N LEU A 54 23.67 35.73 -4.89
CA LEU A 54 24.81 34.87 -4.57
C LEU A 54 24.37 33.41 -4.70
N SER A 55 23.22 33.09 -4.09
CA SER A 55 22.68 31.74 -4.13
C SER A 55 22.42 31.28 -5.57
N PHE A 56 21.96 32.19 -6.42
CA PHE A 56 21.70 31.85 -7.82
C PHE A 56 23.03 31.47 -8.48
N HIS A 57 24.10 32.14 -8.06
CA HIS A 57 25.43 31.89 -8.60
C HIS A 57 26.01 30.54 -8.18
N GLU A 58 25.97 30.25 -6.88
CA GLU A 58 26.52 29.01 -6.36
C GLU A 58 25.50 27.87 -6.25
N GLY A 59 24.23 28.18 -6.53
CA GLY A 59 23.19 27.17 -6.46
C GLY A 59 22.98 26.55 -5.09
N GLU A 60 23.25 27.24 -3.99
CA GLU A 60 23.23 26.70 -2.64
C GLU A 60 22.68 27.74 -1.66
N THR A 61 21.86 27.47 -0.75
CA THR A 61 21.28 28.40 0.20
C THR A 61 22.35 29.05 1.08
N HIS A 62 22.14 30.30 1.45
CA HIS A 62 23.10 31.00 2.30
C HIS A 62 22.53 31.40 3.66
N TRP A 63 21.65 30.56 4.18
CA TRP A 63 21.06 30.80 5.48
C TRP A 63 21.57 29.74 6.44
N LYS A 64 21.96 30.17 7.63
CA LYS A 64 22.46 29.23 8.63
C LYS A 64 21.32 28.34 9.10
N HIS A 65 21.67 27.19 9.66
CA HIS A 65 20.69 26.25 10.15
C HIS A 65 19.82 26.86 11.26
N GLY A 66 18.54 26.52 11.22
CA GLY A 66 17.58 26.98 12.21
C GLY A 66 17.65 28.40 12.77
N GLY A 67 17.46 28.48 14.09
CA GLY A 67 17.46 29.75 14.80
C GLY A 67 16.41 29.66 15.89
N ILE A 68 16.67 30.27 17.05
CA ILE A 68 15.71 30.21 18.13
C ILE A 68 15.43 31.57 18.80
N VAL A 69 14.41 32.25 18.32
CA VAL A 69 14.01 33.55 18.85
C VAL A 69 12.50 33.56 19.00
N GLY A 70 11.97 34.57 19.70
CA GLY A 70 10.54 34.66 19.91
C GLY A 70 10.18 35.74 20.91
N VAL A 71 8.96 35.70 21.44
CA VAL A 71 8.51 36.68 22.41
C VAL A 71 8.10 35.99 23.70
N PHE A 72 8.38 36.63 24.83
CA PHE A 72 8.05 36.08 26.15
C PHE A 72 6.59 35.67 26.19
N GLY A 73 6.32 34.51 26.78
CA GLY A 73 4.95 34.03 26.88
C GLY A 73 4.58 32.99 25.84
N TYR A 74 5.20 33.07 24.67
CA TYR A 74 4.91 32.12 23.59
C TYR A 74 6.13 31.26 23.30
N GLY A 75 5.88 30.05 22.83
CA GLY A 75 6.96 29.14 22.48
C GLY A 75 7.15 29.06 20.98
N GLY A 76 6.48 29.94 20.25
CA GLY A 76 6.60 29.96 18.79
C GLY A 76 5.99 31.20 18.19
N GLY A 77 5.96 31.26 16.87
CA GLY A 77 5.40 32.42 16.18
C GLY A 77 6.39 33.21 15.35
N VAL A 78 7.67 33.03 15.65
CA VAL A 78 8.72 33.72 14.93
C VAL A 78 9.77 32.70 14.51
N ILE A 79 10.12 32.66 13.19
CA ILE A 79 11.14 31.79 12.65
C ILE A 79 12.47 32.55 12.56
N GLY A 80 13.38 32.32 13.47
CA GLY A 80 14.68 32.96 13.40
C GLY A 80 15.45 32.51 12.17
N ARG A 81 16.40 33.33 11.74
CA ARG A 81 17.24 33.00 10.59
C ARG A 81 18.37 34.02 10.47
N TYR A 82 19.59 33.51 10.26
CA TYR A 82 20.77 34.36 10.11
C TYR A 82 21.51 33.94 8.85
N CYS A 83 21.95 34.91 8.05
CA CYS A 83 22.68 34.60 6.82
C CYS A 83 24.04 34.03 7.23
N ASP A 84 24.66 33.24 6.35
CA ASP A 84 25.96 32.65 6.68
C ASP A 84 27.13 33.48 6.14
N GLN A 85 26.95 34.65 5.71
CA GLN A 85 27.92 35.65 5.27
C GLN A 85 27.44 36.98 5.85
N PRO A 86 27.40 37.17 7.06
CA PRO A 86 27.04 38.45 7.68
C PRO A 86 27.92 39.60 7.25
N GLU A 87 29.21 39.31 7.04
CA GLU A 87 30.18 40.31 6.62
C GLU A 87 29.82 40.89 5.27
N MET A 88 29.48 40.01 4.33
CA MET A 88 29.12 40.42 2.98
C MET A 88 27.74 41.06 2.89
N PHE A 89 26.81 40.57 3.70
CA PHE A 89 25.44 41.09 3.67
C PHE A 89 24.94 41.43 5.08
N PRO A 90 25.54 42.45 5.71
CA PRO A 90 25.17 42.88 7.05
C PRO A 90 23.67 43.14 7.18
N GLY A 91 23.08 43.69 6.13
CA GLY A 91 21.66 43.99 6.11
C GLY A 91 20.74 42.82 6.42
N VAL A 92 21.24 41.59 6.30
CA VAL A 92 20.42 40.43 6.60
C VAL A 92 21.11 39.49 7.58
N ALA A 93 22.05 40.03 8.37
CA ALA A 93 22.75 39.22 9.36
C ALA A 93 21.68 38.55 10.20
N HIS A 94 20.65 39.32 10.54
CA HIS A 94 19.48 38.85 11.27
C HIS A 94 18.40 39.04 10.23
N PHE A 95 17.56 38.03 10.01
CA PHE A 95 16.50 38.17 9.01
C PHE A 95 15.38 37.25 9.46
N HIS A 96 14.83 37.53 10.65
CA HIS A 96 13.76 36.74 11.23
C HIS A 96 12.40 37.00 10.59
N THR A 97 11.60 35.94 10.47
CA THR A 97 10.25 36.06 9.91
C THR A 97 9.25 35.99 11.05
N VAL A 98 8.22 36.83 10.97
CA VAL A 98 7.19 36.86 12.00
C VAL A 98 5.86 36.45 11.39
N ARG A 99 5.22 35.45 11.99
CA ARG A 99 3.93 34.97 11.51
C ARG A 99 2.81 35.70 12.23
N LEU A 100 2.00 36.44 11.47
CA LEU A 100 0.90 37.23 12.01
C LEU A 100 -0.47 36.57 11.74
N ALA A 101 -1.31 36.49 12.77
CA ALA A 101 -2.63 35.88 12.65
C ALA A 101 -3.50 36.65 11.65
N GLN A 102 -4.01 35.94 10.66
CA GLN A 102 -4.83 36.56 9.61
C GLN A 102 -6.33 36.29 9.78
N PRO A 103 -7.19 37.19 9.26
CA PRO A 103 -8.64 36.98 9.38
C PRO A 103 -9.08 35.83 8.46
N ALA A 104 -10.07 35.06 8.91
CA ALA A 104 -10.58 33.91 8.17
C ALA A 104 -10.94 34.18 6.71
N ALA A 105 -10.29 33.46 5.81
CA ALA A 105 -10.50 33.54 4.37
C ALA A 105 -9.88 34.81 3.76
N LYS A 106 -9.03 35.44 4.55
CA LYS A 106 -8.28 36.64 4.15
C LYS A 106 -9.01 37.89 3.64
N TYR A 107 -10.14 38.24 4.24
CA TYR A 107 -10.85 39.46 3.84
C TYR A 107 -10.20 40.60 4.62
N TYR A 108 -9.85 41.68 3.93
CA TYR A 108 -9.20 42.84 4.55
C TYR A 108 -9.80 44.17 4.12
N THR A 109 -9.36 45.22 4.81
CA THR A 109 -9.73 46.61 4.49
C THR A 109 -8.38 47.31 4.35
N ALA A 110 -8.32 48.34 3.50
CA ALA A 110 -7.09 49.11 3.28
C ALA A 110 -6.49 49.63 4.56
N GLU A 111 -7.35 50.20 5.40
CA GLU A 111 -6.93 50.76 6.69
C GLU A 111 -6.15 49.77 7.52
N TYR A 112 -6.66 48.54 7.60
CA TYR A 112 -5.98 47.51 8.39
C TYR A 112 -4.63 47.11 7.80
N LEU A 113 -4.60 46.72 6.54
CA LEU A 113 -3.33 46.33 5.92
C LEU A 113 -2.31 47.47 5.97
N GLU A 114 -2.79 48.69 5.74
CA GLU A 114 -1.94 49.87 5.78
C GLU A 114 -1.31 50.06 7.15
N ALA A 115 -2.08 49.83 8.20
CA ALA A 115 -1.59 49.99 9.57
C ALA A 115 -0.49 48.95 9.81
N ILE A 116 -0.55 47.80 9.41
CA ILE A 116 0.40 46.70 9.49
C ILE A 116 1.64 47.08 8.69
N CYS A 117 1.42 47.62 7.48
CA CYS A 117 2.57 48.05 6.68
C CYS A 117 3.35 49.17 7.37
N ASP A 118 2.64 50.06 8.05
CA ASP A 118 3.27 51.18 8.76
C ASP A 118 4.22 50.64 9.81
N VAL A 119 3.75 49.65 10.55
CA VAL A 119 4.56 49.03 11.60
C VAL A 119 5.78 48.32 11.00
N TRP A 120 5.54 47.55 9.94
CA TRP A 120 6.61 46.79 9.29
C TRP A 120 7.70 47.64 8.65
N ASP A 121 7.32 48.71 7.94
CA ASP A 121 8.30 49.58 7.29
C ASP A 121 9.30 50.13 8.30
N LEU A 122 8.79 50.45 9.49
CA LEU A 122 9.60 50.99 10.54
C LEU A 122 10.50 49.98 11.25
N ARG A 123 9.93 48.83 11.59
CA ARG A 123 10.67 47.81 12.32
C ARG A 123 11.04 46.55 11.53
N GLY A 124 10.74 46.54 10.24
CA GLY A 124 11.05 45.39 9.43
C GLY A 124 11.80 45.71 8.16
N SER A 125 11.82 44.75 7.23
CA SER A 125 12.52 44.91 5.96
C SER A 125 11.69 45.61 4.90
N GLY A 126 10.37 45.56 5.06
CA GLY A 126 9.48 46.15 4.09
C GLY A 126 9.02 45.04 3.17
N LEU A 127 9.51 43.83 3.43
CA LEU A 127 9.17 42.67 2.62
C LEU A 127 8.23 41.69 3.34
N THR A 128 7.29 41.10 2.60
CA THR A 128 6.35 40.16 3.18
C THR A 128 6.03 39.00 2.24
N ASN A 129 5.22 38.09 2.76
CA ASN A 129 4.72 36.93 2.03
C ASN A 129 3.24 37.10 2.28
N MET A 130 2.45 37.43 1.27
CA MET A 130 1.06 37.55 1.61
C MET A 130 0.46 36.19 1.66
N HIS A 131 0.63 35.69 2.88
CA HIS A 131 0.16 34.43 3.38
C HIS A 131 1.00 33.22 3.04
N GLY A 132 1.62 32.71 4.11
CA GLY A 132 2.42 31.52 3.99
C GLY A 132 1.38 30.49 3.63
N SER A 133 1.82 29.28 3.32
CA SER A 133 0.91 28.20 2.91
C SER A 133 -0.18 27.89 3.93
N THR A 134 0.12 28.03 5.22
CA THR A 134 -0.83 27.65 6.26
C THR A 134 -1.87 28.75 6.41
N GLY A 135 -1.52 29.97 6.03
CA GLY A 135 -2.47 31.07 6.10
C GLY A 135 -1.99 32.38 6.69
N ASP A 136 -0.98 32.30 7.54
CA ASP A 136 -0.44 33.48 8.21
C ASP A 136 0.03 34.61 7.32
N ILE A 137 -0.09 35.82 7.84
CA ILE A 137 0.44 36.98 7.14
C ILE A 137 1.90 36.80 7.52
N VAL A 138 2.81 36.92 6.55
CA VAL A 138 4.22 36.73 6.85
C VAL A 138 5.02 38.02 6.72
N LEU A 139 5.71 38.40 7.80
CA LEU A 139 6.55 39.59 7.81
C LEU A 139 7.96 39.04 7.68
N LEU A 140 8.50 39.15 6.46
CA LEU A 140 9.81 38.62 6.13
C LEU A 140 11.04 39.47 6.42
N GLY A 141 11.69 39.22 7.56
CA GLY A 141 12.93 39.93 7.85
C GLY A 141 13.04 41.08 8.84
N THR A 142 13.56 40.78 10.03
CA THR A 142 13.81 41.79 11.05
C THR A 142 14.86 41.28 12.03
N GLN A 143 15.27 42.13 12.97
CA GLN A 143 16.28 41.74 13.94
C GLN A 143 15.67 41.37 15.28
N THR A 144 16.44 40.64 16.09
CA THR A 144 15.96 40.17 17.39
C THR A 144 15.34 41.25 18.28
N PRO A 145 16.03 42.39 18.49
CA PRO A 145 15.50 43.46 19.34
C PRO A 145 14.11 44.00 18.96
N GLN A 146 13.79 43.93 17.68
CA GLN A 146 12.51 44.42 17.20
C GLN A 146 11.32 43.49 17.46
N LEU A 147 11.61 42.23 17.76
CA LEU A 147 10.55 41.24 17.98
C LEU A 147 9.54 41.66 19.04
N GLU A 148 10.00 42.03 20.23
CA GLU A 148 9.07 42.46 21.29
C GLU A 148 8.42 43.81 20.98
N GLU A 149 9.13 44.68 20.27
CA GLU A 149 8.57 45.99 19.92
C GLU A 149 7.41 45.80 18.95
N ILE A 150 7.61 44.90 18.00
CA ILE A 150 6.60 44.59 16.99
C ILE A 150 5.38 43.95 17.67
N PHE A 151 5.64 42.98 18.55
CA PHE A 151 4.57 42.29 19.26
C PHE A 151 3.74 43.27 20.12
N PHE A 152 4.42 44.23 20.75
CA PHE A 152 3.73 45.21 21.56
C PHE A 152 2.76 46.02 20.70
N GLU A 153 3.24 46.49 19.56
CA GLU A 153 2.42 47.29 18.65
C GLU A 153 1.25 46.49 18.09
N MET A 154 1.52 45.27 17.63
CA MET A 154 0.48 44.44 17.04
C MET A 154 -0.67 44.20 18.02
N THR A 155 -0.35 43.86 19.26
CA THR A 155 -1.38 43.60 20.27
C THR A 155 -2.02 44.84 20.90
N HIS A 156 -1.23 45.87 21.17
CA HIS A 156 -1.75 47.09 21.78
C HIS A 156 -2.35 48.09 20.80
N ASN A 157 -1.77 48.20 19.60
CA ASN A 157 -2.26 49.15 18.62
C ASN A 157 -3.15 48.55 17.54
N LEU A 158 -2.79 47.37 17.05
CA LEU A 158 -3.57 46.72 15.99
C LEU A 158 -4.44 45.55 16.44
N ASN A 159 -4.45 45.27 17.73
CA ASN A 159 -5.27 44.18 18.28
C ASN A 159 -5.11 42.90 17.44
N THR A 160 -3.87 42.57 17.09
CA THR A 160 -3.60 41.38 16.29
C THR A 160 -2.52 40.52 16.95
N ASP A 161 -2.72 39.20 16.95
CA ASP A 161 -1.78 38.26 17.55
C ASP A 161 -0.83 37.62 16.53
N LEU A 162 0.09 36.81 17.04
CA LEU A 162 1.04 36.09 16.17
C LEU A 162 0.38 34.79 15.76
N GLY A 163 0.92 34.18 14.71
CA GLY A 163 0.41 32.90 14.23
C GLY A 163 1.16 31.82 14.99
N GLY A 164 1.02 30.56 14.58
CA GLY A 164 1.72 29.52 15.29
C GLY A 164 2.90 28.87 14.58
N SER A 165 3.82 28.33 15.37
CA SER A 165 5.04 27.74 14.86
C SER A 165 5.61 26.79 15.91
N GLY A 166 6.03 25.60 15.47
CA GLY A 166 6.58 24.62 16.38
C GLY A 166 5.70 23.39 16.62
N SER A 167 5.81 22.80 17.78
CA SER A 167 5.03 21.53 18.03
C SER A 167 3.77 21.88 18.77
N ASN A 168 2.90 22.59 18.07
CA ASN A 168 1.55 22.86 18.54
C ASN A 168 0.53 22.94 17.41
N LEU A 169 -0.61 23.56 17.74
CA LEU A 169 -1.70 23.75 16.80
C LEU A 169 -1.44 25.02 16.01
N ARG A 170 -1.22 24.84 14.71
CA ARG A 170 -0.80 25.94 13.85
C ARG A 170 -1.99 26.85 13.53
N THR A 171 -1.73 27.90 12.76
CA THR A 171 -2.80 28.81 12.39
C THR A 171 -3.82 28.11 11.51
N PRO A 172 -5.09 28.12 11.91
CA PRO A 172 -6.13 27.46 11.10
C PRO A 172 -6.56 28.39 9.94
N GLU A 173 -7.17 27.81 8.91
CA GLU A 173 -7.65 28.58 7.78
C GLU A 173 -8.81 27.87 7.11
N SER A 174 -9.67 28.63 6.44
CA SER A 174 -10.83 28.07 5.78
C SER A 174 -11.02 28.66 4.39
N CYS A 175 -11.92 28.07 3.62
CA CYS A 175 -12.25 28.58 2.30
C CYS A 175 -13.14 29.78 2.64
N LEU A 176 -13.51 30.59 1.65
CA LEU A 176 -14.37 31.73 1.94
C LEU A 176 -15.78 31.33 2.39
N GLY A 177 -16.12 30.06 2.23
CA GLY A 177 -17.42 29.57 2.66
C GLY A 177 -18.67 30.32 2.20
N ILE A 178 -19.58 30.56 3.16
CA ILE A 178 -20.83 31.23 2.86
C ILE A 178 -20.68 32.72 2.49
N SER A 179 -19.48 33.27 2.68
CA SER A 179 -19.28 34.69 2.36
C SER A 179 -19.52 34.99 0.88
N ARG A 180 -19.17 34.05 -0.01
CA ARG A 180 -19.37 34.29 -1.44
C ARG A 180 -19.35 33.00 -2.28
N CYS A 181 -20.13 32.01 -1.85
CA CYS A 181 -20.22 30.73 -2.57
C CYS A 181 -21.56 30.08 -2.26
N GLU A 182 -22.24 29.59 -3.29
CA GLU A 182 -23.55 28.97 -3.07
C GLU A 182 -23.44 27.48 -2.74
N PHE A 183 -22.20 26.98 -2.67
CA PHE A 183 -21.95 25.57 -2.38
C PHE A 183 -21.62 25.30 -0.91
N ALA A 184 -21.32 26.34 -0.14
CA ALA A 184 -20.94 26.20 1.26
C ALA A 184 -22.01 25.53 2.13
N CYS A 185 -21.66 24.43 2.77
CA CYS A 185 -22.59 23.70 3.62
C CYS A 185 -22.62 24.16 5.08
N TYR A 186 -21.67 25.00 5.47
CA TYR A 186 -21.63 25.56 6.82
C TYR A 186 -20.72 26.79 6.82
N ASP A 187 -20.78 27.57 7.90
CA ASP A 187 -19.98 28.79 7.99
C ASP A 187 -18.54 28.42 8.35
N THR A 188 -17.74 28.14 7.33
CA THR A 188 -16.35 27.74 7.51
C THR A 188 -15.51 28.77 8.25
N GLN A 189 -15.64 30.04 7.87
CA GLN A 189 -14.89 31.12 8.49
C GLN A 189 -15.19 31.25 9.99
N LEU A 190 -16.45 31.09 10.37
CA LEU A 190 -16.85 31.20 11.78
C LEU A 190 -16.24 30.07 12.60
N MET A 191 -16.35 28.84 12.10
CA MET A 191 -15.77 27.72 12.82
C MET A 191 -14.28 27.99 13.01
N CYS A 192 -13.64 28.38 11.92
CA CYS A 192 -12.21 28.68 11.91
C CYS A 192 -11.86 29.76 12.94
N TYR A 193 -12.59 30.87 12.90
CA TYR A 193 -12.34 31.96 13.84
C TYR A 193 -12.55 31.50 15.29
N GLN A 194 -13.71 30.92 15.55
CA GLN A 194 -14.03 30.49 16.90
C GLN A 194 -13.04 29.46 17.43
N LEU A 195 -12.70 28.48 16.61
CA LEU A 195 -11.78 27.46 17.06
C LEU A 195 -10.37 28.02 17.27
N THR A 196 -10.00 29.03 16.49
CA THR A 196 -8.69 29.65 16.63
C THR A 196 -8.64 30.37 17.98
N GLN A 197 -9.72 31.06 18.30
CA GLN A 197 -9.79 31.78 19.57
C GLN A 197 -9.85 30.79 20.73
N ASP A 198 -10.64 29.72 20.57
CA ASP A 198 -10.80 28.71 21.61
C ASP A 198 -9.52 27.99 22.03
N TYR A 199 -8.66 27.69 21.07
CA TYR A 199 -7.44 26.97 21.38
C TYR A 199 -6.17 27.82 21.31
N GLN A 200 -6.31 29.10 21.67
CA GLN A 200 -5.19 30.03 21.66
C GLN A 200 -3.99 29.51 22.43
N ASP A 201 -4.26 28.92 23.61
CA ASP A 201 -3.17 28.41 24.43
C ASP A 201 -2.43 27.24 23.78
N GLU A 202 -3.13 26.42 23.00
CA GLU A 202 -2.49 25.28 22.32
C GLU A 202 -1.73 25.77 21.10
N LEU A 203 -2.08 26.96 20.62
CA LEU A 203 -1.45 27.53 19.44
C LEU A 203 -0.20 28.33 19.80
N HIS A 204 -0.19 28.94 20.99
CA HIS A 204 0.95 29.75 21.41
C HIS A 204 1.98 29.06 22.27
N ARG A 205 1.63 27.91 22.85
CA ARG A 205 2.58 27.19 23.70
C ARG A 205 2.66 25.71 23.36
N PRO A 206 3.76 25.31 22.71
CA PRO A 206 3.98 23.91 22.30
C PRO A 206 3.75 22.92 23.43
N ALA A 207 2.76 22.05 23.26
CA ALA A 207 2.44 21.05 24.26
C ALA A 207 2.19 19.70 23.59
N PHE A 208 2.32 19.67 22.28
CA PHE A 208 2.09 18.46 21.50
C PHE A 208 3.36 17.70 21.12
N PRO A 209 3.21 16.42 20.74
CA PRO A 209 4.36 15.58 20.34
C PRO A 209 4.96 16.14 19.06
N TYR A 210 4.17 16.92 18.34
CA TYR A 210 4.59 17.51 17.08
C TYR A 210 3.55 18.56 16.65
N LYS A 211 3.71 19.12 15.46
CA LYS A 211 2.78 20.13 14.95
C LYS A 211 1.41 19.50 14.65
N PHE A 212 0.36 20.31 14.70
CA PHE A 212 -1.00 19.84 14.43
C PHE A 212 -1.75 20.96 13.71
N LYS A 213 -2.51 20.61 12.67
CA LYS A 213 -3.22 21.62 11.89
C LYS A 213 -4.71 21.37 11.65
N PHE A 214 -5.46 22.48 11.61
CA PHE A 214 -6.91 22.54 11.34
C PHE A 214 -7.12 23.28 10.01
N LYS A 215 -8.06 22.82 9.20
CA LYS A 215 -8.42 23.48 7.94
C LYS A 215 -9.89 23.14 7.72
N PHE A 216 -10.66 24.09 7.19
CA PHE A 216 -12.10 23.85 7.00
C PHE A 216 -12.61 24.19 5.60
N ASP A 217 -13.09 23.17 4.89
CA ASP A 217 -13.65 23.35 3.56
C ASP A 217 -15.16 23.36 3.61
N GLY A 218 -15.79 24.21 2.80
CA GLY A 218 -17.23 24.30 2.78
C GLY A 218 -17.95 23.15 2.10
N CYS A 219 -17.25 22.46 1.20
CA CYS A 219 -17.80 21.31 0.50
C CYS A 219 -16.61 20.49 -0.02
N PRO A 220 -16.85 19.29 -0.58
CA PRO A 220 -15.80 18.42 -1.11
C PRO A 220 -14.86 18.99 -2.17
N ASN A 221 -15.18 20.15 -2.74
CA ASN A 221 -14.29 20.72 -3.75
C ASN A 221 -12.92 21.05 -3.15
N GLY A 222 -12.88 21.19 -1.82
CA GLY A 222 -11.64 21.44 -1.11
C GLY A 222 -10.83 22.68 -1.49
N CYS A 223 -11.47 23.84 -1.48
CA CYS A 223 -10.77 25.07 -1.83
C CYS A 223 -9.62 25.50 -0.93
N VAL A 224 -9.56 24.91 0.27
CA VAL A 224 -8.45 25.22 1.16
C VAL A 224 -7.64 23.92 1.30
N ALA A 225 -8.00 22.93 0.49
CA ALA A 225 -7.33 21.63 0.46
C ALA A 225 -7.10 21.04 1.85
N SER A 226 -8.13 21.12 2.68
CA SER A 226 -8.05 20.62 4.05
C SER A 226 -7.65 19.15 4.20
N MET A 227 -8.20 18.27 3.37
CA MET A 227 -7.88 16.85 3.52
C MET A 227 -6.53 16.43 2.91
N ALA A 228 -5.75 17.42 2.51
CA ALA A 228 -4.42 17.17 1.96
C ALA A 228 -3.38 17.93 2.79
N ARG A 229 -3.80 19.02 3.43
CA ARG A 229 -2.87 19.86 4.18
C ARG A 229 -3.18 20.19 5.65
N SER A 230 -3.93 19.35 6.33
CA SER A 230 -4.21 19.57 7.74
C SER A 230 -4.47 18.22 8.40
N ASP A 231 -4.09 18.09 9.67
CA ASP A 231 -4.27 16.85 10.41
C ASP A 231 -5.76 16.57 10.70
N PHE A 232 -6.52 17.64 10.88
CA PHE A 232 -7.94 17.56 11.20
C PHE A 232 -8.67 18.37 10.13
N ALA A 233 -9.34 17.69 9.21
CA ALA A 233 -10.04 18.36 8.15
C ALA A 233 -11.56 18.31 8.29
N VAL A 234 -12.21 19.47 8.21
CA VAL A 234 -13.67 19.50 8.31
C VAL A 234 -14.20 19.89 6.92
N ILE A 235 -14.90 18.96 6.28
CA ILE A 235 -15.43 19.22 4.94
C ILE A 235 -16.94 19.11 4.91
N GLY A 236 -17.59 20.20 4.50
CA GLY A 236 -19.04 20.25 4.46
C GLY A 236 -19.74 19.36 3.45
N THR A 237 -20.99 19.03 3.76
CA THR A 237 -21.83 18.23 2.89
C THR A 237 -23.26 18.28 3.42
N TRP A 238 -24.15 17.49 2.82
CA TRP A 238 -25.56 17.45 3.24
C TRP A 238 -26.00 16.00 3.31
N LYS A 239 -27.18 15.75 3.87
CA LYS A 239 -27.65 14.38 3.96
C LYS A 239 -29.03 14.17 3.32
N ASP A 240 -29.69 15.23 2.89
CA ASP A 240 -30.97 15.07 2.23
C ASP A 240 -30.77 15.09 0.72
N ASP A 241 -31.82 15.43 -0.02
CA ASP A 241 -31.74 15.43 -1.48
C ASP A 241 -31.20 16.70 -2.13
N ILE A 242 -30.57 16.52 -3.29
CA ILE A 242 -30.06 17.64 -4.07
C ILE A 242 -31.30 18.31 -4.64
N LYS A 243 -31.26 19.64 -4.74
CA LYS A 243 -32.40 20.38 -5.27
C LYS A 243 -32.29 20.58 -6.79
N ILE A 244 -33.20 20.19 -7.47
CA ILE A 244 -33.16 20.23 -8.93
C ILE A 244 -34.21 21.19 -9.51
N ASP A 245 -33.79 22.15 -10.31
CA ASP A 245 -34.74 23.06 -10.93
C ASP A 245 -35.00 22.64 -12.37
N GLN A 246 -36.03 21.82 -12.60
CA GLN A 246 -36.25 21.33 -13.96
C GLN A 246 -36.22 22.40 -15.04
N GLU A 247 -36.79 23.57 -14.73
CA GLU A 247 -36.81 24.66 -15.70
C GLU A 247 -35.39 25.12 -15.99
N ALA A 248 -34.56 25.15 -14.96
CA ALA A 248 -33.17 25.56 -15.13
C ALA A 248 -32.43 24.49 -15.93
N VAL A 249 -32.78 23.22 -15.68
CA VAL A 249 -32.16 22.14 -16.44
C VAL A 249 -32.42 22.34 -17.94
N LYS A 250 -33.64 22.68 -18.34
CA LYS A 250 -33.96 22.90 -19.75
C LYS A 250 -33.13 24.04 -20.32
N ALA A 251 -32.80 25.01 -19.48
CA ALA A 251 -32.01 26.15 -19.91
C ALA A 251 -30.61 25.70 -20.30
N TYR A 252 -30.06 24.74 -19.57
CA TYR A 252 -28.73 24.25 -19.91
C TYR A 252 -28.81 23.47 -21.22
N VAL A 253 -29.74 22.53 -21.28
CA VAL A 253 -29.92 21.74 -22.49
C VAL A 253 -30.21 22.64 -23.69
N GLY A 254 -30.98 23.70 -23.46
CA GLY A 254 -31.32 24.62 -24.54
C GLY A 254 -30.19 25.57 -24.93
N GLY A 255 -29.20 25.69 -24.07
CA GLY A 255 -28.07 26.55 -24.37
C GLY A 255 -28.12 27.96 -23.79
N GLU A 256 -29.11 28.25 -22.96
CA GLU A 256 -29.19 29.58 -22.38
C GLU A 256 -28.09 29.72 -21.34
N PHE A 257 -28.01 28.73 -20.44
CA PHE A 257 -27.01 28.74 -19.39
C PHE A 257 -25.77 27.97 -19.80
N LYS A 258 -24.60 28.50 -19.45
CA LYS A 258 -23.33 27.87 -19.81
C LYS A 258 -22.90 26.81 -18.79
N PRO A 259 -22.52 25.62 -19.25
CA PRO A 259 -22.09 24.59 -18.32
C PRO A 259 -20.89 25.05 -17.48
N ASN A 260 -20.85 24.59 -16.23
CA ASN A 260 -19.78 24.95 -15.29
C ASN A 260 -19.59 26.47 -15.22
N ALA A 261 -20.71 27.18 -15.34
CA ALA A 261 -20.71 28.64 -15.27
C ALA A 261 -19.73 29.31 -16.23
N GLY A 262 -19.46 28.69 -17.37
CA GLY A 262 -18.55 29.27 -18.35
C GLY A 262 -17.06 29.11 -18.03
N ALA A 263 -16.70 28.04 -17.34
CA ALA A 263 -15.31 27.79 -16.98
C ALA A 263 -14.46 27.28 -18.14
N HIS A 264 -15.09 26.74 -19.17
CA HIS A 264 -14.35 26.24 -20.33
C HIS A 264 -14.65 27.11 -21.56
N ALA A 265 -15.08 28.35 -21.31
CA ALA A 265 -15.43 29.27 -22.39
C ALA A 265 -14.33 29.59 -23.40
N GLY A 266 -13.08 29.53 -22.98
CA GLY A 266 -11.99 29.85 -23.89
C GLY A 266 -11.70 28.81 -24.98
N ARG A 267 -12.51 27.76 -25.04
CA ARG A 267 -12.29 26.71 -26.03
C ARG A 267 -13.62 26.15 -26.50
N ASP A 268 -13.67 25.66 -27.73
CA ASP A 268 -14.90 25.11 -28.26
C ASP A 268 -15.03 23.62 -27.97
N TRP A 269 -15.97 23.26 -27.11
CA TRP A 269 -16.18 21.85 -26.77
C TRP A 269 -17.48 21.32 -27.36
N GLY A 270 -18.12 22.13 -28.20
CA GLY A 270 -19.37 21.73 -28.81
C GLY A 270 -20.53 22.14 -27.94
N LYS A 271 -21.75 21.83 -28.36
CA LYS A 271 -22.93 22.19 -27.57
C LYS A 271 -23.02 21.29 -26.34
N PHE A 272 -23.58 21.85 -25.27
CA PHE A 272 -23.73 21.11 -24.02
C PHE A 272 -24.43 19.78 -24.25
N ASP A 273 -23.88 18.73 -23.67
CA ASP A 273 -24.45 17.39 -23.78
C ASP A 273 -24.66 16.81 -22.40
N ILE A 274 -25.83 17.08 -21.82
CA ILE A 274 -26.12 16.67 -20.45
C ILE A 274 -25.81 15.20 -20.16
N GLU A 275 -26.00 14.33 -21.14
CA GLU A 275 -25.74 12.91 -20.93
C GLU A 275 -24.23 12.64 -20.88
N ALA A 276 -23.49 13.23 -21.81
CA ALA A 276 -22.05 13.04 -21.88
C ALA A 276 -21.29 13.84 -20.82
N GLU A 277 -21.79 15.02 -20.47
CA GLU A 277 -21.10 15.86 -19.50
C GLU A 277 -21.58 15.75 -18.05
N VAL A 278 -22.74 15.14 -17.83
CA VAL A 278 -23.24 15.05 -16.47
C VAL A 278 -23.62 13.63 -16.05
N VAL A 279 -24.77 13.17 -16.55
CA VAL A 279 -25.26 11.84 -16.22
C VAL A 279 -24.23 10.75 -16.41
N GLY A 280 -23.56 10.76 -17.57
CA GLY A 280 -22.55 9.75 -17.85
C GLY A 280 -21.23 9.89 -17.12
N LEU A 281 -21.02 11.00 -16.41
CA LEU A 281 -19.76 11.20 -15.66
C LEU A 281 -19.99 10.99 -14.17
N CYS A 282 -21.25 10.91 -13.77
CA CYS A 282 -21.58 10.71 -12.36
C CYS A 282 -20.92 9.42 -11.88
N PRO A 283 -20.07 9.53 -10.84
CA PRO A 283 -19.33 8.41 -10.24
C PRO A 283 -20.15 7.15 -10.00
N THR A 284 -21.33 7.33 -9.43
CA THR A 284 -22.22 6.22 -9.11
C THR A 284 -23.25 5.88 -10.18
N GLY A 285 -23.39 6.74 -11.17
CA GLY A 285 -24.38 6.48 -12.22
C GLY A 285 -25.77 6.50 -11.61
N CYS A 286 -25.97 7.37 -10.62
CA CYS A 286 -27.25 7.46 -9.93
C CYS A 286 -28.19 8.49 -10.54
N MET A 287 -27.75 9.12 -11.63
CA MET A 287 -28.55 10.14 -12.29
C MET A 287 -29.32 9.56 -13.47
N THR A 288 -30.41 10.22 -13.83
CA THR A 288 -31.24 9.80 -14.95
C THR A 288 -31.81 11.01 -15.68
N TYR A 289 -31.82 10.96 -16.99
CA TYR A 289 -32.37 12.03 -17.79
C TYR A 289 -33.25 11.39 -18.84
N GLU A 290 -34.55 11.38 -18.57
CA GLU A 290 -35.53 10.79 -19.48
C GLU A 290 -36.64 11.78 -19.79
N SER A 291 -37.10 11.75 -21.03
CA SER A 291 -38.17 12.63 -21.48
C SER A 291 -38.04 14.04 -20.92
N GLY A 292 -36.88 14.65 -21.13
CA GLY A 292 -36.63 16.00 -20.66
C GLY A 292 -36.65 16.25 -19.17
N THR A 293 -36.54 15.19 -18.38
CA THR A 293 -36.55 15.32 -16.92
C THR A 293 -35.29 14.68 -16.31
N LEU A 294 -34.62 15.44 -15.44
CA LEU A 294 -33.41 14.96 -14.77
C LEU A 294 -33.78 14.44 -13.39
N SER A 295 -33.30 13.23 -13.09
CA SER A 295 -33.62 12.57 -11.83
C SER A 295 -32.34 12.08 -11.16
N ILE A 296 -32.36 12.07 -9.84
CA ILE A 296 -31.22 11.65 -9.04
C ILE A 296 -31.61 10.68 -7.92
N ASP A 297 -31.01 9.61 -7.89
CA ASP A 297 -31.27 8.61 -6.87
C ASP A 297 -30.30 8.93 -5.72
N ASN A 298 -30.62 10.00 -4.99
CA ASN A 298 -29.80 10.49 -3.88
C ASN A 298 -29.27 9.43 -2.92
N LYS A 299 -29.99 8.32 -2.81
CA LYS A 299 -29.58 7.23 -1.93
C LYS A 299 -28.20 6.71 -2.35
N ASN A 300 -27.93 6.79 -3.65
CA ASN A 300 -26.66 6.33 -4.21
C ASN A 300 -25.75 7.45 -4.67
N CYS A 301 -26.04 8.65 -4.19
CA CYS A 301 -25.25 9.83 -4.50
C CYS A 301 -24.17 9.98 -3.43
N THR A 302 -22.90 10.06 -3.84
CA THR A 302 -21.78 10.23 -2.89
C THR A 302 -21.49 11.72 -2.76
N ARG A 303 -22.35 12.54 -3.36
CA ARG A 303 -22.25 14.00 -3.30
C ARG A 303 -20.85 14.50 -3.66
N CYS A 304 -20.30 13.96 -4.74
CA CYS A 304 -18.96 14.35 -5.19
C CYS A 304 -18.88 15.77 -5.73
N MET A 305 -20.03 16.40 -5.92
CA MET A 305 -20.15 17.78 -6.41
C MET A 305 -20.14 18.00 -7.91
N HIS A 306 -19.80 16.98 -8.69
CA HIS A 306 -19.71 17.17 -10.14
C HIS A 306 -20.93 17.73 -10.86
N CYS A 307 -22.10 17.16 -10.64
CA CYS A 307 -23.29 17.65 -11.32
C CYS A 307 -23.61 19.07 -10.86
N ILE A 308 -23.47 19.30 -9.55
CA ILE A 308 -23.74 20.65 -9.05
C ILE A 308 -22.74 21.62 -9.66
N ASN A 309 -21.45 21.30 -9.67
CA ASN A 309 -20.41 22.14 -10.25
C ASN A 309 -20.71 22.50 -11.71
N THR A 310 -21.29 21.55 -12.43
CA THR A 310 -21.58 21.75 -13.85
C THR A 310 -22.86 22.53 -14.16
N MET A 311 -23.88 22.39 -13.32
CA MET A 311 -25.14 23.09 -13.53
C MET A 311 -25.53 23.80 -12.23
N PRO A 312 -24.71 24.77 -11.81
CA PRO A 312 -24.87 25.58 -10.59
C PRO A 312 -26.23 26.25 -10.47
N ARG A 313 -26.81 26.62 -11.60
CA ARG A 313 -28.09 27.33 -11.61
C ARG A 313 -29.29 26.37 -11.58
N ALA A 314 -29.03 25.10 -11.85
CA ALA A 314 -30.11 24.11 -11.87
C ALA A 314 -30.07 23.11 -10.71
N LEU A 315 -28.87 22.86 -10.18
CA LEU A 315 -28.72 21.88 -9.10
C LEU A 315 -28.13 22.53 -7.84
N LYS A 316 -28.80 22.38 -6.70
CA LYS A 316 -28.34 23.00 -5.45
C LYS A 316 -27.96 21.96 -4.40
N ILE A 317 -27.30 22.32 -3.40
CA ILE A 317 -26.97 21.42 -2.31
C ILE A 317 -28.23 21.25 -1.45
N GLY A 318 -28.16 20.10 -0.62
CA GLY A 318 -29.31 19.86 0.25
C GLY A 318 -29.48 20.89 1.34
N ASP A 319 -30.58 20.77 2.09
CA ASP A 319 -30.86 21.71 3.17
C ASP A 319 -30.44 21.16 4.53
N GLU A 320 -30.29 19.84 4.65
CA GLU A 320 -29.88 19.21 5.91
C GLU A 320 -28.37 19.09 5.82
N ARG A 321 -27.70 20.16 6.24
CA ARG A 321 -26.25 20.26 6.15
C ARG A 321 -25.44 19.90 7.39
N GLY A 322 -24.15 19.66 7.15
CA GLY A 322 -23.23 19.30 8.20
C GLY A 322 -21.83 19.19 7.62
N ALA A 323 -20.99 18.35 8.22
CA ALA A 323 -19.63 18.16 7.71
C ALA A 323 -19.09 16.78 8.00
N SER A 324 -18.07 16.40 7.24
CA SER A 324 -17.37 15.14 7.40
C SER A 324 -16.05 15.52 8.03
N ILE A 325 -15.53 14.64 8.89
CA ILE A 325 -14.24 14.89 9.51
C ILE A 325 -13.25 13.84 8.99
N LEU A 326 -12.15 14.31 8.40
CA LEU A 326 -11.12 13.43 7.88
C LEU A 326 -9.81 13.80 8.60
N VAL A 327 -9.04 12.79 9.01
CA VAL A 327 -7.82 13.05 9.77
C VAL A 327 -6.56 12.32 9.33
N GLY A 328 -5.41 12.88 9.68
CA GLY A 328 -4.15 12.25 9.35
C GLY A 328 -3.31 12.78 8.20
N ALA A 329 -3.88 13.66 7.37
CA ALA A 329 -3.12 14.19 6.24
C ALA A 329 -1.78 14.76 6.69
N LYS A 330 -0.76 14.55 5.86
CA LYS A 330 0.59 15.04 6.13
C LYS A 330 1.51 14.88 4.93
N ALA A 331 2.57 15.68 4.88
CA ALA A 331 3.55 15.60 3.80
C ALA A 331 4.35 14.32 4.08
N PRO A 332 5.15 13.84 3.10
CA PRO A 332 5.92 12.60 3.25
C PRO A 332 6.73 12.24 4.58
N VAL A 333 7.67 13.07 5.02
CA VAL A 333 8.50 12.70 6.16
C VAL A 333 7.65 12.35 7.39
N LEU A 334 7.95 11.24 8.07
CA LEU A 334 9.01 10.29 7.74
C LEU A 334 8.52 9.14 6.78
N ASP A 335 7.43 8.53 7.21
CA ASP A 335 6.96 7.27 6.63
C ASP A 335 6.20 7.41 5.32
N GLY A 336 5.90 8.64 4.91
CA GLY A 336 5.14 8.78 3.67
C GLY A 336 3.93 9.70 3.76
N ALA A 337 3.62 10.32 2.64
CA ALA A 337 2.50 11.25 2.54
C ALA A 337 1.17 10.59 2.87
N GLN A 338 0.34 11.41 3.48
CA GLN A 338 -0.94 10.93 3.76
C GLN A 338 -1.98 12.02 3.45
N MET A 339 -3.07 11.62 2.93
CA MET A 339 -4.35 12.33 2.76
C MET A 339 -5.35 12.01 4.01
N GLY A 340 -6.32 12.89 4.30
CA GLY A 340 -7.28 12.74 5.39
C GLY A 340 -8.00 11.40 5.23
N SER A 341 -8.13 10.62 6.31
CA SER A 341 -8.90 9.39 6.28
C SER A 341 -10.24 9.67 6.96
N LEU A 342 -11.33 9.29 6.32
CA LEU A 342 -12.67 9.53 6.85
C LEU A 342 -12.86 8.94 8.24
N LEU A 343 -13.21 9.80 9.21
CA LEU A 343 -13.43 9.39 10.60
C LEU A 343 -14.90 9.55 11.01
N ILE A 344 -15.54 10.68 10.83
CA ILE A 344 -16.95 10.98 11.11
C ILE A 344 -17.60 11.36 9.79
N PRO A 345 -18.37 10.50 9.09
CA PRO A 345 -19.08 10.77 7.83
C PRO A 345 -19.96 12.01 7.84
N PHE A 346 -20.73 12.19 8.91
CA PHE A 346 -21.61 13.34 9.02
C PHE A 346 -21.74 13.80 10.45
N ILE A 347 -21.40 15.07 10.68
CA ILE A 347 -21.47 15.64 12.02
C ILE A 347 -22.04 17.04 11.92
N ALA A 348 -22.76 17.49 12.94
CA ALA A 348 -23.34 18.83 12.95
C ALA A 348 -22.22 19.85 12.93
N ALA A 349 -22.43 20.94 12.21
CA ALA A 349 -21.41 21.98 12.09
C ALA A 349 -21.97 23.38 12.33
N GLU A 350 -22.79 23.53 13.36
CA GLU A 350 -23.37 24.83 13.70
C GLU A 350 -22.74 25.44 14.95
N GLU A 351 -22.67 26.75 14.93
CA GLU A 351 -22.08 27.49 16.05
C GLU A 351 -22.69 27.01 17.36
N PRO A 352 -21.96 26.83 18.48
CA PRO A 352 -20.51 26.97 18.65
C PRO A 352 -19.68 25.72 18.34
N PHE A 353 -20.20 24.88 17.46
CA PHE A 353 -19.49 23.67 17.01
C PHE A 353 -18.96 22.72 18.08
N ASP A 354 -19.60 22.55 19.12
CA ASP A 354 -19.23 21.63 20.20
C ASP A 354 -18.93 20.20 19.74
N GLU A 355 -19.79 19.60 18.92
CA GLU A 355 -19.59 18.24 18.48
C GLU A 355 -18.14 18.09 17.79
N VAL A 356 -17.82 19.06 16.97
CA VAL A 356 -16.53 19.06 16.30
C VAL A 356 -15.41 19.18 17.33
N LYS A 357 -15.57 20.13 18.26
CA LYS A 357 -14.58 20.33 19.31
C LYS A 357 -14.37 19.10 20.19
N GLU A 358 -15.44 18.33 20.39
CA GLU A 358 -15.36 17.11 21.19
C GLU A 358 -14.41 16.10 20.55
N VAL A 359 -14.51 15.95 19.24
CA VAL A 359 -13.66 15.03 18.50
C VAL A 359 -12.22 15.53 18.61
N ILE A 360 -12.03 16.83 18.39
CA ILE A 360 -10.69 17.40 18.49
C ILE A 360 -10.02 17.07 19.83
N GLU A 361 -10.64 17.48 20.93
CA GLU A 361 -10.07 17.24 22.25
C GLU A 361 -9.87 15.76 22.57
N ASN A 362 -10.75 14.89 22.08
CA ASN A 362 -10.60 13.45 22.33
C ASN A 362 -9.34 12.93 21.60
N ILE A 363 -9.13 13.43 20.38
CA ILE A 363 -7.96 13.01 19.62
C ILE A 363 -6.68 13.51 20.29
N TRP A 364 -6.71 14.74 20.80
CA TRP A 364 -5.54 15.29 21.46
C TRP A 364 -5.19 14.53 22.73
N GLU A 365 -6.19 14.26 23.57
CA GLU A 365 -5.97 13.52 24.81
C GLU A 365 -5.20 12.23 24.50
N TRP A 366 -5.59 11.56 23.42
CA TRP A 366 -4.94 10.31 23.01
C TRP A 366 -3.53 10.54 22.47
N TRP A 367 -3.46 11.30 21.38
CA TRP A 367 -2.20 11.58 20.71
C TRP A 367 -1.14 12.25 21.60
N MET A 368 -1.58 13.13 22.51
CA MET A 368 -0.65 13.80 23.40
C MET A 368 0.09 12.82 24.31
N GLU A 369 -0.57 11.70 24.58
CA GLU A 369 -0.01 10.67 25.44
C GLU A 369 0.64 9.51 24.67
N GLU A 370 0.04 9.13 23.55
CA GLU A 370 0.54 8.01 22.75
C GLU A 370 1.54 8.37 21.63
N GLY A 371 1.43 9.57 21.07
CA GLY A 371 2.34 9.95 20.01
C GLY A 371 3.79 9.98 20.43
N LYS A 372 4.66 9.45 19.59
CA LYS A 372 6.10 9.46 19.88
C LYS A 372 6.60 10.86 19.61
N ASN A 373 7.83 11.13 20.01
CA ASN A 373 8.41 12.45 19.77
C ASN A 373 8.46 12.74 18.28
N ARG A 374 7.88 13.88 17.88
CA ARG A 374 7.89 14.29 16.48
C ARG A 374 7.13 13.33 15.55
N GLU A 375 6.05 12.73 16.06
CA GLU A 375 5.24 11.83 15.25
C GLU A 375 3.86 12.46 15.01
N ARG A 376 3.54 12.70 13.74
CA ARG A 376 2.25 13.28 13.36
C ARG A 376 1.08 12.33 13.61
N LEU A 377 -0.10 12.90 13.89
CA LEU A 377 -1.29 12.10 14.13
C LEU A 377 -1.42 10.97 13.11
N GLY A 378 -1.28 11.33 11.83
CA GLY A 378 -1.38 10.35 10.76
C GLY A 378 -0.51 9.12 10.96
N GLU A 379 0.69 9.29 11.39
CA GLU A 379 1.69 8.30 11.71
C GLU A 379 1.35 7.52 12.98
N THR A 380 0.74 8.17 13.93
CA THR A 380 0.37 7.50 15.17
C THR A 380 -0.74 6.52 14.80
N MET A 381 -1.64 6.96 13.93
CA MET A 381 -2.74 6.12 13.47
C MET A 381 -2.18 4.86 12.78
N LYS A 382 -1.19 5.05 11.91
CA LYS A 382 -0.59 3.93 11.22
C LYS A 382 0.06 2.97 12.23
N ARG A 383 0.77 3.52 13.20
CA ARG A 383 1.45 2.70 14.20
C ARG A 383 0.52 2.00 15.18
N VAL A 384 -0.39 2.77 15.78
CA VAL A 384 -1.31 2.22 16.76
C VAL A 384 -2.56 1.58 16.19
N GLY A 385 -2.97 2.01 15.00
CA GLY A 385 -4.15 1.43 14.38
C GLY A 385 -5.37 2.32 14.35
N PHE A 386 -6.11 2.25 13.25
CA PHE A 386 -7.32 3.05 13.07
C PHE A 386 -8.34 2.74 14.17
N GLN A 387 -8.42 1.47 14.56
CA GLN A 387 -9.36 1.01 15.58
C GLN A 387 -9.20 1.76 16.90
N LYS A 388 -7.97 1.96 17.28
CA LYS A 388 -7.65 2.75 18.45
C LYS A 388 -8.22 4.15 18.41
N LEU A 389 -8.09 4.76 17.22
CA LEU A 389 -8.60 6.12 16.94
C LEU A 389 -10.09 6.10 17.17
N LEU A 390 -10.74 5.05 16.69
CA LEU A 390 -12.18 4.91 16.83
C LEU A 390 -12.59 4.80 18.30
N GLU A 391 -11.83 4.06 19.09
CA GLU A 391 -12.16 3.89 20.51
C GLU A 391 -12.09 5.20 21.30
N VAL A 392 -10.98 5.90 21.18
CA VAL A 392 -10.76 7.15 21.90
C VAL A 392 -11.71 8.28 21.51
N THR A 393 -12.31 8.18 20.33
CA THR A 393 -13.25 9.20 19.88
C THR A 393 -14.68 8.71 20.07
N GLY A 394 -14.83 7.50 20.61
CA GLY A 394 -16.15 6.94 20.83
C GLY A 394 -16.92 6.77 19.54
N THR A 395 -16.20 6.51 18.45
CA THR A 395 -16.79 6.33 17.13
C THR A 395 -17.00 4.87 16.73
N LYS A 396 -18.24 4.53 16.40
CA LYS A 396 -18.61 3.18 15.99
C LYS A 396 -18.05 2.89 14.60
N ALA A 397 -17.45 1.71 14.41
CA ALA A 397 -16.91 1.35 13.12
C ALA A 397 -18.03 1.10 12.10
N VAL A 398 -17.89 1.68 10.91
CA VAL A 398 -18.88 1.51 9.86
C VAL A 398 -18.18 1.24 8.54
N PRO A 399 -18.86 0.61 7.57
CA PRO A 399 -18.24 0.31 6.27
C PRO A 399 -17.63 1.57 5.65
N GLN A 400 -18.20 2.71 5.98
CA GLN A 400 -17.71 3.99 5.46
C GLN A 400 -16.27 4.29 5.87
N HIS A 401 -15.77 3.61 6.90
CA HIS A 401 -14.41 3.85 7.36
C HIS A 401 -13.32 3.24 6.47
N VAL A 402 -13.70 2.45 5.48
CA VAL A 402 -12.68 1.85 4.62
C VAL A 402 -12.96 2.05 3.15
N SER A 403 -11.90 1.96 2.35
CA SER A 403 -12.04 2.05 0.91
C SER A 403 -12.09 0.58 0.54
N GLU A 404 -11.55 -0.24 1.45
CA GLU A 404 -11.54 -1.68 1.25
C GLU A 404 -11.16 -2.45 2.50
N PRO A 405 -11.88 -3.55 2.80
CA PRO A 405 -11.55 -4.33 3.98
C PRO A 405 -10.18 -4.95 3.73
N ARG A 406 -9.55 -5.25 4.79
CA ARG A 406 -8.31 -5.93 4.86
C ARG A 406 -8.17 -7.23 3.94
N HIS A 407 -7.00 -7.50 3.38
CA HIS A 407 -6.87 -8.75 2.65
C HIS A 407 -5.82 -9.68 3.28
N ASN A 408 -5.56 -9.48 4.58
CA ASN A 408 -4.64 -10.35 5.33
C ASN A 408 -5.45 -10.81 6.54
N PRO A 409 -5.22 -12.05 7.00
CA PRO A 409 -5.97 -12.57 8.15
C PRO A 409 -5.31 -12.40 9.53
N TYR A 410 -4.41 -11.43 9.65
CA TYR A 410 -3.72 -11.18 10.91
C TYR A 410 -4.62 -10.34 11.83
N ILE A 411 -5.78 -10.89 12.17
CA ILE A 411 -6.79 -10.23 13.00
C ILE A 411 -6.65 -10.35 14.52
N PHE A 412 -6.64 -9.21 15.19
CA PHE A 412 -6.54 -9.16 16.65
C PHE A 412 -7.90 -9.17 17.32
N PHE A 413 -8.06 -10.00 18.33
CA PHE A 413 -9.31 -10.09 19.08
C PHE A 413 -9.01 -9.67 20.52
N LYS A 414 -10.00 -9.07 21.18
CA LYS A 414 -9.83 -8.68 22.57
C LYS A 414 -10.12 -9.95 23.35
N GLU A 415 -9.34 -10.22 24.39
CA GLU A 415 -9.55 -11.44 25.16
C GLU A 415 -10.98 -11.63 25.62
N GLU A 416 -11.68 -10.55 25.94
CA GLU A 416 -13.06 -10.64 26.41
C GLU A 416 -14.01 -11.18 25.34
N GLU A 417 -13.61 -11.05 24.07
CA GLU A 417 -14.43 -11.53 22.96
C GLU A 417 -14.33 -13.03 22.78
N VAL A 418 -13.20 -13.59 23.17
CA VAL A 418 -12.96 -15.01 23.01
C VAL A 418 -13.31 -15.83 24.24
N PRO A 419 -14.30 -16.71 24.13
CA PRO A 419 -14.72 -17.55 25.26
C PRO A 419 -13.56 -18.40 25.78
N GLY A 420 -13.34 -18.33 27.08
CA GLY A 420 -12.26 -19.09 27.69
C GLY A 420 -11.00 -18.27 27.87
N GLY A 421 -11.00 -17.06 27.32
CA GLY A 421 -9.84 -16.20 27.45
C GLY A 421 -8.60 -16.78 26.82
N TRP A 422 -7.44 -16.30 27.22
CA TRP A 422 -6.16 -16.78 26.67
C TRP A 422 -5.31 -17.53 27.69
N SER A 423 -5.86 -17.79 28.86
CA SER A 423 -5.12 -18.51 29.88
C SER A 423 -5.35 -20.00 29.70
N ARG A 424 -4.36 -20.69 29.14
CA ARG A 424 -4.47 -22.11 28.90
C ARG A 424 -3.33 -22.91 29.51
N ASP A 425 -3.62 -24.19 29.75
CA ASP A 425 -2.64 -25.10 30.32
C ASP A 425 -2.30 -26.18 29.30
N ILE A 426 -1.07 -26.14 28.80
CA ILE A 426 -0.62 -27.11 27.82
C ILE A 426 -0.82 -28.53 28.36
N SER A 427 -0.81 -28.66 29.68
CA SER A 427 -1.01 -29.95 30.34
C SER A 427 -2.32 -30.61 29.94
N ASP A 428 -3.40 -29.85 29.96
CA ASP A 428 -4.71 -30.37 29.57
C ASP A 428 -4.75 -30.64 28.08
N TYR A 429 -3.97 -29.86 27.33
CA TYR A 429 -3.91 -30.03 25.89
C TYR A 429 -3.31 -31.39 25.56
N ARG A 430 -2.22 -31.75 26.24
CA ARG A 430 -1.56 -33.04 26.00
C ARG A 430 -2.49 -34.19 26.35
N LYS A 431 -3.48 -33.91 27.19
CA LYS A 431 -4.46 -34.92 27.58
C LYS A 431 -5.15 -35.46 26.34
N ARG A 432 -5.34 -34.60 25.34
CA ARG A 432 -6.00 -35.00 24.10
C ARG A 432 -5.02 -35.22 22.94
N HIS A 433 -3.89 -34.53 22.99
CA HIS A 433 -2.88 -34.64 21.93
C HIS A 433 -1.49 -35.02 22.43
N MET A 434 -1.08 -36.23 22.25
CA MET A 434 0.22 -36.74 22.66
C MET A 434 1.32 -36.11 21.87
N ARG A 435 2.43 -35.84 22.50
CA ARG A 435 3.59 -35.22 21.87
C ARG A 435 4.35 -36.23 21.01
N ALA B 1 18.07 57.08 17.80
CA ALA B 1 17.87 56.10 16.70
C ALA B 1 16.75 55.13 17.04
N PHE B 2 16.90 54.42 18.16
CA PHE B 2 15.90 53.46 18.59
C PHE B 2 14.59 54.17 18.94
N ILE B 3 13.47 53.62 18.48
CA ILE B 3 12.19 54.22 18.80
C ILE B 3 11.33 53.17 19.49
N SER B 4 10.98 53.45 20.73
CA SER B 4 10.19 52.53 21.55
C SER B 4 8.71 52.50 21.18
N SER B 5 8.07 51.37 21.42
CA SER B 5 6.65 51.20 21.14
C SER B 5 5.87 51.43 22.42
N GLY B 6 6.56 51.29 23.54
CA GLY B 6 5.93 51.45 24.83
C GLY B 6 6.32 50.23 25.66
N TYR B 7 6.88 49.24 24.99
CA TYR B 7 7.32 48.02 25.65
C TYR B 7 8.41 48.37 26.67
N ASN B 8 8.46 47.62 27.76
CA ASN B 8 9.45 47.86 28.80
C ASN B 8 10.29 46.61 29.03
N PRO B 9 11.48 46.53 28.41
CA PRO B 9 12.34 45.36 28.56
C PRO B 9 12.78 45.11 30.01
N ALA B 10 12.54 46.08 30.89
CA ALA B 10 12.91 45.94 32.30
C ALA B 10 11.79 45.21 33.05
N LYS B 11 10.60 45.23 32.46
CA LYS B 11 9.42 44.58 33.03
C LYS B 11 8.67 43.98 31.86
N PRO B 12 9.30 42.99 31.20
CA PRO B 12 8.77 42.26 30.04
C PRO B 12 7.39 41.65 30.16
N MET B 13 6.97 41.30 31.36
CA MET B 13 5.66 40.69 31.52
C MET B 13 4.56 41.66 31.93
N GLU B 14 4.94 42.91 32.20
CA GLU B 14 3.97 43.93 32.58
C GLU B 14 3.25 44.45 31.34
N ASN B 15 1.92 44.60 31.43
CA ASN B 15 1.12 45.09 30.32
C ASN B 15 1.25 44.24 29.05
N ARG B 16 1.57 42.96 29.20
CA ARG B 16 1.68 42.12 28.02
C ARG B 16 0.32 41.57 27.65
N ILE B 17 -0.11 41.76 26.54
CA ILE B 17 -1.40 41.28 26.04
C ILE B 17 -1.15 39.96 25.29
N THR B 18 -1.83 38.90 25.54
CA THR B 18 -1.66 37.60 24.88
C THR B 18 -2.98 36.89 24.59
N ASP B 19 -2.90 35.91 23.69
CA ASP B 19 -4.04 35.11 23.29
C ASP B 19 -5.26 35.87 22.79
N ILE B 20 -5.06 36.85 21.91
CA ILE B 20 -6.18 37.60 21.38
C ILE B 20 -6.53 37.12 19.97
N GLY B 21 -5.65 36.29 19.42
CA GLY B 21 -5.87 35.74 18.09
C GLY B 21 -5.96 36.80 16.99
N PRO B 22 -6.47 36.40 15.81
CA PRO B 22 -6.61 37.32 14.67
C PRO B 22 -7.86 38.17 14.82
N ARG B 23 -7.95 39.21 13.99
CA ARG B 23 -9.13 40.07 13.98
C ARG B 23 -10.21 39.20 13.34
N LYS B 24 -11.48 39.47 13.63
CA LYS B 24 -12.55 38.66 13.06
C LYS B 24 -12.85 39.10 11.63
N PHE B 25 -12.97 38.12 10.73
CA PHE B 25 -13.24 38.37 9.33
C PHE B 25 -14.39 39.34 9.03
N THR B 26 -15.46 39.26 9.82
CA THR B 26 -16.62 40.12 9.60
C THR B 26 -16.32 41.62 9.65
N GLU B 27 -15.23 42.00 10.30
CA GLU B 27 -14.84 43.40 10.43
C GLU B 27 -14.29 43.99 9.13
N PHE B 28 -14.01 43.11 8.17
CA PHE B 28 -13.47 43.54 6.87
C PHE B 28 -14.36 43.23 5.67
N PHE B 29 -15.55 42.70 5.95
CA PHE B 29 -16.48 42.35 4.89
C PHE B 29 -17.05 43.52 4.09
N PRO B 30 -17.10 43.38 2.77
CA PRO B 30 -17.68 44.51 2.04
C PRO B 30 -19.19 44.39 2.34
N PRO B 31 -19.90 45.52 2.38
CA PRO B 31 -21.34 45.53 2.66
C PRO B 31 -22.18 44.45 1.97
N VAL B 32 -22.03 44.33 0.65
CA VAL B 32 -22.79 43.36 -0.11
C VAL B 32 -22.55 41.92 0.34
N ILE B 33 -21.35 41.65 0.83
CA ILE B 33 -20.99 40.31 1.29
C ILE B 33 -21.58 40.05 2.68
N ALA B 34 -21.41 41.02 3.58
CA ALA B 34 -21.93 40.88 4.93
C ALA B 34 -23.44 40.69 4.90
N LYS B 35 -24.11 41.41 4.00
CA LYS B 35 -25.56 41.33 3.88
C LYS B 35 -26.09 40.02 3.28
N ASN B 36 -25.40 39.46 2.29
CA ASN B 36 -25.90 38.24 1.68
C ASN B 36 -25.14 36.95 1.96
N ALA B 37 -24.28 36.98 2.97
CA ALA B 37 -23.49 35.80 3.35
C ALA B 37 -24.41 34.62 3.63
N GLY B 38 -24.22 33.53 2.90
CA GLY B 38 -25.03 32.36 3.13
C GLY B 38 -26.35 32.41 2.39
N ASN B 39 -26.58 33.48 1.62
CA ASN B 39 -27.82 33.61 0.85
C ASN B 39 -27.55 33.70 -0.64
N TRP B 40 -26.47 33.06 -1.09
CA TRP B 40 -26.12 33.08 -2.51
C TRP B 40 -26.98 32.13 -3.33
N ASP B 41 -27.29 32.56 -4.55
CA ASP B 41 -28.14 31.77 -5.44
C ASP B 41 -27.28 30.98 -6.43
N TYR B 42 -26.53 31.71 -7.23
CA TYR B 42 -25.66 31.08 -8.22
C TYR B 42 -24.53 32.04 -8.57
N HIS B 43 -23.62 31.58 -9.42
CA HIS B 43 -22.49 32.38 -9.82
C HIS B 43 -22.21 32.04 -11.27
N GLU B 44 -21.41 32.89 -11.92
CA GLU B 44 -21.01 32.62 -13.29
C GLU B 44 -19.71 33.35 -13.58
N ILE B 45 -18.92 32.74 -14.45
CA ILE B 45 -17.65 33.32 -14.83
C ILE B 45 -17.91 34.16 -16.08
N LEU B 46 -17.85 35.47 -15.91
CA LEU B 46 -18.09 36.40 -17.01
C LEU B 46 -16.97 36.37 -18.03
N GLU B 47 -15.75 36.55 -17.56
CA GLU B 47 -14.57 36.54 -18.41
C GLU B 47 -13.42 35.93 -17.64
N PRO B 48 -12.28 35.66 -18.31
CA PRO B 48 -11.15 35.09 -17.59
C PRO B 48 -10.70 36.03 -16.47
N GLY B 49 -10.84 35.59 -15.23
CA GLY B 49 -10.43 36.42 -14.11
C GLY B 49 -11.54 37.26 -13.51
N ILE B 50 -12.76 37.10 -14.02
CA ILE B 50 -13.89 37.88 -13.52
C ILE B 50 -15.12 37.02 -13.22
N LEU B 51 -15.69 37.22 -12.05
CA LEU B 51 -16.86 36.46 -11.61
C LEU B 51 -17.96 37.34 -11.05
N VAL B 52 -19.16 36.77 -10.96
CA VAL B 52 -20.29 37.48 -10.39
C VAL B 52 -21.10 36.47 -9.60
N HIS B 53 -21.51 36.87 -8.41
CA HIS B 53 -22.32 36.01 -7.57
C HIS B 53 -23.66 36.71 -7.41
N VAL B 54 -24.75 35.94 -7.48
CA VAL B 54 -26.07 36.51 -7.36
C VAL B 54 -26.83 35.93 -6.16
N ALA B 55 -27.19 36.80 -5.22
CA ALA B 55 -27.91 36.39 -4.03
C ALA B 55 -29.35 36.02 -4.39
N LYS B 56 -30.04 35.37 -3.45
CA LYS B 56 -31.42 34.97 -3.68
C LYS B 56 -32.35 36.18 -3.69
N ASN B 57 -31.88 37.29 -3.14
CA ASN B 57 -32.67 38.52 -3.11
C ASN B 57 -32.43 39.37 -4.35
N GLY B 58 -31.39 39.01 -5.11
CA GLY B 58 -31.08 39.75 -6.32
C GLY B 58 -29.76 40.50 -6.31
N ASP B 59 -29.27 40.85 -5.13
CA ASP B 59 -28.00 41.56 -5.03
C ASP B 59 -26.91 40.84 -5.82
N LYS B 60 -25.93 41.60 -6.29
CA LYS B 60 -24.84 41.03 -7.06
C LYS B 60 -23.49 41.56 -6.62
N VAL B 61 -22.49 40.69 -6.60
CA VAL B 61 -21.15 41.10 -6.24
C VAL B 61 -20.22 40.59 -7.34
N PHE B 62 -19.46 41.49 -7.93
CA PHE B 62 -18.53 41.13 -8.99
C PHE B 62 -17.15 40.99 -8.40
N THR B 63 -16.38 40.03 -8.92
CA THR B 63 -15.03 39.79 -8.43
C THR B 63 -14.01 39.78 -9.55
N VAL B 64 -12.89 40.46 -9.31
CA VAL B 64 -11.80 40.50 -10.28
C VAL B 64 -10.61 39.84 -9.58
N ARG B 65 -10.12 38.74 -10.14
CA ARG B 65 -8.99 38.05 -9.55
C ARG B 65 -7.71 38.42 -10.28
N CYS B 66 -6.69 38.77 -9.51
CA CYS B 66 -5.41 39.19 -10.06
C CYS B 66 -4.25 38.32 -9.60
N GLY B 67 -3.29 38.12 -10.49
CA GLY B 67 -2.12 37.34 -10.15
C GLY B 67 -1.21 38.16 -9.26
N ALA B 68 -0.43 37.48 -8.41
CA ALA B 68 0.50 38.16 -7.51
C ALA B 68 1.70 37.25 -7.23
N ALA B 69 2.85 37.87 -6.95
CA ALA B 69 4.09 37.15 -6.69
C ALA B 69 4.20 36.49 -5.32
N ARG B 70 3.19 36.69 -4.47
CA ARG B 70 3.15 36.14 -3.12
C ARG B 70 4.19 36.86 -2.27
N LEU B 71 5.45 36.80 -2.69
CA LEU B 71 6.53 37.50 -2.01
C LEU B 71 6.36 38.94 -2.50
N MET B 72 5.96 39.85 -1.62
CA MET B 72 5.74 41.24 -2.04
C MET B 72 6.16 42.29 -1.01
N SER B 73 6.35 43.50 -1.51
CA SER B 73 6.76 44.62 -0.67
C SER B 73 5.54 45.35 -0.10
N THR B 74 5.78 46.17 0.91
CA THR B 74 4.68 46.92 1.51
C THR B 74 4.14 47.91 0.48
N SER B 75 5.00 48.36 -0.42
CA SER B 75 4.57 49.31 -1.45
C SER B 75 3.56 48.64 -2.35
N HIS B 76 3.76 47.36 -2.68
CA HIS B 76 2.81 46.66 -3.52
C HIS B 76 1.49 46.49 -2.73
N ILE B 77 1.55 46.10 -1.53
CA ILE B 77 0.38 45.90 -0.68
C ILE B 77 -0.37 47.23 -0.61
N ARG B 78 0.34 48.43 -0.40
CA ARG B 78 -0.27 49.76 -0.42
C ARG B 78 -0.92 50.08 -1.77
N GLU B 79 -0.29 49.67 -2.87
CA GLU B 79 -0.89 49.95 -4.17
C GLU B 79 -2.20 49.16 -4.31
N ALA B 80 -2.27 47.98 -3.69
CA ALA B 80 -3.47 47.17 -3.76
C ALA B 80 -4.55 47.85 -2.91
N CYS B 81 -4.11 48.49 -1.82
CA CYS B 81 -5.03 49.19 -0.92
C CYS B 81 -5.57 50.44 -1.60
N GLU B 82 -4.71 51.10 -2.38
CA GLU B 82 -5.08 52.32 -3.11
C GLU B 82 -6.19 51.93 -4.10
N ILE B 83 -6.00 50.98 -4.87
CA ILE B 83 -6.98 50.47 -5.82
C ILE B 83 -8.30 50.17 -5.11
N ALA B 84 -8.27 49.31 -4.00
CA ALA B 84 -9.50 48.99 -3.26
C ALA B 84 -10.21 50.24 -2.75
N LYS B 85 -9.45 51.22 -2.28
CA LYS B 85 -10.06 52.46 -1.78
C LYS B 85 -10.77 53.17 -2.92
N LYS B 86 -10.18 53.12 -4.10
CA LYS B 86 -10.74 53.78 -5.26
C LYS B 86 -11.99 53.17 -5.86
N PHE B 87 -12.04 51.84 -5.97
CA PHE B 87 -13.21 51.18 -6.56
C PHE B 87 -14.02 50.29 -5.64
N CYS B 88 -13.45 49.88 -4.52
CA CYS B 88 -14.14 48.94 -3.63
C CYS B 88 -14.35 49.39 -2.18
N ASN B 89 -14.46 50.69 -1.94
CA ASN B 89 -14.66 51.20 -0.59
C ASN B 89 -13.63 50.66 0.41
N GLY B 90 -12.41 50.42 -0.05
CA GLY B 90 -11.36 49.92 0.83
C GLY B 90 -11.30 48.43 1.10
N HIS B 91 -12.17 47.63 0.47
CA HIS B 91 -12.17 46.20 0.70
C HIS B 91 -11.44 45.39 -0.38
N LEU B 92 -10.92 44.24 0.03
CA LEU B 92 -10.22 43.33 -0.86
C LEU B 92 -9.90 42.06 -0.08
N ARG B 93 -9.54 40.99 -0.77
CA ARG B 93 -9.19 39.74 -0.09
C ARG B 93 -8.11 39.00 -0.88
N PHE B 94 -7.53 37.97 -0.26
CA PHE B 94 -6.52 37.12 -0.90
C PHE B 94 -7.09 35.71 -0.99
N THR B 95 -6.75 34.97 -2.06
CA THR B 95 -7.26 33.61 -2.24
C THR B 95 -6.34 32.59 -1.61
N THR B 96 -6.77 31.32 -1.61
CA THR B 96 -5.96 30.25 -1.04
C THR B 96 -4.79 29.88 -1.95
N ARG B 97 -4.66 30.59 -3.07
CA ARG B 97 -3.54 30.33 -3.99
C ARG B 97 -2.73 31.61 -4.12
N ASN B 98 -3.02 32.54 -3.21
CA ASN B 98 -2.35 33.81 -3.10
C ASN B 98 -2.55 34.82 -4.23
N ASN B 99 -3.73 34.79 -4.84
CA ASN B 99 -4.07 35.76 -5.88
C ASN B 99 -4.87 36.80 -5.11
N ILE B 100 -5.04 37.98 -5.67
CA ILE B 100 -5.79 39.05 -5.00
C ILE B 100 -7.10 39.28 -5.74
N GLU B 101 -8.19 39.41 -4.99
CA GLU B 101 -9.50 39.66 -5.58
C GLU B 101 -10.07 40.99 -5.10
N PHE B 102 -10.63 41.76 -6.04
CA PHE B 102 -11.27 43.03 -5.72
C PHE B 102 -12.74 42.83 -6.04
N MET B 103 -13.61 43.34 -5.16
CA MET B 103 -15.03 43.16 -5.35
C MET B 103 -15.80 44.48 -5.40
N VAL B 104 -16.77 44.54 -6.32
CA VAL B 104 -17.62 45.72 -6.49
C VAL B 104 -19.06 45.24 -6.69
N ASP B 105 -20.02 46.13 -6.50
CA ASP B 105 -21.43 45.76 -6.64
C ASP B 105 -22.15 46.15 -7.93
N ASN B 106 -21.48 46.83 -8.86
CA ASN B 106 -22.12 47.20 -10.13
C ASN B 106 -21.19 47.05 -11.33
N GLU B 107 -21.78 46.81 -12.50
CA GLU B 107 -21.03 46.60 -13.73
C GLU B 107 -20.23 47.78 -14.26
N GLU B 108 -20.67 49.00 -13.96
CA GLU B 108 -19.92 50.16 -14.44
C GLU B 108 -18.63 50.30 -13.64
N THR B 109 -18.73 50.19 -12.32
CA THR B 109 -17.56 50.27 -11.46
C THR B 109 -16.59 49.17 -11.85
N LEU B 110 -17.10 48.02 -12.18
CA LEU B 110 -16.28 46.89 -12.58
C LEU B 110 -15.49 47.21 -13.85
N LYS B 111 -16.18 47.73 -14.79
CA LYS B 111 -15.49 48.04 -16.04
C LYS B 111 -14.35 49.04 -15.81
N ALA B 112 -14.58 49.99 -14.91
CA ALA B 112 -13.57 51.00 -14.59
C ALA B 112 -12.38 50.34 -13.90
N LEU B 113 -12.67 49.52 -12.90
CA LEU B 113 -11.63 48.81 -12.15
C LEU B 113 -10.72 48.02 -13.09
N VAL B 114 -11.32 47.17 -13.91
CA VAL B 114 -10.55 46.35 -14.85
C VAL B 114 -9.63 47.14 -15.78
N ALA B 115 -10.15 48.24 -16.32
CA ALA B 115 -9.36 49.08 -17.22
C ALA B 115 -8.15 49.64 -16.48
N ASP B 116 -8.36 50.02 -15.23
CA ASP B 116 -7.29 50.58 -14.41
C ASP B 116 -6.21 49.55 -14.12
N LEU B 117 -6.61 48.38 -13.61
CA LEU B 117 -5.66 47.31 -13.28
C LEU B 117 -4.79 46.99 -14.48
N LYS B 118 -5.38 46.95 -15.55
CA LYS B 118 -4.64 46.69 -16.78
C LYS B 118 -3.65 47.79 -17.15
N THR B 119 -3.82 48.97 -16.55
CA THR B 119 -2.84 50.04 -16.69
C THR B 119 -1.75 50.06 -15.60
N ARG B 120 -1.47 48.92 -14.97
CA ARG B 120 -0.42 48.85 -13.95
C ARG B 120 0.70 47.85 -14.23
N LYS B 121 1.97 48.35 -14.48
CA LYS B 121 3.16 47.57 -14.81
C LYS B 121 4.34 48.06 -13.99
N PHE B 122 5.28 47.25 -13.72
CA PHE B 122 6.52 47.70 -13.11
C PHE B 122 7.36 48.40 -14.17
N ALA B 123 8.39 49.11 -13.75
CA ALA B 123 9.26 49.82 -14.68
C ALA B 123 9.82 48.83 -15.69
N ALA B 124 10.30 47.69 -15.20
CA ALA B 124 10.87 46.65 -16.05
C ALA B 124 9.88 46.08 -17.05
N GLY B 125 8.58 46.27 -16.81
CA GLY B 125 7.59 45.79 -17.75
C GLY B 125 6.59 44.73 -17.34
N SER B 126 6.81 44.03 -16.24
CA SER B 126 5.87 42.97 -15.84
C SER B 126 4.56 43.52 -15.30
N PHE B 127 3.46 42.81 -15.57
CA PHE B 127 2.16 43.25 -15.08
C PHE B 127 2.12 43.16 -13.56
N LYS B 128 1.58 44.20 -12.93
CA LYS B 128 1.48 44.24 -11.47
C LYS B 128 0.27 43.46 -10.98
N PHE B 129 -0.84 43.55 -11.72
CA PHE B 129 -2.07 42.85 -11.35
C PHE B 129 -2.75 42.21 -12.56
N PRO B 130 -2.12 41.17 -13.16
CA PRO B 130 -2.73 40.51 -14.32
C PRO B 130 -4.02 39.79 -13.95
N ILE B 131 -5.06 40.00 -14.75
CA ILE B 131 -6.36 39.40 -14.49
C ILE B 131 -6.48 37.99 -15.07
N GLY B 132 -7.02 37.08 -14.28
CA GLY B 132 -7.22 35.70 -14.70
C GLY B 132 -7.23 34.75 -13.51
N GLY B 133 -7.02 33.46 -13.77
CA GLY B 133 -6.98 32.48 -12.70
C GLY B 133 -8.28 31.75 -12.43
N THR B 134 -9.29 31.98 -13.26
CA THR B 134 -10.58 31.32 -13.08
C THR B 134 -10.88 30.25 -14.11
N GLY B 135 -11.90 29.46 -13.85
CA GLY B 135 -12.28 28.41 -14.78
C GLY B 135 -11.16 27.42 -15.03
N ALA B 136 -11.24 26.74 -16.17
CA ALA B 136 -10.23 25.74 -16.54
C ALA B 136 -8.96 26.46 -16.96
N SER B 137 -8.23 27.00 -15.99
CA SER B 137 -7.01 27.72 -16.27
C SER B 137 -5.88 27.27 -15.36
N ILE B 138 -4.74 27.95 -15.46
CA ILE B 138 -3.61 27.67 -14.62
C ILE B 138 -3.44 28.87 -13.71
N SER B 139 -4.03 28.81 -12.54
CA SER B 139 -3.95 29.91 -11.59
C SER B 139 -2.56 29.94 -10.98
N ASN B 140 -2.35 30.82 -10.02
CA ASN B 140 -1.05 30.96 -9.38
C ASN B 140 -0.41 29.63 -8.98
N ILE B 141 0.87 29.70 -8.62
CA ILE B 141 1.61 28.52 -8.21
C ILE B 141 1.88 28.55 -6.71
N VAL B 142 1.38 27.53 -6.00
CA VAL B 142 1.59 27.42 -4.56
C VAL B 142 3.07 27.08 -4.37
N HIS B 143 3.81 27.94 -3.67
CA HIS B 143 5.23 27.70 -3.48
C HIS B 143 5.78 28.03 -2.11
N THR B 144 7.00 27.92 -2.01
CA THR B 144 7.67 28.01 -0.73
C THR B 144 8.78 29.07 -0.56
N GLN B 145 9.74 29.01 0.36
CA GLN B 145 10.79 30.00 0.61
C GLN B 145 12.00 29.94 -0.31
N GLY B 146 12.52 28.74 -0.53
CA GLY B 146 13.69 28.59 -1.37
C GLY B 146 14.87 29.29 -0.73
N TRP B 147 15.74 29.86 -1.57
CA TRP B 147 16.94 30.55 -1.11
C TRP B 147 16.66 31.93 -0.51
N VAL B 148 15.40 32.34 -0.56
CA VAL B 148 15.01 33.63 -0.01
C VAL B 148 15.03 33.59 1.51
N TYR B 149 14.80 32.42 2.11
CA TYR B 149 14.75 32.37 3.56
C TYR B 149 15.02 31.05 4.28
N CYS B 150 14.86 29.93 3.60
CA CYS B 150 15.04 28.65 4.27
C CYS B 150 16.45 28.07 4.22
N HIS B 151 16.77 27.26 5.23
CA HIS B 151 18.09 26.64 5.34
C HIS B 151 18.15 25.19 4.83
N THR B 152 17.00 24.62 4.47
CA THR B 152 17.00 23.25 3.97
C THR B 152 16.61 23.10 2.48
N PRO B 153 16.60 24.20 1.71
CA PRO B 153 16.22 24.03 0.31
C PRO B 153 17.26 23.36 -0.59
N ALA B 154 16.76 22.68 -1.62
CA ALA B 154 17.60 22.00 -2.61
C ALA B 154 17.45 22.77 -3.92
N THR B 155 16.59 23.78 -3.90
CA THR B 155 16.34 24.61 -5.06
C THR B 155 15.67 25.89 -4.58
N ASP B 156 15.44 26.83 -5.49
CA ASP B 156 14.78 28.08 -5.13
C ASP B 156 13.28 27.96 -5.37
N ALA B 157 12.53 28.93 -4.86
CA ALA B 157 11.07 28.91 -5.03
C ALA B 157 10.60 30.04 -5.93
N SER B 158 10.91 31.27 -5.55
CA SER B 158 10.48 32.44 -6.32
C SER B 158 10.97 32.47 -7.76
N GLY B 159 12.25 32.13 -7.97
CA GLY B 159 12.80 32.13 -9.30
C GLY B 159 12.06 31.21 -10.25
N PRO B 160 12.00 29.89 -9.94
CA PRO B 160 11.31 28.91 -10.77
C PRO B 160 9.85 29.27 -11.04
N VAL B 161 9.16 29.73 -10.00
CA VAL B 161 7.76 30.10 -10.15
C VAL B 161 7.55 31.22 -11.17
N LYS B 162 8.41 32.24 -11.12
CA LYS B 162 8.34 33.35 -12.04
C LYS B 162 8.63 32.85 -13.46
N ALA B 163 9.62 31.98 -13.58
CA ALA B 163 9.98 31.43 -14.88
C ALA B 163 8.85 30.59 -15.45
N VAL B 164 8.25 29.76 -14.62
CA VAL B 164 7.15 28.91 -15.09
C VAL B 164 5.90 29.70 -15.44
N MET B 165 5.55 30.69 -14.61
CA MET B 165 4.34 31.46 -14.90
C MET B 165 4.51 32.32 -16.16
N ASP B 166 5.74 32.76 -16.42
CA ASP B 166 6.02 33.54 -17.63
C ASP B 166 5.72 32.65 -18.83
N GLU B 167 6.17 31.37 -18.76
CA GLU B 167 5.83 30.39 -19.80
C GLU B 167 4.35 30.03 -19.90
N LEU B 168 3.69 29.96 -18.75
CA LEU B 168 2.29 29.58 -18.71
C LEU B 168 1.40 30.80 -18.49
N PHE B 169 1.80 31.94 -19.01
CA PHE B 169 0.99 33.14 -18.81
C PHE B 169 -0.33 33.09 -19.59
N GLU B 170 -0.29 32.57 -20.82
CA GLU B 170 -1.51 32.47 -21.62
C GLU B 170 -2.62 31.67 -20.93
N GLU B 171 -2.25 30.58 -20.27
CA GLU B 171 -3.15 29.72 -19.57
C GLU B 171 -3.79 30.28 -18.26
N PHE B 172 -3.20 31.36 -17.77
CA PHE B 172 -3.71 32.08 -16.60
C PHE B 172 -4.72 33.12 -17.07
N THR B 173 -4.44 33.76 -18.20
CA THR B 173 -5.36 34.74 -18.75
C THR B 173 -6.41 34.16 -19.69
N SER B 174 -6.60 32.85 -19.67
CA SER B 174 -7.60 32.24 -20.54
C SER B 174 -8.12 30.96 -19.91
N MET B 175 -9.20 30.43 -20.46
CA MET B 175 -9.81 29.22 -19.92
C MET B 175 -10.03 28.21 -21.05
N ARG B 176 -8.94 27.63 -21.54
CA ARG B 176 -9.02 26.68 -22.66
C ARG B 176 -8.53 25.26 -22.34
N LEU B 177 -8.34 24.94 -21.06
CA LEU B 177 -7.90 23.59 -20.68
C LEU B 177 -9.12 22.72 -20.39
N PRO B 178 -8.94 21.39 -20.38
CA PRO B 178 -10.03 20.47 -20.11
C PRO B 178 -10.56 20.60 -18.67
N ALA B 179 -9.68 21.06 -17.77
CA ALA B 179 -10.03 21.24 -16.36
C ALA B 179 -8.90 22.04 -15.70
N ILE B 180 -9.03 22.38 -14.45
CA ILE B 180 -7.96 23.15 -13.81
C ILE B 180 -6.66 22.37 -13.73
N VAL B 181 -5.59 23.13 -13.83
CA VAL B 181 -4.28 22.51 -13.74
C VAL B 181 -3.53 23.23 -12.62
N ARG B 182 -3.39 22.57 -11.46
CA ARG B 182 -2.69 23.17 -10.33
C ARG B 182 -1.22 22.79 -10.36
N VAL B 183 -0.36 23.80 -10.26
CA VAL B 183 1.08 23.60 -10.25
C VAL B 183 1.54 24.14 -8.90
N SER B 184 2.39 23.38 -8.22
CA SER B 184 2.91 23.78 -6.91
C SER B 184 4.37 23.36 -6.83
N LEU B 185 5.15 24.07 -6.03
CA LEU B 185 6.57 23.76 -5.87
C LEU B 185 7.01 23.85 -4.42
N ALA B 186 7.87 22.89 -4.10
CA ALA B 186 8.47 22.70 -2.81
C ALA B 186 9.99 22.71 -2.97
N CYS B 187 10.59 23.47 -2.09
CA CYS B 187 12.01 23.77 -2.15
CA CYS B 187 12.00 23.87 -2.13
C CYS B 187 12.84 22.51 -1.63
N CYS B 188 12.20 21.67 -0.83
CA CYS B 188 12.83 20.44 -0.39
C CYS B 188 11.79 19.35 -0.15
N ILE B 189 12.24 18.11 0.06
CA ILE B 189 11.29 17.03 0.27
C ILE B 189 10.34 17.20 1.45
N ASN B 190 10.49 18.20 2.37
CA ASN B 190 9.53 18.42 3.45
C ASN B 190 8.20 18.70 2.74
N MET B 191 8.32 19.11 1.48
CA MET B 191 7.17 19.38 0.64
C MET B 191 6.08 20.25 1.26
N CYS B 192 6.48 21.39 1.79
CA CYS B 192 5.50 22.31 2.36
C CYS B 192 4.59 22.69 1.21
N GLY B 193 3.31 22.90 1.48
CA GLY B 193 2.42 23.29 0.39
C GLY B 193 1.54 22.19 -0.17
N ALA B 194 1.38 22.17 -1.49
CA ALA B 194 0.51 21.19 -2.14
C ALA B 194 1.15 20.34 -3.24
N VAL B 195 2.47 20.17 -3.18
CA VAL B 195 3.15 19.36 -4.19
C VAL B 195 2.58 17.96 -4.28
N HIS B 196 2.35 17.31 -3.15
CA HIS B 196 1.84 15.93 -3.15
C HIS B 196 0.39 15.73 -3.60
N CYS B 197 -0.32 16.81 -3.92
CA CYS B 197 -1.70 16.70 -4.38
C CYS B 197 -2.03 17.64 -5.55
N SER B 198 -1.04 17.90 -6.40
CA SER B 198 -1.24 18.79 -7.54
C SER B 198 -1.16 18.07 -8.88
N ASP B 199 -1.74 18.70 -9.91
CA ASP B 199 -1.72 18.14 -11.26
C ASP B 199 -0.26 18.07 -11.68
N ILE B 200 0.52 19.03 -11.33
CA ILE B 200 1.95 19.05 -11.65
C ILE B 200 2.65 19.51 -10.37
N GLY B 201 3.60 18.85 -9.84
CA GLY B 201 4.30 19.19 -8.62
C GLY B 201 5.77 19.25 -8.92
N LEU B 202 6.48 20.12 -8.20
CA LEU B 202 7.92 20.29 -8.41
C LEU B 202 8.57 20.25 -7.05
N VAL B 203 9.50 19.33 -6.84
CA VAL B 203 10.17 19.24 -5.55
C VAL B 203 11.69 19.18 -5.66
N GLY B 204 12.36 20.02 -4.88
CA GLY B 204 13.81 20.05 -4.88
C GLY B 204 14.33 18.82 -4.16
N ILE B 205 15.32 18.17 -4.76
CA ILE B 205 15.92 16.98 -4.17
C ILE B 205 17.45 17.01 -4.25
N HIS B 206 18.09 16.30 -3.31
CA HIS B 206 19.54 16.21 -3.24
C HIS B 206 19.92 14.87 -3.86
N ARG B 207 21.19 14.71 -4.22
CA ARG B 207 21.66 13.44 -4.80
C ARG B 207 22.94 12.96 -4.11
N LYS B 208 23.28 13.60 -2.99
CA LYS B 208 24.50 13.24 -2.25
C LYS B 208 24.28 13.16 -0.75
N PRO B 209 24.90 12.15 -0.10
CA PRO B 209 24.76 12.00 1.35
C PRO B 209 25.33 13.22 2.08
N PRO B 210 24.89 13.45 3.33
CA PRO B 210 25.36 14.59 4.13
C PRO B 210 26.84 14.54 4.48
N MET B 211 27.43 15.71 4.72
CA MET B 211 28.82 15.76 5.15
C MET B 211 28.67 15.73 6.67
N ILE B 212 29.54 15.20 7.33
CA ILE B 212 29.43 15.05 8.78
C ILE B 212 30.49 15.83 9.55
N ASP B 213 30.22 16.77 10.31
CA ASP B 213 31.17 17.57 11.06
C ASP B 213 31.44 16.87 12.39
N HIS B 214 32.14 15.75 12.32
CA HIS B 214 32.47 14.93 13.49
C HIS B 214 33.02 15.72 14.66
N GLU B 215 33.90 16.68 14.37
CA GLU B 215 34.52 17.49 15.41
C GLU B 215 33.55 18.23 16.31
N ASN B 216 32.45 18.72 15.74
CA ASN B 216 31.46 19.48 16.51
C ASN B 216 30.06 18.89 16.67
N LEU B 217 29.76 17.82 15.95
CA LEU B 217 28.41 17.23 16.00
C LEU B 217 27.83 17.04 17.41
N ALA B 218 28.57 16.31 18.24
CA ALA B 218 28.20 16.12 19.64
C ALA B 218 27.70 17.40 20.29
N GLU B 219 28.45 18.48 20.18
CA GLU B 219 28.04 19.60 20.83
C GLU B 219 26.91 20.31 20.36
N LEU B 220 26.76 20.33 19.07
CA LEU B 220 25.67 20.78 18.33
C LEU B 220 24.32 19.99 18.15
N CYS B 221 24.31 18.72 18.46
CA CYS B 221 23.25 17.81 18.16
C CYS B 221 22.84 16.95 19.20
N GLU B 222 21.62 16.68 19.30
CA GLU B 222 21.12 15.56 20.09
C GLU B 222 21.19 14.20 19.28
N ILE B 223 22.25 13.48 19.28
CA ILE B 223 22.44 12.27 18.49
C ILE B 223 21.15 11.48 18.23
N PRO B 224 20.53 10.96 19.28
CA PRO B 224 19.35 10.10 19.13
C PRO B 224 18.30 10.67 18.15
N LEU B 225 18.18 11.99 18.12
CA LEU B 225 17.23 12.67 17.25
C LEU B 225 17.62 12.55 15.78
N ALA B 226 18.92 12.61 15.49
CA ALA B 226 19.39 12.51 14.12
C ALA B 226 19.22 11.07 13.67
N VAL B 227 19.48 10.13 14.57
CA VAL B 227 19.34 8.72 14.26
C VAL B 227 17.89 8.39 13.91
N ALA B 228 16.97 8.92 14.71
CA ALA B 228 15.55 8.66 14.50
C ALA B 228 14.96 9.45 13.34
N ALA B 229 15.72 10.41 12.82
CA ALA B 229 15.27 11.24 11.72
C ALA B 229 15.42 10.58 10.35
N CYS B 230 16.04 9.41 10.31
CA CYS B 230 16.26 8.72 9.04
C CYS B 230 15.26 7.61 8.72
N PRO B 231 14.54 7.75 7.60
CA PRO B 231 13.54 6.79 7.13
C PRO B 231 14.14 5.44 6.77
N THR B 232 15.42 5.44 6.39
CA THR B 232 16.10 4.22 5.99
C THR B 232 17.15 3.72 6.98
N ALA B 233 17.15 4.29 8.13
CA ALA B 233 18.08 3.90 9.10
C ALA B 233 19.50 3.83 8.69
N ALA B 234 19.89 4.75 7.90
CA ALA B 234 21.24 5.10 7.45
C ALA B 234 22.18 5.62 8.55
N VAL B 235 21.62 6.16 9.62
CA VAL B 235 22.42 6.78 10.67
C VAL B 235 22.45 5.95 11.95
N LYS B 236 23.65 5.80 12.49
CA LYS B 236 23.84 5.07 13.74
C LYS B 236 24.78 5.83 14.66
N PRO B 237 24.61 5.77 15.97
CA PRO B 237 25.58 6.44 16.85
C PRO B 237 26.96 5.76 16.93
N ILE B 238 28.06 6.52 16.85
CA ILE B 238 29.41 5.96 16.97
C ILE B 238 30.27 6.82 17.87
N THR B 239 31.40 6.26 18.29
CA THR B 239 32.36 6.98 19.10
C THR B 239 33.45 7.25 18.08
N ALA B 240 33.62 8.52 17.74
CA ALA B 240 34.62 8.88 16.75
C ALA B 240 35.83 9.52 17.39
N GLU B 241 36.93 9.55 16.64
CA GLU B 241 38.14 10.16 17.12
C GLU B 241 38.60 11.15 16.06
N VAL B 242 38.67 12.42 16.43
CA VAL B 242 39.10 13.46 15.51
C VAL B 242 40.29 14.20 16.11
N ASN B 243 41.35 14.34 15.34
CA ASN B 243 42.57 15.01 15.81
C ASN B 243 43.02 14.41 17.14
N GLY B 244 42.95 13.07 17.22
CA GLY B 244 43.35 12.40 18.43
C GLY B 244 42.40 12.66 19.59
N GLN B 245 41.17 13.07 19.29
CA GLN B 245 40.19 13.35 20.33
C GLN B 245 38.96 12.45 20.23
N LYS B 246 38.56 11.89 21.37
CA LYS B 246 37.40 11.02 21.44
C LYS B 246 36.14 11.89 21.54
N VAL B 247 35.21 11.70 20.62
CA VAL B 247 33.98 12.46 20.62
C VAL B 247 32.83 11.59 20.14
N LYS B 248 31.64 11.83 20.66
CA LYS B 248 30.47 11.08 20.24
C LYS B 248 30.06 11.64 18.87
N SER B 249 29.57 10.78 17.99
CA SER B 249 29.15 11.22 16.67
C SER B 249 28.24 10.18 16.04
N VAL B 250 28.02 10.31 14.74
CA VAL B 250 27.18 9.37 14.01
C VAL B 250 27.88 8.99 12.72
N ALA B 251 27.52 7.83 12.18
CA ALA B 251 28.08 7.34 10.93
C ALA B 251 26.90 7.16 9.97
N ILE B 252 27.11 7.48 8.70
CA ILE B 252 26.05 7.32 7.71
C ILE B 252 26.41 6.24 6.69
N ASN B 253 25.50 5.28 6.53
CA ASN B 253 25.72 4.21 5.57
C ASN B 253 25.24 4.78 4.23
N ASN B 254 26.17 5.25 3.42
CA ASN B 254 25.86 5.84 2.12
C ASN B 254 25.02 4.93 1.23
N ASP B 255 24.99 3.63 1.53
CA ASP B 255 24.19 2.70 0.74
C ASP B 255 22.72 2.71 1.14
N ARG B 256 22.41 3.27 2.32
CA ARG B 256 21.04 3.34 2.79
C ARG B 256 20.49 4.76 2.75
N CYS B 257 21.36 5.71 2.45
CA CYS B 257 20.98 7.13 2.38
C CYS B 257 20.37 7.53 1.05
N MET B 258 19.18 8.15 1.07
CA MET B 258 18.60 8.61 -0.18
C MET B 258 18.51 10.14 -0.17
N TYR B 259 19.45 10.73 0.56
CA TYR B 259 19.62 12.18 0.63
C TYR B 259 18.39 13.04 0.95
N CYS B 260 17.50 12.52 1.79
CA CYS B 260 16.29 13.26 2.15
C CYS B 260 16.61 14.52 2.96
N GLY B 261 17.73 14.52 3.69
CA GLY B 261 18.10 15.68 4.46
C GLY B 261 17.38 15.87 5.79
N ASN B 262 16.54 14.91 6.19
CA ASN B 262 15.83 15.04 7.45
C ASN B 262 16.82 15.06 8.62
N CYS B 263 17.93 14.35 8.50
CA CYS B 263 18.89 14.34 9.61
C CYS B 263 19.47 15.73 9.84
N TYR B 264 19.67 16.48 8.75
CA TYR B 264 20.20 17.83 8.86
C TYR B 264 19.19 18.73 9.58
N THR B 265 17.91 18.56 9.26
CA THR B 265 16.86 19.34 9.91
C THR B 265 17.02 19.23 11.42
N MET B 266 17.35 18.03 11.89
CA MET B 266 17.49 17.78 13.31
C MET B 266 18.89 18.04 13.85
N CYS B 267 19.88 18.11 12.95
CA CYS B 267 21.27 18.31 13.36
C CYS B 267 22.06 19.19 12.40
N PRO B 268 22.48 20.38 12.86
CA PRO B 268 23.25 21.29 12.01
C PRO B 268 24.62 20.76 11.55
N ALA B 269 25.11 19.71 12.20
CA ALA B 269 26.41 19.15 11.84
C ALA B 269 26.35 18.17 10.66
N LEU B 270 25.19 18.07 10.02
CA LEU B 270 25.03 17.16 8.88
C LEU B 270 24.51 17.87 7.62
N PRO B 271 25.15 18.98 7.22
CA PRO B 271 24.73 19.71 6.01
C PRO B 271 24.93 18.88 4.75
N LEU B 272 24.05 18.98 3.81
CA LEU B 272 24.08 18.31 2.54
C LEU B 272 23.94 19.04 1.18
N SER B 273 23.55 20.31 1.19
CA SER B 273 23.28 21.00 -0.08
C SER B 273 24.47 20.91 -1.03
N ASP B 274 24.22 20.93 -2.33
CA ASP B 274 25.28 20.86 -3.33
C ASP B 274 24.85 21.52 -4.63
N GLY B 275 25.62 22.50 -5.07
CA GLY B 275 25.30 23.22 -6.30
C GLY B 275 25.05 22.36 -7.52
N THR B 276 25.87 21.35 -7.75
CA THR B 276 25.67 20.50 -8.91
C THR B 276 24.79 19.30 -8.61
N GLY B 277 24.85 18.82 -7.37
CA GLY B 277 24.06 17.67 -6.98
C GLY B 277 22.57 17.93 -6.86
N ASP B 278 22.20 19.09 -6.36
CA ASP B 278 20.79 19.41 -6.19
C ASP B 278 20.07 19.70 -7.48
N GLY B 279 18.77 19.42 -7.48
CA GLY B 279 17.95 19.66 -8.65
C GLY B 279 16.49 19.54 -8.30
N ILE B 280 15.66 19.27 -9.31
CA ILE B 280 14.23 19.17 -9.11
C ILE B 280 13.64 17.90 -9.70
N ALA B 281 12.72 17.27 -8.96
CA ALA B 281 12.04 16.07 -9.45
C ALA B 281 10.66 16.57 -9.86
N ILE B 282 10.16 16.08 -10.99
CA ILE B 282 8.86 16.50 -11.50
C ILE B 282 7.77 15.44 -11.29
N MET B 283 6.66 15.87 -10.69
CA MET B 283 5.54 14.98 -10.41
C MET B 283 4.26 15.44 -11.13
N VAL B 284 3.35 14.50 -11.39
CA VAL B 284 2.08 14.82 -12.04
C VAL B 284 0.95 13.93 -11.55
N GLY B 285 -0.29 14.34 -11.85
CA GLY B 285 -1.45 13.52 -11.53
C GLY B 285 -2.22 13.67 -10.23
N GLY B 286 -1.82 14.58 -9.35
CA GLY B 286 -2.56 14.74 -8.11
C GLY B 286 -3.71 15.72 -8.18
N LYS B 287 -4.61 15.60 -7.21
CA LYS B 287 -5.75 16.47 -7.11
C LYS B 287 -6.39 16.20 -5.76
N ILE B 288 -6.98 17.24 -5.19
CA ILE B 288 -7.59 17.15 -3.86
C ILE B 288 -9.11 17.12 -3.88
N SER B 289 -9.74 17.79 -4.84
CA SER B 289 -11.20 17.81 -4.85
C SER B 289 -11.72 16.38 -4.99
N ASN B 290 -12.97 16.16 -4.61
CA ASN B 290 -13.58 14.84 -4.69
C ASN B 290 -14.51 14.70 -5.89
N ARG B 291 -14.37 15.63 -6.85
CA ARG B 291 -15.21 15.64 -8.03
C ARG B 291 -15.00 14.44 -8.93
N ILE B 292 -16.03 13.59 -9.03
CA ILE B 292 -15.99 12.38 -9.86
C ILE B 292 -15.04 11.36 -9.25
N LYS B 293 -13.74 11.53 -9.50
CA LYS B 293 -12.72 10.64 -8.97
C LYS B 293 -12.27 11.13 -7.58
N VAL B 294 -11.78 10.20 -6.77
CA VAL B 294 -11.32 10.53 -5.43
C VAL B 294 -10.00 11.28 -5.53
N PRO B 295 -9.58 11.94 -4.44
CA PRO B 295 -8.32 12.68 -4.47
C PRO B 295 -7.16 11.71 -4.73
N SER B 296 -6.04 12.25 -5.19
CA SER B 296 -4.89 11.40 -5.47
C SER B 296 -3.56 12.13 -5.32
N PHE B 297 -2.51 11.36 -5.08
CA PHE B 297 -1.18 11.93 -4.95
C PHE B 297 -0.58 12.11 -6.33
N SER B 298 0.33 13.08 -6.44
CA SER B 298 1.04 13.32 -7.70
C SER B 298 2.12 12.23 -7.73
N LYS B 299 2.52 11.78 -8.92
CA LYS B 299 3.52 10.73 -9.04
C LYS B 299 4.79 11.23 -9.76
N VAL B 300 5.95 10.79 -9.30
CA VAL B 300 7.22 11.18 -9.91
C VAL B 300 7.42 10.61 -11.31
N VAL B 301 7.44 11.47 -12.34
CA VAL B 301 7.63 10.98 -13.72
C VAL B 301 9.00 11.29 -14.30
N VAL B 302 9.69 12.27 -13.68
CA VAL B 302 11.04 12.66 -14.08
C VAL B 302 11.78 12.76 -12.75
N ALA B 303 12.68 11.82 -12.49
CA ALA B 303 13.42 11.76 -11.24
C ALA B 303 14.36 12.92 -10.98
N PHE B 304 14.88 13.54 -12.02
CA PHE B 304 15.82 14.63 -11.81
C PHE B 304 16.07 15.54 -13.00
N VAL B 305 16.06 16.83 -12.74
CA VAL B 305 16.36 17.86 -13.72
C VAL B 305 17.21 18.83 -12.92
N PRO B 306 18.35 19.26 -13.47
CA PRO B 306 19.25 20.18 -12.77
C PRO B 306 18.73 21.59 -12.53
N ASN B 307 19.28 22.26 -11.53
CA ASN B 307 18.93 23.64 -11.24
C ASN B 307 19.69 24.45 -12.27
N GLU B 308 18.99 25.37 -12.92
CA GLU B 308 19.61 26.20 -13.95
C GLU B 308 19.19 27.66 -13.80
N PRO B 309 19.66 28.33 -12.73
CA PRO B 309 19.31 29.73 -12.50
C PRO B 309 19.69 30.60 -13.69
N PRO B 310 18.95 31.69 -13.93
CA PRO B 310 17.80 32.10 -13.14
C PRO B 310 16.44 31.68 -13.70
N ARG B 311 16.43 30.98 -14.83
CA ARG B 311 15.15 30.61 -15.42
C ARG B 311 14.81 29.14 -15.59
N TRP B 312 15.65 28.25 -15.07
CA TRP B 312 15.42 26.81 -15.12
C TRP B 312 14.78 26.33 -16.43
N PRO B 313 15.49 26.48 -17.57
CA PRO B 313 15.01 26.08 -18.90
C PRO B 313 14.52 24.64 -19.02
N THR B 314 15.39 23.70 -18.64
CA THR B 314 15.04 22.28 -18.72
C THR B 314 13.73 21.95 -18.03
N MET B 315 13.64 22.31 -16.75
CA MET B 315 12.44 22.06 -15.96
C MET B 315 11.21 22.75 -16.55
N ALA B 316 11.37 24.02 -16.90
CA ALA B 316 10.26 24.80 -17.47
C ALA B 316 9.73 24.21 -18.78
N LYS B 317 10.57 23.73 -19.62
CA LYS B 317 10.18 23.15 -20.89
C LYS B 317 9.40 21.86 -20.69
N ILE B 318 9.85 21.04 -19.77
CA ILE B 318 9.10 19.82 -19.51
C ILE B 318 7.70 20.15 -18.98
N VAL B 319 7.60 21.09 -18.11
CA VAL B 319 6.28 21.47 -17.58
C VAL B 319 5.37 21.89 -18.71
N LYS B 320 5.86 22.77 -19.57
CA LYS B 320 5.07 23.25 -20.71
C LYS B 320 4.68 22.09 -21.61
N LYS B 321 5.60 21.18 -21.87
CA LYS B 321 5.33 20.02 -22.72
C LYS B 321 4.17 19.23 -22.13
N ILE B 322 4.18 18.93 -20.82
CA ILE B 322 3.10 18.23 -20.13
C ILE B 322 1.78 18.96 -20.34
N VAL B 323 1.79 20.21 -20.11
CA VAL B 323 0.54 20.95 -20.29
C VAL B 323 0.03 20.92 -21.73
N GLU B 324 0.84 21.09 -22.69
CA GLU B 324 0.49 21.02 -24.10
C GLU B 324 -0.07 19.67 -24.52
N VAL B 325 0.63 18.58 -24.14
CA VAL B 325 0.12 17.28 -24.52
C VAL B 325 -1.22 17.04 -23.85
N TYR B 326 -1.29 17.35 -22.55
CA TYR B 326 -2.53 17.17 -21.79
C TYR B 326 -3.68 17.94 -22.40
N ALA B 327 -3.48 19.24 -22.59
CA ALA B 327 -4.51 20.12 -23.15
C ALA B 327 -5.09 19.55 -24.43
N GLU B 328 -4.23 19.00 -25.28
CA GLU B 328 -4.64 18.44 -26.56
C GLU B 328 -5.32 17.07 -26.49
N ASP B 329 -4.79 16.18 -25.67
CA ASP B 329 -5.30 14.81 -25.58
C ASP B 329 -6.39 14.52 -24.54
N ALA B 330 -6.52 15.36 -23.53
CA ALA B 330 -7.53 15.12 -22.50
C ALA B 330 -8.95 15.49 -22.91
N ARG B 331 -9.92 14.79 -22.31
CA ARG B 331 -11.34 15.01 -22.58
C ARG B 331 -11.87 16.08 -21.62
N LYS B 332 -13.01 16.66 -21.94
CA LYS B 332 -13.58 17.71 -21.10
C LYS B 332 -13.77 17.23 -19.67
N TYR B 333 -13.42 18.09 -18.71
CA TYR B 333 -13.53 17.80 -17.27
C TYR B 333 -12.44 16.85 -16.74
N GLU B 334 -11.55 16.39 -17.61
CA GLU B 334 -10.48 15.49 -17.18
C GLU B 334 -9.29 16.22 -16.58
N ARG B 335 -8.95 15.90 -15.33
CA ARG B 335 -7.80 16.49 -14.67
C ARG B 335 -6.63 15.68 -15.23
N ILE B 336 -5.40 16.17 -15.09
CA ILE B 336 -4.25 15.45 -15.61
C ILE B 336 -4.19 14.00 -15.11
N GLY B 337 -4.59 13.78 -13.87
CA GLY B 337 -4.59 12.44 -13.32
C GLY B 337 -5.68 11.62 -13.98
N ASP B 338 -6.88 12.19 -14.07
CA ASP B 338 -8.01 11.51 -14.71
C ASP B 338 -7.54 11.02 -16.09
N TRP B 339 -6.87 11.91 -16.80
CA TRP B 339 -6.35 11.66 -18.14
C TRP B 339 -5.36 10.47 -18.15
N ILE B 340 -4.28 10.53 -17.38
CA ILE B 340 -3.34 9.43 -17.28
C ILE B 340 -4.04 8.14 -16.81
N HIS B 341 -4.99 8.19 -15.99
CA HIS B 341 -5.69 6.97 -15.59
C HIS B 341 -6.41 6.33 -16.78
N ARG B 342 -6.92 7.15 -17.68
CA ARG B 342 -7.64 6.67 -18.85
C ARG B 342 -6.71 6.07 -19.91
N ILE B 343 -5.67 6.80 -20.27
CA ILE B 343 -4.75 6.36 -21.30
C ILE B 343 -3.68 5.36 -20.86
N GLY B 344 -3.27 5.40 -19.60
CA GLY B 344 -2.24 4.48 -19.14
C GLY B 344 -0.87 5.13 -19.14
N TRP B 345 0.00 4.68 -18.24
CA TRP B 345 1.34 5.25 -18.12
C TRP B 345 2.26 5.14 -19.32
N GLU B 346 2.35 3.95 -19.93
CA GLU B 346 3.23 3.81 -21.07
C GLU B 346 2.79 4.76 -22.19
N THR B 347 1.49 4.97 -22.30
CA THR B 347 0.96 5.87 -23.32
C THR B 347 1.33 7.33 -23.00
N PHE B 348 1.29 7.67 -21.71
CA PHE B 348 1.64 9.01 -21.25
C PHE B 348 3.07 9.33 -21.66
N TYR B 349 3.98 8.40 -21.38
CA TYR B 349 5.37 8.63 -21.74
C TYR B 349 5.53 8.71 -23.26
N GLU B 350 4.80 7.86 -23.96
CA GLU B 350 4.86 7.82 -25.41
C GLU B 350 4.43 9.17 -26.00
N LYS B 351 3.31 9.77 -25.55
CA LYS B 351 2.82 11.07 -26.01
C LYS B 351 3.67 12.28 -25.61
N THR B 352 4.17 12.24 -24.39
CA THR B 352 4.95 13.39 -23.92
C THR B 352 6.40 13.37 -24.38
N GLY B 353 6.89 12.20 -24.74
CA GLY B 353 8.27 12.09 -25.20
C GLY B 353 9.22 12.10 -24.02
N LEU B 354 8.68 11.96 -22.82
CA LEU B 354 9.50 11.96 -21.61
C LEU B 354 10.21 10.63 -21.43
N GLU B 355 11.54 10.46 -21.12
CA GLU B 355 12.33 9.29 -20.76
C GLU B 355 11.87 8.71 -19.42
N PHE B 356 11.69 7.51 -19.46
CA PHE B 356 11.34 6.77 -18.25
C PHE B 356 12.60 6.17 -17.64
N SER B 357 12.70 6.21 -16.32
CA SER B 357 13.88 5.65 -15.66
C SER B 357 13.49 4.82 -14.45
N HIS B 358 14.32 3.84 -14.12
CA HIS B 358 14.05 2.97 -13.00
C HIS B 358 13.88 3.75 -11.69
N HIS B 359 14.40 4.98 -11.65
CA HIS B 359 14.29 5.81 -10.45
C HIS B 359 12.83 6.12 -10.08
N CYS B 360 11.95 6.05 -11.06
CA CYS B 360 10.53 6.34 -10.82
C CYS B 360 9.77 5.17 -10.22
N ILE B 361 10.42 4.00 -10.18
CA ILE B 361 9.79 2.82 -9.61
C ILE B 361 10.00 2.87 -8.10
N ASP B 362 8.90 2.86 -7.34
CA ASP B 362 8.95 2.93 -5.87
C ASP B 362 9.72 1.74 -5.30
N ASP B 363 10.56 2.02 -4.30
CA ASP B 363 11.34 0.98 -3.63
C ASP B 363 11.37 1.28 -2.13
N PHE B 364 10.39 2.06 -1.68
CA PHE B 364 10.31 2.42 -0.27
C PHE B 364 9.32 1.59 0.53
N ARG B 365 9.86 0.60 1.25
CA ARG B 365 9.08 -0.28 2.12
C ARG B 365 8.04 -1.17 1.44
N ASP B 366 7.24 -1.98 2.35
CA ASP B 366 6.17 -2.86 1.88
C ASP B 366 5.23 -2.24 0.85
N PRO B 367 4.79 -1.01 1.07
CA PRO B 367 3.86 -0.34 0.13
C PRO B 367 4.34 -0.23 -1.34
N ALA B 368 5.64 -0.32 -1.58
CA ALA B 368 6.18 -0.20 -2.93
C ALA B 368 5.57 -1.25 -3.86
N TYR B 369 5.36 -2.44 -3.33
CA TYR B 369 4.79 -3.55 -4.10
C TYR B 369 3.55 -3.11 -4.87
N TYR B 370 2.68 -2.33 -4.22
CA TYR B 370 1.45 -1.87 -4.86
C TYR B 370 1.63 -0.94 -6.06
N THR B 371 2.84 -0.44 -6.27
CA THR B 371 3.10 0.44 -7.40
C THR B 371 3.56 -0.36 -8.63
N TRP B 372 3.89 -1.63 -8.42
CA TRP B 372 4.32 -2.47 -9.52
C TRP B 372 3.07 -2.93 -10.26
N ARG B 373 3.23 -3.55 -11.42
CA ARG B 373 2.07 -3.97 -12.20
C ARG B 373 1.71 -5.44 -12.08
N GLN B 374 0.63 -5.71 -11.35
CA GLN B 374 0.17 -7.07 -11.15
C GLN B 374 -1.03 -7.41 -12.06
N SER B 375 -0.75 -7.45 -13.36
CA SER B 375 -1.73 -7.75 -14.39
C SER B 375 -0.98 -7.92 -15.70
N THR B 376 -1.57 -8.64 -16.64
CA THR B 376 -0.95 -8.85 -17.94
C THR B 376 -1.34 -7.69 -18.86
N GLN B 377 -2.23 -6.83 -18.37
CA GLN B 377 -2.70 -5.68 -19.14
C GLN B 377 -1.64 -4.59 -19.34
N PHE B 378 -1.23 -4.42 -20.60
CA PHE B 378 -0.27 -3.39 -20.99
C PHE B 378 -0.36 -3.19 -22.50
N LYS B 379 0.10 -2.04 -22.97
CA LYS B 379 0.09 -1.74 -24.39
C LYS B 379 1.52 -1.75 -24.88
N PHE B 380 1.74 -2.13 -26.14
CA PHE B 380 3.08 -2.12 -26.69
C PHE B 380 3.38 -0.67 -27.07
N VAL B 381 4.56 -0.20 -26.70
CA VAL B 381 4.98 1.16 -26.99
C VAL B 381 6.43 1.07 -27.41
N SER B 382 7.00 2.17 -27.89
CA SER B 382 8.38 2.19 -28.33
C SER B 382 9.33 1.69 -27.25
N PHE B 383 8.86 1.71 -26.00
CA PHE B 383 9.66 1.26 -24.87
C PHE B 383 10.03 -0.22 -24.97
N ASP B 384 9.15 -1.00 -25.57
CA ASP B 384 9.38 -2.44 -25.72
C ASP B 384 10.04 -2.83 -27.04
N SER B 385 10.39 -1.84 -27.86
CA SER B 385 11.04 -2.12 -29.15
C SER B 385 12.51 -2.47 -28.96
N ALA C 1 30.17 33.79 19.42
CA ALA C 1 30.68 34.88 20.31
C ALA C 1 31.29 34.31 21.58
N VAL C 2 31.88 35.19 22.39
CA VAL C 2 32.50 34.80 23.64
C VAL C 2 31.93 35.62 24.79
N VAL C 3 31.33 34.94 25.77
CA VAL C 3 30.72 35.60 26.92
C VAL C 3 31.71 35.72 28.09
N GLU C 4 31.62 36.83 28.81
CA GLU C 4 32.47 37.09 29.97
C GLU C 4 31.61 37.47 31.17
N PHE C 5 31.37 36.50 32.06
CA PHE C 5 30.56 36.75 33.24
C PHE C 5 31.13 36.10 34.50
N ALA C 6 31.17 36.88 35.58
CA ALA C 6 31.68 36.40 36.86
C ALA C 6 33.03 35.71 36.70
N GLY C 7 33.89 36.30 35.88
CA GLY C 7 35.21 35.73 35.65
C GLY C 7 35.17 34.44 34.88
N SER C 8 34.10 34.23 34.12
CA SER C 8 33.96 33.01 33.33
C SER C 8 33.82 33.39 31.85
N ALA C 9 34.12 32.43 30.98
CA ALA C 9 34.02 32.65 29.54
C ALA C 9 33.23 31.53 28.88
N PHE C 10 32.10 31.89 28.26
CA PHE C 10 31.28 30.89 27.59
C PHE C 10 31.22 31.13 26.10
N GLU C 11 31.35 30.04 25.34
CA GLU C 11 31.26 30.12 23.89
C GLU C 11 29.77 30.02 23.59
N VAL C 12 29.22 31.01 22.90
CA VAL C 12 27.79 31.01 22.60
C VAL C 12 27.51 31.25 21.11
N ASP C 13 26.32 30.83 20.66
CA ASP C 13 25.92 31.03 19.27
C ASP C 13 25.07 32.29 19.16
N GLU C 14 24.52 32.57 17.98
CA GLU C 14 23.71 33.76 17.79
C GLU C 14 22.45 33.79 18.67
N ASP C 15 21.93 32.61 19.00
CA ASP C 15 20.73 32.50 19.82
C ASP C 15 20.92 32.56 21.32
N GLY C 16 22.17 32.50 21.78
CA GLY C 16 22.42 32.56 23.21
C GLY C 16 22.57 31.21 23.89
N PHE C 17 22.81 30.16 23.12
CA PHE C 17 23.00 28.83 23.70
C PHE C 17 24.49 28.51 23.80
N LEU C 18 24.87 27.78 24.85
CA LEU C 18 26.26 27.39 25.05
C LEU C 18 26.69 26.46 23.93
N ASN C 19 27.84 26.73 23.33
CA ASN C 19 28.34 25.89 22.24
C ASN C 19 28.78 24.51 22.73
N ALA C 20 28.96 24.37 24.04
CA ALA C 20 29.37 23.09 24.61
C ALA C 20 28.75 22.90 25.99
N PHE C 21 27.95 21.84 26.13
CA PHE C 21 27.26 21.54 27.39
C PHE C 21 28.22 21.48 28.58
N ASP C 22 29.39 20.89 28.37
CA ASP C 22 30.39 20.76 29.43
C ASP C 22 30.90 22.10 29.95
N ASP C 23 30.63 23.16 29.21
CA ASP C 23 31.08 24.50 29.63
C ASP C 23 30.06 25.18 30.53
N TRP C 24 29.08 24.40 30.98
CA TRP C 24 28.05 24.95 31.87
C TRP C 24 28.59 25.07 33.27
N CYS C 25 28.09 26.09 33.99
CA CYS C 25 28.47 26.32 35.37
C CYS C 25 27.42 27.28 35.94
N PRO C 26 27.24 27.30 37.27
CA PRO C 26 26.26 28.18 37.89
C PRO C 26 26.33 29.63 37.39
N GLU C 27 27.56 30.10 37.14
CA GLU C 27 27.76 31.47 36.66
C GLU C 27 26.91 31.69 35.40
N TRP C 28 26.81 30.67 34.57
CA TRP C 28 26.05 30.76 33.33
C TRP C 28 24.59 31.14 33.61
N VAL C 29 23.96 30.42 34.52
CA VAL C 29 22.56 30.68 34.87
C VAL C 29 22.35 32.12 35.29
N LYS C 30 23.27 32.68 36.10
CA LYS C 30 23.26 34.03 36.48
C LYS C 30 23.48 34.98 35.28
N TYR C 31 24.14 34.57 34.23
CA TYR C 31 24.38 35.38 33.05
C TYR C 31 23.14 35.52 32.16
N ALA C 32 22.65 34.40 31.66
CA ALA C 32 21.46 34.39 30.80
C ALA C 32 20.21 34.69 31.60
N LYS C 33 20.37 34.69 32.92
CA LYS C 33 19.29 34.95 33.89
C LYS C 33 18.25 35.99 33.46
N GLY C 34 18.72 37.21 33.19
CA GLY C 34 17.82 38.29 32.80
C GLY C 34 17.36 38.26 31.36
N SER C 35 18.18 37.73 30.46
CA SER C 35 17.83 37.66 29.04
C SER C 35 16.64 36.72 28.82
N GLU C 36 16.26 35.98 29.86
CA GLU C 36 15.15 35.05 29.76
C GLU C 36 13.98 35.46 30.65
N GLY C 37 13.90 36.74 30.99
CA GLY C 37 12.83 37.24 31.81
C GLY C 37 12.76 36.72 33.23
N ILE C 38 13.91 36.52 33.85
CA ILE C 38 13.95 36.01 35.23
C ILE C 38 14.82 36.91 36.12
N GLY C 39 14.19 37.58 37.09
CA GLY C 39 14.92 38.46 37.98
C GLY C 39 15.65 37.76 39.11
N ALA C 40 15.09 36.65 39.58
CA ALA C 40 15.70 35.90 40.68
C ALA C 40 15.43 34.40 40.50
N GLY C 41 16.45 33.59 40.70
CA GLY C 41 16.30 32.15 40.57
C GLY C 41 15.69 31.54 41.81
N SER C 42 14.73 30.65 41.63
CA SER C 42 14.06 29.99 42.74
C SER C 42 14.36 28.49 42.79
N ALA C 43 13.95 27.85 43.88
CA ALA C 43 14.15 26.43 44.05
C ALA C 43 13.48 25.66 42.92
N ASP C 44 12.42 26.25 42.36
CA ASP C 44 11.70 25.61 41.26
C ASP C 44 12.45 25.72 39.94
N HIS C 45 13.04 26.89 39.67
CA HIS C 45 13.80 27.07 38.44
C HIS C 45 14.92 26.04 38.43
N GLN C 46 15.50 25.82 39.61
CA GLN C 46 16.60 24.89 39.79
C GLN C 46 16.19 23.43 39.58
N LYS C 47 15.06 23.05 40.18
CA LYS C 47 14.55 21.68 40.07
C LYS C 47 14.36 21.29 38.61
N ILE C 48 13.96 22.25 37.78
CA ILE C 48 13.75 22.01 36.36
C ILE C 48 15.10 21.84 35.67
N ILE C 49 15.98 22.80 35.87
CA ILE C 49 17.31 22.76 35.27
C ILE C 49 18.01 21.45 35.63
N ASP C 50 17.96 21.08 36.91
CA ASP C 50 18.57 19.84 37.38
C ASP C 50 18.02 18.63 36.62
N PHE C 51 16.71 18.58 36.48
CA PHE C 51 16.06 17.49 35.77
C PHE C 51 16.50 17.41 34.31
N LEU C 52 16.47 18.54 33.64
CA LEU C 52 16.87 18.60 32.22
C LEU C 52 18.30 18.12 32.06
N GLN C 53 19.18 18.54 32.97
CA GLN C 53 20.58 18.13 32.89
C GLN C 53 20.76 16.64 33.16
N ASP C 54 20.03 16.10 34.14
CA ASP C 54 20.13 14.68 34.43
C ASP C 54 19.61 13.88 33.24
N TYR C 55 18.51 14.35 32.66
CA TYR C 55 17.89 13.68 31.53
C TYR C 55 18.84 13.64 30.33
N TYR C 56 19.35 14.80 29.95
CA TYR C 56 20.27 14.91 28.82
C TYR C 56 21.46 13.97 28.96
N LYS C 57 22.08 13.97 30.13
CA LYS C 57 23.23 13.11 30.40
C LYS C 57 22.87 11.64 30.28
N ALA C 58 21.62 11.32 30.63
CA ALA C 58 21.14 9.95 30.58
C ALA C 58 20.59 9.49 29.23
N ASN C 59 19.89 10.38 28.53
CA ASN C 59 19.27 10.01 27.25
C ASN C 59 19.83 10.66 25.98
N GLY C 60 20.76 11.61 26.14
CA GLY C 60 21.34 12.26 24.97
C GLY C 60 20.40 13.23 24.28
N ILE C 61 19.24 13.49 24.89
CA ILE C 61 18.28 14.42 24.33
C ILE C 61 17.53 15.16 25.43
N ALA C 62 16.84 16.23 25.06
CA ALA C 62 16.04 17.00 26.00
C ALA C 62 14.75 16.20 26.06
N PRO C 63 14.08 16.20 27.23
CA PRO C 63 12.83 15.45 27.37
C PRO C 63 11.65 16.13 26.67
N MET C 64 10.64 15.34 26.33
CA MET C 64 9.44 15.87 25.69
C MET C 64 8.74 16.72 26.75
N VAL C 65 7.91 17.67 26.30
CA VAL C 65 7.21 18.54 27.25
C VAL C 65 6.41 17.73 28.27
N ARG C 66 5.70 16.71 27.80
CA ARG C 66 4.89 15.89 28.69
C ARG C 66 5.73 15.23 29.79
N ILE C 67 6.95 14.85 29.45
CA ILE C 67 7.84 14.23 30.43
C ILE C 67 8.35 15.26 31.43
N LEU C 68 8.68 16.46 30.95
CA LEU C 68 9.17 17.52 31.82
C LEU C 68 8.12 17.83 32.88
N SER C 69 6.86 17.91 32.45
CA SER C 69 5.75 18.20 33.35
C SER C 69 5.45 17.07 34.31
N LYS C 70 5.48 15.84 33.79
CA LYS C 70 5.20 14.66 34.59
C LYS C 70 6.21 14.41 35.72
N VAL C 71 7.50 14.66 35.45
CA VAL C 71 8.45 14.41 36.41
C VAL C 71 8.54 15.54 37.47
N THR C 72 8.63 16.76 37.05
CA THR C 72 8.79 17.84 37.91
C THR C 72 7.50 18.09 38.62
N GLY C 73 6.48 17.76 37.92
CA GLY C 73 5.16 18.00 38.46
C GLY C 73 4.62 19.37 38.08
N PHE C 74 5.42 20.13 37.33
CA PHE C 74 5.04 21.48 36.90
C PHE C 74 4.24 21.43 35.61
N LYS C 75 3.05 22.01 35.62
CA LYS C 75 2.20 22.05 34.44
C LYS C 75 2.85 23.02 33.45
N LEU C 76 2.44 22.96 32.19
CA LEU C 76 3.01 23.85 31.17
C LEU C 76 2.93 25.30 31.60
N LYS C 77 1.76 25.72 32.07
CA LYS C 77 1.55 27.09 32.53
C LYS C 77 2.58 27.47 33.59
N GLN C 78 2.83 26.57 34.53
CA GLN C 78 3.80 26.83 35.58
C GLN C 78 5.22 26.96 35.02
N ILE C 79 5.54 26.12 34.04
CA ILE C 79 6.85 26.16 33.41
C ILE C 79 7.08 27.55 32.82
N TYR C 80 6.07 28.07 32.14
CA TYR C 80 6.20 29.40 31.54
C TYR C 80 6.27 30.47 32.62
N GLU C 81 5.51 30.32 33.69
CA GLU C 81 5.56 31.30 34.77
C GLU C 81 7.00 31.36 35.29
N LEU C 82 7.69 30.22 35.24
CA LEU C 82 9.07 30.15 35.70
C LEU C 82 10.05 30.57 34.60
N PHE C 83 9.76 30.18 33.37
CA PHE C 83 10.59 30.53 32.22
C PHE C 83 9.69 31.09 31.12
N PRO C 84 9.45 32.41 31.13
CA PRO C 84 8.58 33.06 30.13
C PRO C 84 8.87 32.73 28.66
N SER C 85 10.09 32.32 28.35
CA SER C 85 10.45 31.98 26.97
C SER C 85 10.03 30.54 26.66
N GLY C 86 9.59 29.83 27.70
CA GLY C 86 9.17 28.46 27.53
C GLY C 86 10.27 27.47 27.89
N PRO C 87 9.97 26.17 27.86
CA PRO C 87 10.95 25.12 28.19
C PRO C 87 12.17 25.09 27.28
N GLY C 88 11.95 25.34 25.99
CA GLY C 88 13.05 25.31 25.04
C GLY C 88 14.02 26.47 25.14
N LYS C 89 13.61 27.63 24.62
CA LYS C 89 14.43 28.83 24.63
C LYS C 89 14.79 29.27 26.04
N GLY C 90 13.93 28.94 27.01
CA GLY C 90 14.17 29.32 28.39
C GLY C 90 14.97 28.34 29.23
N ALA C 91 14.31 27.31 29.73
CA ALA C 91 14.95 26.31 30.58
C ALA C 91 16.16 25.63 29.95
N CYS C 92 15.97 25.02 28.77
CA CYS C 92 17.05 24.32 28.10
C CYS C 92 18.27 25.21 27.87
N LYS C 93 18.03 26.47 27.51
CA LYS C 93 19.14 27.39 27.30
C LYS C 93 19.92 27.59 28.60
N MET C 94 19.18 27.81 29.69
CA MET C 94 19.77 28.02 31.00
C MET C 94 20.41 26.77 31.60
N ALA C 95 19.88 25.60 31.25
CA ALA C 95 20.40 24.34 31.76
C ALA C 95 21.68 23.91 31.03
N GLY C 96 22.01 24.63 29.96
CA GLY C 96 23.20 24.33 29.19
C GLY C 96 23.03 23.32 28.07
N LEU C 97 21.88 23.01 27.73
CA LEU C 97 21.61 22.03 26.68
C LEU C 97 21.73 22.67 25.30
N PRO C 98 21.93 21.89 24.24
CA PRO C 98 22.04 22.48 22.89
C PRO C 98 20.70 23.01 22.35
N LYS C 99 20.80 24.04 21.52
CA LYS C 99 19.64 24.67 20.91
C LYS C 99 18.67 23.70 20.24
N PRO C 100 17.36 23.89 20.47
CA PRO C 100 16.30 23.04 19.89
C PRO C 100 16.36 23.07 18.36
N THR C 101 16.02 21.98 17.69
CA THR C 101 15.99 21.83 16.25
C THR C 101 14.71 21.20 15.76
N GLY C 102 14.39 21.34 14.45
CA GLY C 102 13.18 20.82 13.81
C GLY C 102 12.41 22.01 13.23
N CYS C 103 11.16 21.86 12.76
CA CYS C 103 10.48 23.16 12.41
CA CYS C 103 10.20 23.01 12.56
C CYS C 103 10.40 23.77 13.79
N VAL C 104 10.66 25.01 13.71
CA VAL C 104 10.57 25.89 14.82
C VAL C 104 11.28 25.41 16.04
N LYS D 1 -13.68 -45.26 16.51
CA LYS D 1 -13.55 -46.35 15.50
C LYS D 1 -14.68 -46.25 14.48
N HIS D 2 -15.44 -47.33 14.32
CA HIS D 2 -16.54 -47.36 13.35
C HIS D 2 -17.74 -46.42 13.61
N PRO D 3 -18.11 -46.19 14.87
CA PRO D 3 -19.25 -45.29 15.12
C PRO D 3 -18.93 -43.85 14.73
N THR D 4 -19.53 -43.39 13.62
CA THR D 4 -19.26 -42.05 13.12
C THR D 4 -20.52 -41.22 12.83
N PRO D 5 -21.29 -40.88 13.88
CA PRO D 5 -22.52 -40.09 13.70
C PRO D 5 -22.35 -38.76 12.95
N MET D 6 -21.36 -37.98 13.32
CA MET D 6 -21.15 -36.69 12.65
C MET D 6 -20.81 -36.82 11.16
N LEU D 7 -19.87 -37.69 10.84
CA LEU D 7 -19.46 -37.91 9.46
C LEU D 7 -20.60 -38.49 8.62
N ASP D 8 -21.43 -39.33 9.24
CA ASP D 8 -22.54 -39.93 8.54
C ASP D 8 -23.47 -38.86 7.96
N GLU D 9 -23.59 -37.74 8.66
CA GLU D 9 -24.44 -36.64 8.19
C GLU D 9 -23.98 -36.15 6.83
N LEU D 10 -22.68 -36.27 6.58
CA LEU D 10 -22.11 -35.82 5.33
C LEU D 10 -22.26 -36.80 4.18
N GLU D 11 -23.04 -37.86 4.40
CA GLU D 11 -23.31 -38.81 3.33
C GLU D 11 -24.64 -38.40 2.68
N LYS D 12 -25.33 -37.46 3.33
CA LYS D 12 -26.60 -36.95 2.81
C LYS D 12 -26.26 -35.83 1.81
N GLY D 13 -27.23 -35.40 1.01
CA GLY D 13 -26.97 -34.35 0.04
C GLY D 13 -26.55 -34.89 -1.33
N PRO D 14 -26.66 -34.06 -2.39
CA PRO D 14 -26.30 -34.44 -3.77
C PRO D 14 -24.82 -34.58 -4.13
N TRP D 15 -24.00 -33.62 -3.68
CA TRP D 15 -22.57 -33.62 -3.97
C TRP D 15 -21.84 -34.91 -3.56
N PRO D 16 -20.97 -35.45 -4.45
CA PRO D 16 -20.25 -36.69 -4.12
C PRO D 16 -19.61 -36.65 -2.74
N SER D 17 -20.07 -37.55 -1.87
CA SER D 17 -19.58 -37.61 -0.50
C SER D 17 -18.25 -38.33 -0.30
N PHE D 18 -17.27 -37.61 0.19
CA PHE D 18 -15.97 -38.22 0.45
C PHE D 18 -16.13 -39.28 1.52
N VAL D 19 -17.10 -39.09 2.42
CA VAL D 19 -17.36 -40.06 3.48
C VAL D 19 -17.86 -41.36 2.92
N SER D 20 -18.84 -41.29 2.02
CA SER D 20 -19.39 -42.48 1.38
C SER D 20 -18.28 -43.14 0.57
N ASP D 21 -17.43 -42.34 -0.04
CA ASP D 21 -16.34 -42.89 -0.84
C ASP D 21 -15.34 -43.61 0.06
N ILE D 22 -14.94 -43.00 1.17
CA ILE D 22 -13.99 -43.64 2.07
C ILE D 22 -14.57 -44.91 2.67
N LYS D 23 -15.86 -44.91 2.95
CA LYS D 23 -16.52 -46.10 3.51
C LYS D 23 -16.52 -47.26 2.51
N GLN D 24 -16.61 -46.95 1.22
CA GLN D 24 -16.62 -47.98 0.20
C GLN D 24 -15.25 -48.66 0.16
N GLU D 25 -14.20 -47.86 0.28
CA GLU D 25 -12.85 -48.38 0.25
C GLU D 25 -12.56 -49.22 1.49
N CYS D 26 -13.21 -48.88 2.59
CA CYS D 26 -13.03 -49.63 3.84
C CYS D 26 -13.63 -51.01 3.64
N ASP D 27 -14.83 -51.03 3.04
CA ASP D 27 -15.55 -52.26 2.77
C ASP D 27 -14.77 -53.13 1.77
N ASN D 28 -14.13 -52.47 0.82
CA ASN D 28 -13.35 -53.18 -0.20
C ASN D 28 -12.14 -53.86 0.44
N ARG D 29 -11.45 -53.15 1.32
CA ARG D 29 -10.29 -53.72 1.98
C ARG D 29 -10.67 -54.84 2.94
N ALA D 30 -11.85 -54.74 3.54
CA ALA D 30 -12.32 -55.76 4.47
C ALA D 30 -12.66 -57.03 3.69
N LYS D 31 -13.26 -56.86 2.52
CA LYS D 31 -13.63 -57.98 1.65
C LYS D 31 -12.39 -58.58 0.99
N ASN D 32 -11.46 -57.72 0.62
CA ASN D 32 -10.21 -58.13 -0.03
C ASN D 32 -10.51 -59.15 -1.14
N PRO D 33 -11.36 -58.77 -2.11
CA PRO D 33 -11.77 -59.61 -3.25
C PRO D 33 -10.61 -60.20 -4.04
N LYS D 34 -9.51 -59.46 -4.14
CA LYS D 34 -8.36 -59.93 -4.91
C LYS D 34 -7.30 -60.67 -4.08
N GLY D 35 -7.63 -60.98 -2.83
CA GLY D 35 -6.70 -61.70 -1.96
C GLY D 35 -5.34 -61.03 -1.79
N LEU D 36 -5.33 -59.71 -1.78
CA LEU D 36 -4.09 -58.97 -1.61
C LEU D 36 -3.54 -59.19 -0.21
N ASP D 37 -2.22 -59.08 -0.08
CA ASP D 37 -1.56 -59.22 1.21
C ASP D 37 -1.13 -57.80 1.58
N TYR D 38 -2.10 -57.01 2.02
CA TYR D 38 -1.86 -55.61 2.38
C TYR D 38 -0.58 -55.40 3.19
N GLN D 39 0.29 -54.51 2.73
CA GLN D 39 1.55 -54.26 3.41
C GLN D 39 1.42 -53.21 4.52
N ILE D 40 0.23 -52.59 4.83
CA ILE D 40 -0.05 -51.71 5.96
C ILE D 40 -1.39 -52.23 6.47
N PRO D 41 -1.85 -51.88 7.67
CA PRO D 41 -3.16 -52.38 8.10
C PRO D 41 -4.30 -52.23 7.06
N ALA D 42 -5.09 -53.30 6.83
CA ALA D 42 -6.24 -53.25 5.93
C ALA D 42 -7.22 -52.22 6.48
N GLU D 43 -7.21 -52.07 7.80
CA GLU D 43 -8.10 -51.12 8.47
C GLU D 43 -7.59 -49.68 8.52
N CYS D 44 -6.53 -49.38 7.77
CA CYS D 44 -6.00 -48.03 7.77
C CYS D 44 -7.09 -46.95 7.54
N PRO D 45 -7.86 -47.06 6.45
CA PRO D 45 -8.92 -46.09 6.16
C PRO D 45 -10.01 -46.04 7.24
N ASP D 46 -10.25 -47.18 7.87
CA ASP D 46 -11.25 -47.27 8.93
C ASP D 46 -10.84 -46.37 10.09
N ASP D 47 -9.55 -46.41 10.45
CA ASP D 47 -9.07 -45.58 11.55
C ASP D 47 -8.99 -44.11 11.15
N LEU D 48 -8.88 -43.86 9.84
CA LEU D 48 -8.84 -42.48 9.38
C LEU D 48 -10.21 -41.89 9.70
N LEU D 49 -11.27 -42.61 9.34
CA LEU D 49 -12.62 -42.12 9.61
C LEU D 49 -12.82 -41.92 11.12
N GLY D 50 -12.36 -42.89 11.91
CA GLY D 50 -12.49 -42.81 13.35
C GLY D 50 -11.80 -41.59 13.94
N ILE D 51 -10.65 -41.24 13.43
CA ILE D 51 -9.95 -40.12 14.04
C ILE D 51 -10.48 -38.78 13.51
N LEU D 52 -10.99 -38.86 12.31
CA LEU D 52 -11.60 -37.65 11.75
C LEU D 52 -12.87 -37.35 12.54
N GLU D 53 -13.62 -38.40 12.84
CA GLU D 53 -14.86 -38.27 13.60
C GLU D 53 -14.53 -37.64 14.96
N LEU D 54 -13.40 -38.05 15.54
CA LEU D 54 -12.97 -37.54 16.83
C LEU D 54 -12.68 -36.05 16.75
N SER D 55 -11.93 -35.66 15.72
CA SER D 55 -11.59 -34.25 15.50
C SER D 55 -12.86 -33.43 15.32
N PHE D 56 -13.88 -34.04 14.70
CA PHE D 56 -15.14 -33.33 14.48
C PHE D 56 -15.82 -33.03 15.81
N HIS D 57 -15.64 -33.92 16.78
CA HIS D 57 -16.24 -33.72 18.09
C HIS D 57 -15.47 -32.74 18.95
N GLU D 58 -14.15 -32.83 18.92
CA GLU D 58 -13.32 -31.94 19.73
C GLU D 58 -12.98 -30.63 19.02
N GLY D 59 -13.20 -30.58 17.72
CA GLY D 59 -12.91 -29.38 16.95
C GLY D 59 -11.43 -29.07 16.89
N GLU D 60 -10.66 -30.12 16.98
CA GLU D 60 -9.21 -29.96 17.06
C GLU D 60 -8.49 -31.02 16.23
N THR D 61 -7.40 -30.77 15.47
CA THR D 61 -6.69 -31.73 14.64
C THR D 61 -5.99 -32.76 15.51
N HIS D 62 -5.82 -33.97 14.99
CA HIS D 62 -5.16 -35.01 15.76
C HIS D 62 -3.90 -35.58 15.10
N TRP D 63 -3.20 -34.72 14.37
CA TRP D 63 -1.96 -35.12 13.74
C TRP D 63 -0.81 -34.43 14.45
N LYS D 64 0.22 -35.20 14.81
CA LYS D 64 1.38 -34.65 15.49
C LYS D 64 2.07 -33.64 14.58
N HIS D 65 2.84 -32.74 15.17
CA HIS D 65 3.55 -31.72 14.42
C HIS D 65 4.54 -32.33 13.42
N GLY D 66 4.53 -31.81 12.20
CA GLY D 66 5.43 -32.26 11.15
C GLY D 66 5.77 -33.73 11.01
N GLY D 67 7.01 -33.98 10.60
CA GLY D 67 7.50 -35.33 10.40
C GLY D 67 8.54 -35.27 9.29
N ILE D 68 9.59 -36.09 9.39
CA ILE D 68 10.66 -36.08 8.38
C ILE D 68 10.96 -37.46 7.83
N VAL D 69 10.37 -37.79 6.69
CA VAL D 69 10.58 -39.08 6.04
C VAL D 69 10.91 -38.85 4.57
N GLY D 70 11.34 -39.88 3.86
CA GLY D 70 11.67 -39.73 2.46
C GLY D 70 12.41 -40.91 1.87
N VAL D 71 12.90 -40.74 0.64
CA VAL D 71 13.63 -41.80 -0.04
C VAL D 71 15.04 -41.31 -0.34
N PHE D 72 16.00 -42.24 -0.30
CA PHE D 72 17.39 -41.90 -0.56
C PHE D 72 17.59 -41.21 -1.90
N GLY D 73 18.48 -40.22 -1.91
CA GLY D 73 18.78 -39.48 -3.11
C GLY D 73 18.00 -38.19 -3.26
N TYR D 74 16.83 -38.11 -2.60
CA TYR D 74 15.99 -36.92 -2.66
C TYR D 74 15.86 -36.30 -1.28
N GLY D 75 15.62 -34.99 -1.27
CA GLY D 75 15.47 -34.27 -0.02
C GLY D 75 14.03 -33.87 0.24
N GLY D 76 13.13 -34.39 -0.59
CA GLY D 76 11.72 -34.08 -0.44
C GLY D 76 10.85 -35.02 -1.24
N GLY D 77 9.55 -34.74 -1.28
CA GLY D 77 8.64 -35.59 -2.04
C GLY D 77 7.63 -36.33 -1.17
N VAL D 78 7.92 -36.48 0.10
CA VAL D 78 6.99 -37.16 1.00
C VAL D 78 6.70 -36.32 2.24
N ILE D 79 5.45 -36.18 2.53
CA ILE D 79 5.06 -35.40 3.70
C ILE D 79 4.65 -36.38 4.80
N GLY D 80 5.57 -36.67 5.73
CA GLY D 80 5.30 -37.61 6.80
C GLY D 80 4.30 -37.08 7.83
N ARG D 81 3.57 -37.99 8.46
CA ARG D 81 2.60 -37.60 9.48
C ARG D 81 2.30 -38.77 10.39
N TYR D 82 2.22 -38.48 11.68
CA TYR D 82 1.92 -39.47 12.70
C TYR D 82 0.72 -38.96 13.50
N CYS D 83 -0.24 -39.85 13.78
CA CYS D 83 -1.42 -39.45 14.54
C CYS D 83 -1.02 -39.24 16.00
N ASP D 84 -1.78 -38.42 16.73
CA ASP D 84 -1.43 -38.18 18.13
C ASP D 84 -2.16 -39.06 19.13
N GLN D 85 -2.69 -40.11 18.76
CA GLN D 85 -3.43 -41.10 19.50
C GLN D 85 -3.06 -42.48 18.91
N PRO D 86 -1.82 -42.90 18.80
CA PRO D 86 -1.39 -44.19 18.24
C PRO D 86 -2.20 -45.39 18.75
N GLU D 87 -2.40 -45.43 20.06
CA GLU D 87 -3.14 -46.53 20.69
C GLU D 87 -4.59 -46.62 20.27
N MET D 88 -5.25 -45.47 20.16
CA MET D 88 -6.65 -45.41 19.77
C MET D 88 -6.83 -45.66 18.27
N PHE D 89 -5.85 -45.25 17.47
CA PHE D 89 -5.94 -45.41 16.02
C PHE D 89 -4.64 -45.92 15.40
N PRO D 90 -4.27 -47.17 15.69
CA PRO D 90 -3.04 -47.79 15.17
C PRO D 90 -3.01 -47.79 13.65
N GLY D 91 -4.21 -47.80 13.05
CA GLY D 91 -4.32 -47.79 11.60
C GLY D 91 -3.64 -46.60 10.97
N VAL D 92 -3.60 -45.48 11.68
CA VAL D 92 -2.95 -44.28 11.13
C VAL D 92 -1.81 -43.79 12.03
N ALA D 93 -1.16 -44.72 12.74
CA ALA D 93 -0.04 -44.34 13.61
C ALA D 93 0.97 -43.62 12.72
N HIS D 94 1.11 -44.13 11.49
CA HIS D 94 1.96 -43.57 10.45
C HIS D 94 0.91 -43.31 9.38
N PHE D 95 0.96 -42.16 8.73
CA PHE D 95 -0.04 -41.89 7.69
C PHE D 95 0.58 -40.91 6.72
N HIS D 96 1.67 -41.34 6.09
CA HIS D 96 2.42 -40.49 5.18
C HIS D 96 1.77 -40.22 3.82
N THR D 97 2.01 -39.02 3.31
CA THR D 97 1.49 -38.64 2.01
C THR D 97 2.65 -38.63 1.03
N VAL D 98 2.49 -39.33 -0.09
CA VAL D 98 3.50 -39.37 -1.12
C VAL D 98 3.04 -38.50 -2.28
N ARG D 99 3.88 -37.55 -2.71
CA ARG D 99 3.53 -36.68 -3.83
C ARG D 99 4.11 -37.28 -5.10
N LEU D 100 3.24 -37.67 -6.02
CA LEU D 100 3.65 -38.30 -7.28
C LEU D 100 3.56 -37.33 -8.46
N ALA D 101 4.64 -37.23 -9.24
CA ALA D 101 4.68 -36.34 -10.40
C ALA D 101 3.61 -36.71 -11.42
N GLN D 102 2.80 -35.72 -11.81
CA GLN D 102 1.68 -35.92 -12.75
C GLN D 102 1.95 -35.40 -14.16
N PRO D 103 1.31 -36.00 -15.18
CA PRO D 103 1.53 -35.52 -16.54
C PRO D 103 0.93 -34.13 -16.71
N ALA D 104 1.57 -33.29 -17.53
CA ALA D 104 1.12 -31.92 -17.74
C ALA D 104 -0.38 -31.77 -18.10
N ALA D 105 -1.09 -30.97 -17.33
CA ALA D 105 -2.52 -30.71 -17.55
C ALA D 105 -3.38 -31.93 -17.26
N LYS D 106 -2.80 -32.90 -16.57
CA LYS D 106 -3.47 -34.10 -16.11
C LYS D 106 -4.28 -35.00 -17.07
N TYR D 107 -3.72 -35.32 -18.23
CA TYR D 107 -4.40 -36.23 -19.15
C TYR D 107 -3.93 -37.62 -18.71
N TYR D 108 -4.83 -38.59 -18.70
CA TYR D 108 -4.53 -39.96 -18.27
C TYR D 108 -5.18 -41.03 -19.13
N THR D 109 -4.70 -42.27 -18.96
CA THR D 109 -5.29 -43.43 -19.63
C THR D 109 -5.70 -44.30 -18.45
N ALA D 110 -6.70 -45.14 -18.62
CA ALA D 110 -7.16 -46.01 -17.55
C ALA D 110 -6.05 -46.99 -17.16
N GLU D 111 -5.30 -47.46 -18.14
CA GLU D 111 -4.23 -48.41 -17.88
C GLU D 111 -3.21 -47.85 -16.88
N TYR D 112 -2.86 -46.58 -17.06
CA TYR D 112 -1.88 -45.93 -16.20
C TYR D 112 -2.43 -45.73 -14.78
N LEU D 113 -3.62 -45.14 -14.67
CA LEU D 113 -4.21 -44.92 -13.35
C LEU D 113 -4.43 -46.22 -12.56
N GLU D 114 -4.88 -47.26 -13.24
CA GLU D 114 -5.12 -48.55 -12.59
C GLU D 114 -3.81 -49.16 -12.08
N ALA D 115 -2.73 -48.98 -12.86
CA ALA D 115 -1.43 -49.48 -12.44
C ALA D 115 -1.04 -48.77 -11.14
N ILE D 116 -1.28 -47.47 -11.09
CA ILE D 116 -0.96 -46.69 -9.90
C ILE D 116 -1.81 -47.21 -8.73
N CYS D 117 -3.10 -47.40 -8.97
CA CYS D 117 -4.00 -47.89 -7.94
C CYS D 117 -3.60 -49.27 -7.43
N ASP D 118 -3.06 -50.11 -8.32
CA ASP D 118 -2.63 -51.44 -7.91
C ASP D 118 -1.49 -51.36 -6.88
N VAL D 119 -0.54 -50.48 -7.14
CA VAL D 119 0.59 -50.30 -6.23
C VAL D 119 0.13 -49.73 -4.88
N TRP D 120 -0.72 -48.71 -4.94
CA TRP D 120 -1.20 -48.05 -3.72
C TRP D 120 -2.15 -48.92 -2.89
N ASP D 121 -2.96 -49.75 -3.53
CA ASP D 121 -3.87 -50.64 -2.80
C ASP D 121 -3.05 -51.61 -1.96
N LEU D 122 -1.97 -52.12 -2.55
CA LEU D 122 -1.11 -53.08 -1.86
C LEU D 122 -0.19 -52.45 -0.81
N ARG D 123 0.30 -51.24 -1.07
CA ARG D 123 1.24 -50.59 -0.15
C ARG D 123 0.76 -49.32 0.53
N GLY D 124 -0.48 -48.93 0.27
CA GLY D 124 -1.00 -47.72 0.87
C GLY D 124 -2.36 -47.90 1.51
N SER D 125 -2.98 -46.78 1.86
CA SER D 125 -4.29 -46.79 2.50
C SER D 125 -5.44 -47.01 1.53
N GLY D 126 -5.20 -46.71 0.26
CA GLY D 126 -6.26 -46.83 -0.72
C GLY D 126 -6.95 -45.48 -0.87
N LEU D 127 -6.41 -44.47 -0.18
CA LEU D 127 -6.98 -43.13 -0.27
C LEU D 127 -6.01 -42.20 -1.02
N THR D 128 -6.54 -41.18 -1.66
CA THR D 128 -5.72 -40.25 -2.42
C THR D 128 -6.35 -38.87 -2.49
N ASN D 129 -5.62 -37.94 -3.10
CA ASN D 129 -6.12 -36.60 -3.36
C ASN D 129 -5.87 -36.52 -4.84
N MET D 130 -6.93 -36.51 -5.64
CA MET D 130 -6.65 -36.43 -7.03
C MET D 130 -6.40 -35.00 -7.35
N HIS D 131 -5.12 -34.76 -7.11
CA HIS D 131 -4.37 -33.56 -7.29
C HIS D 131 -4.35 -32.53 -6.19
N GLY D 132 -3.17 -32.45 -5.56
CA GLY D 132 -2.95 -31.48 -4.53
C GLY D 132 -2.99 -30.20 -5.34
N SER D 133 -3.24 -29.09 -4.68
CA SER D 133 -3.35 -27.79 -5.34
C SER D 133 -2.19 -27.38 -6.23
N THR D 134 -1.00 -27.92 -6.00
CA THR D 134 0.13 -27.56 -6.84
C THR D 134 0.15 -28.44 -8.10
N GLY D 135 -0.60 -29.55 -8.08
CA GLY D 135 -0.66 -30.41 -9.25
C GLY D 135 -0.37 -31.90 -9.07
N ASP D 136 0.43 -32.24 -8.07
CA ASP D 136 0.80 -33.64 -7.81
C ASP D 136 -0.35 -34.59 -7.55
N ILE D 137 -0.20 -35.84 -7.92
CA ILE D 137 -1.12 -36.93 -7.60
C ILE D 137 -0.76 -37.16 -6.15
N VAL D 138 -1.73 -37.25 -5.28
CA VAL D 138 -1.47 -37.49 -3.86
C VAL D 138 -1.88 -38.86 -3.33
N LEU D 139 -0.92 -39.60 -2.79
CA LEU D 139 -1.20 -40.91 -2.23
C LEU D 139 -1.28 -40.65 -0.73
N LEU D 140 -2.51 -40.63 -0.23
CA LEU D 140 -2.79 -40.29 1.16
C LEU D 140 -2.69 -41.39 2.22
N GLY D 141 -1.54 -41.49 2.87
CA GLY D 141 -1.40 -42.44 3.95
C GLY D 141 -0.73 -43.79 3.82
N THR D 142 0.49 -43.89 4.33
CA THR D 142 1.21 -45.15 4.32
C THR D 142 2.19 -45.16 5.50
N GLN D 143 2.89 -46.27 5.67
CA GLN D 143 3.87 -46.42 6.74
C GLN D 143 5.26 -46.24 6.16
N THR D 144 6.21 -45.84 6.99
CA THR D 144 7.57 -45.57 6.55
C THR D 144 8.25 -46.67 5.72
N PRO D 145 8.17 -47.93 6.17
CA PRO D 145 8.83 -48.99 5.38
C PRO D 145 8.40 -49.09 3.92
N GLN D 146 7.20 -48.59 3.60
CA GLN D 146 6.71 -48.68 2.23
C GLN D 146 7.19 -47.56 1.30
N LEU D 147 7.72 -46.49 1.87
CA LEU D 147 8.17 -45.38 1.03
C LEU D 147 9.16 -45.83 -0.04
N GLU D 148 10.23 -46.53 0.37
CA GLU D 148 11.22 -46.99 -0.60
C GLU D 148 10.61 -48.03 -1.55
N GLU D 149 9.71 -48.85 -1.04
CA GLU D 149 9.08 -49.88 -1.86
C GLU D 149 8.24 -49.23 -2.94
N ILE D 150 7.46 -48.32 -2.61
CA ILE D 150 6.61 -47.58 -3.54
C ILE D 150 7.48 -46.81 -4.53
N PHE D 151 8.53 -46.13 -4.08
CA PHE D 151 9.39 -45.42 -5.01
C PHE D 151 10.04 -46.39 -6.00
N PHE D 152 10.44 -47.57 -5.54
CA PHE D 152 11.07 -48.55 -6.42
C PHE D 152 10.10 -48.98 -7.53
N GLU D 153 8.85 -49.51 -7.12
CA GLU D 153 7.86 -49.88 -8.13
C GLU D 153 7.49 -48.69 -9.02
N MET D 154 7.29 -47.50 -8.57
CA MET D 154 6.96 -46.34 -9.40
C MET D 154 8.01 -46.03 -10.47
N THR D 155 9.28 -46.04 -10.10
CA THR D 155 10.33 -45.74 -11.06
C THR D 155 10.56 -46.89 -12.04
N HIS D 156 10.78 -48.09 -11.50
CA HIS D 156 11.05 -49.28 -12.32
C HIS D 156 9.90 -49.84 -13.15
N ASN D 157 8.68 -49.81 -12.63
CA ASN D 157 7.56 -50.38 -13.37
C ASN D 157 6.64 -49.36 -14.03
N LEU D 158 6.61 -48.19 -13.46
CA LEU D 158 5.69 -47.19 -13.98
C LEU D 158 6.37 -45.96 -14.57
N ASN D 159 7.70 -45.97 -14.58
CA ASN D 159 8.50 -44.85 -15.08
C ASN D 159 7.95 -43.53 -14.54
N THR D 160 7.59 -43.52 -13.25
CA THR D 160 7.06 -42.32 -12.63
C THR D 160 7.87 -41.90 -11.40
N ASP D 161 8.19 -40.62 -11.33
CA ASP D 161 8.98 -40.05 -10.23
C ASP D 161 8.12 -39.38 -9.15
N LEU D 162 8.78 -38.90 -8.10
CA LEU D 162 8.08 -38.21 -7.02
C LEU D 162 7.96 -36.73 -7.37
N GLY D 163 7.03 -36.05 -6.70
CA GLY D 163 6.81 -34.63 -6.90
C GLY D 163 7.73 -33.86 -5.96
N GLY D 164 7.51 -32.56 -5.80
CA GLY D 164 8.39 -31.78 -4.94
C GLY D 164 7.82 -31.27 -3.62
N SER D 165 8.71 -31.09 -2.65
CA SER D 165 8.35 -30.56 -1.34
C SER D 165 9.64 -30.03 -0.70
N GLY D 166 9.51 -29.03 0.15
CA GLY D 166 10.70 -28.47 0.80
C GLY D 166 11.12 -27.15 0.18
N SER D 167 12.33 -26.71 0.52
CA SER D 167 12.87 -25.45 0.02
C SER D 167 13.56 -25.63 -1.32
N ASN D 168 12.78 -26.02 -2.32
CA ASN D 168 13.29 -26.25 -3.66
C ASN D 168 12.21 -25.93 -4.67
N LEU D 169 12.39 -26.41 -5.90
CA LEU D 169 11.42 -26.20 -6.96
C LEU D 169 10.32 -27.23 -6.82
N ARG D 170 9.08 -26.76 -6.72
CA ARG D 170 7.93 -27.64 -6.60
C ARG D 170 7.47 -28.09 -7.98
N THR D 171 6.55 -29.05 -8.00
CA THR D 171 6.00 -29.57 -9.24
C THR D 171 5.36 -28.48 -10.10
N PRO D 172 5.79 -28.34 -11.35
CA PRO D 172 5.18 -27.30 -12.19
C PRO D 172 3.86 -27.82 -12.79
N GLU D 173 2.97 -26.93 -13.17
CA GLU D 173 1.70 -27.35 -13.77
C GLU D 173 1.25 -26.27 -14.75
N SER D 174 0.46 -26.67 -15.74
CA SER D 174 -0.01 -25.73 -16.74
C SER D 174 -1.49 -25.89 -17.00
N CYS D 175 -2.09 -24.94 -17.72
CA CYS D 175 -3.49 -25.06 -18.09
C CYS D 175 -3.37 -26.09 -19.21
N LEU D 176 -4.50 -26.57 -19.75
CA LEU D 176 -4.48 -27.56 -20.83
C LEU D 176 -3.89 -27.04 -22.16
N GLY D 177 -3.64 -25.74 -22.22
CA GLY D 177 -3.06 -25.12 -23.40
C GLY D 177 -3.62 -25.44 -24.77
N ILE D 178 -2.72 -25.76 -25.71
CA ILE D 178 -3.12 -26.06 -27.08
C ILE D 178 -3.84 -27.40 -27.24
N SER D 179 -3.80 -28.26 -26.22
CA SER D 179 -4.45 -29.56 -26.31
C SER D 179 -5.94 -29.46 -26.58
N ARG D 180 -6.60 -28.46 -25.99
CA ARG D 180 -8.04 -28.32 -26.20
C ARG D 180 -8.55 -26.90 -25.94
N CYS D 181 -7.81 -25.90 -26.42
CA CYS D 181 -8.24 -24.52 -26.27
C CYS D 181 -7.79 -23.65 -27.44
N GLU D 182 -8.70 -22.84 -27.96
CA GLU D 182 -8.38 -22.00 -29.09
C GLU D 182 -7.78 -20.63 -28.71
N PHE D 183 -7.66 -20.36 -27.41
CA PHE D 183 -7.10 -19.09 -26.96
C PHE D 183 -5.60 -19.22 -26.67
N ALA D 184 -5.13 -20.46 -26.53
CA ALA D 184 -3.72 -20.74 -26.21
C ALA D 184 -2.69 -20.08 -27.12
N CYS D 185 -1.80 -19.30 -26.53
CA CYS D 185 -0.78 -18.58 -27.28
C CYS D 185 0.55 -19.31 -27.43
N TYR D 186 0.73 -20.38 -26.66
CA TYR D 186 1.92 -21.21 -26.73
C TYR D 186 1.58 -22.57 -26.13
N ASP D 187 2.43 -23.56 -26.36
CA ASP D 187 2.22 -24.92 -25.86
C ASP D 187 2.60 -25.00 -24.38
N THR D 188 1.65 -24.63 -23.53
CA THR D 188 1.86 -24.61 -22.09
C THR D 188 2.33 -25.95 -21.52
N GLN D 189 1.71 -27.03 -21.96
CA GLN D 189 2.07 -28.35 -21.49
C GLN D 189 3.51 -28.74 -21.79
N LEU D 190 3.96 -28.46 -23.01
CA LEU D 190 5.33 -28.81 -23.39
C LEU D 190 6.35 -28.00 -22.59
N MET D 191 6.09 -26.70 -22.41
CA MET D 191 7.01 -25.89 -21.64
C MET D 191 7.07 -26.47 -20.23
N CYS D 192 5.90 -26.72 -19.65
CA CYS D 192 5.82 -27.29 -18.30
C CYS D 192 6.60 -28.61 -18.22
N TYR D 193 6.37 -29.49 -19.19
CA TYR D 193 7.05 -30.79 -19.20
C TYR D 193 8.56 -30.66 -19.37
N GLN D 194 8.99 -29.81 -20.30
CA GLN D 194 10.43 -29.69 -20.51
C GLN D 194 11.19 -29.10 -19.34
N LEU D 195 10.66 -28.05 -18.73
CA LEU D 195 11.34 -27.43 -17.60
C LEU D 195 11.34 -28.34 -16.38
N THR D 196 10.28 -29.13 -16.21
CA THR D 196 10.19 -30.06 -15.09
C THR D 196 11.33 -31.07 -15.20
N GLN D 197 11.58 -31.52 -16.41
CA GLN D 197 12.66 -32.47 -16.65
C GLN D 197 13.99 -31.73 -16.55
N ASP D 198 14.07 -30.55 -17.15
CA ASP D 198 15.31 -29.78 -17.11
C ASP D 198 15.78 -29.50 -15.69
N TYR D 199 14.85 -29.20 -14.79
CA TYR D 199 15.22 -28.88 -13.42
C TYR D 199 14.95 -29.95 -12.36
N GLN D 200 15.06 -31.21 -12.77
CA GLN D 200 14.83 -32.32 -11.86
C GLN D 200 15.73 -32.24 -10.63
N ASP D 201 16.97 -31.79 -10.82
CA ASP D 201 17.91 -31.66 -9.71
C ASP D 201 17.39 -30.66 -8.66
N GLU D 202 16.99 -29.50 -9.13
CA GLU D 202 16.46 -28.45 -8.27
C GLU D 202 15.13 -28.81 -7.60
N LEU D 203 14.41 -29.79 -8.18
CA LEU D 203 13.13 -30.18 -7.61
C LEU D 203 13.22 -31.27 -6.55
N HIS D 204 14.19 -32.17 -6.71
CA HIS D 204 14.36 -33.27 -5.77
C HIS D 204 15.33 -32.97 -4.62
N ARG D 205 16.26 -32.05 -4.84
CA ARG D 205 17.24 -31.70 -3.82
C ARG D 205 17.22 -30.22 -3.46
N PRO D 206 16.57 -29.88 -2.33
CA PRO D 206 16.41 -28.53 -1.78
C PRO D 206 17.70 -27.73 -1.72
N ALA D 207 17.82 -26.77 -2.61
CA ALA D 207 19.02 -25.94 -2.67
C ALA D 207 18.68 -24.47 -2.58
N PHE D 208 17.39 -24.18 -2.38
CA PHE D 208 16.92 -22.80 -2.33
C PHE D 208 16.63 -22.27 -0.93
N PRO D 209 16.65 -20.94 -0.80
CA PRO D 209 16.35 -20.30 0.49
C PRO D 209 14.98 -20.74 0.96
N TYR D 210 14.15 -21.06 -0.03
CA TYR D 210 12.84 -21.48 0.28
C TYR D 210 12.17 -22.11 -0.94
N LYS D 211 10.88 -22.41 -0.83
CA LYS D 211 10.08 -22.99 -1.85
C LYS D 211 10.03 -22.04 -3.14
N PHE D 212 9.86 -22.66 -4.31
CA PHE D 212 9.76 -21.90 -5.56
C PHE D 212 8.80 -22.67 -6.48
N LYS D 213 7.88 -21.95 -7.11
CA LYS D 213 6.90 -22.59 -7.98
C LYS D 213 6.81 -22.01 -9.40
N PHE D 214 6.54 -22.91 -10.36
CA PHE D 214 6.39 -22.59 -11.78
C PHE D 214 4.93 -22.90 -12.17
N LYS D 215 4.29 -22.00 -12.90
CA LYS D 215 2.93 -22.27 -13.40
C LYS D 215 2.81 -21.60 -14.78
N PHE D 216 2.21 -22.31 -15.73
CA PHE D 216 2.10 -21.80 -17.09
C PHE D 216 0.67 -21.66 -17.63
N ASP D 217 0.29 -20.43 -17.95
CA ASP D 217 -1.04 -20.13 -18.50
C ASP D 217 -0.94 -19.80 -19.99
N GLY D 218 -1.83 -20.40 -20.79
CA GLY D 218 -1.85 -20.15 -22.22
C GLY D 218 -2.26 -18.74 -22.60
N CYS D 219 -2.94 -18.06 -21.69
CA CYS D 219 -3.40 -16.68 -21.92
C CYS D 219 -3.84 -16.06 -20.58
N PRO D 220 -4.10 -14.75 -20.57
CA PRO D 220 -4.52 -14.02 -19.36
C PRO D 220 -5.73 -14.54 -18.56
N ASN D 221 -6.49 -15.47 -19.12
CA ASN D 221 -7.64 -15.98 -18.38
C ASN D 221 -7.16 -16.71 -17.12
N GLY D 222 -5.91 -17.19 -17.19
CA GLY D 222 -5.29 -17.86 -16.04
C GLY D 222 -5.94 -19.10 -15.48
N CYS D 223 -6.11 -20.11 -16.33
CA CYS D 223 -6.74 -21.33 -15.87
C CYS D 223 -5.96 -22.18 -14.87
N VAL D 224 -4.67 -21.90 -14.71
CA VAL D 224 -3.88 -22.61 -13.69
C VAL D 224 -3.48 -21.61 -12.62
N ALA D 225 -3.99 -20.39 -12.75
CA ALA D 225 -3.75 -19.31 -11.78
C ALA D 225 -2.28 -19.05 -11.49
N SER D 226 -1.44 -19.11 -12.52
CA SER D 226 -0.01 -18.87 -12.33
C SER D 226 0.30 -17.56 -11.60
N MET D 227 -0.14 -16.42 -11.86
CA MET D 227 0.24 -15.13 -11.26
C MET D 227 -0.42 -14.78 -9.93
N ALA D 228 -1.05 -15.85 -9.41
CA ALA D 228 -1.43 -16.01 -8.04
C ALA D 228 -0.76 -17.14 -7.17
N ARG D 229 -0.49 -18.22 -7.82
CA ARG D 229 0.05 -19.39 -7.12
C ARG D 229 1.39 -19.94 -7.58
N SER D 230 2.21 -19.10 -8.23
CA SER D 230 3.55 -19.49 -8.65
C SER D 230 4.49 -18.27 -8.51
N ASP D 231 5.74 -18.55 -8.14
CA ASP D 231 6.75 -17.50 -7.96
C ASP D 231 7.17 -16.96 -9.31
N PHE D 232 7.09 -17.82 -10.33
CA PHE D 232 7.47 -17.50 -11.71
C PHE D 232 6.30 -17.90 -12.60
N ALA D 233 5.53 -16.91 -13.06
CA ALA D 233 4.37 -17.19 -13.91
C ALA D 233 4.63 -16.85 -15.37
N VAL D 234 4.24 -17.77 -16.26
CA VAL D 234 4.37 -17.56 -17.70
C VAL D 234 2.95 -17.51 -18.28
N ILE D 235 2.57 -16.38 -18.80
CA ILE D 235 1.20 -16.19 -19.28
C ILE D 235 1.20 -15.75 -20.75
N GLY D 236 0.79 -16.59 -21.65
CA GLY D 236 0.84 -16.29 -23.07
C GLY D 236 0.00 -15.10 -23.52
N THR D 237 0.40 -14.52 -24.65
CA THR D 237 -0.31 -13.40 -25.25
C THR D 237 0.22 -13.28 -26.68
N TRP D 238 -0.22 -12.24 -27.39
CA TRP D 238 0.25 -12.02 -28.76
C TRP D 238 0.64 -10.55 -28.90
N LYS D 239 1.39 -10.23 -29.95
CA LYS D 239 1.84 -8.87 -30.17
C LYS D 239 1.16 -8.16 -31.34
N ASP D 240 0.55 -8.91 -32.25
CA ASP D 240 -0.13 -8.29 -33.39
C ASP D 240 -1.62 -8.00 -33.12
N ASP D 241 -2.43 -7.95 -34.16
CA ASP D 241 -3.85 -7.63 -34.02
C ASP D 241 -4.84 -8.76 -33.75
N ILE D 242 -5.97 -8.41 -33.13
CA ILE D 242 -7.04 -9.38 -32.87
C ILE D 242 -7.63 -9.67 -34.25
N LYS D 243 -7.92 -10.92 -34.55
CA LYS D 243 -8.50 -11.26 -35.86
C LYS D 243 -10.03 -11.10 -35.78
N ILE D 244 -10.60 -10.39 -36.75
CA ILE D 244 -12.03 -10.14 -36.77
C ILE D 244 -12.71 -10.63 -38.06
N ASP D 245 -13.74 -11.45 -37.89
CA ASP D 245 -14.51 -11.97 -39.03
C ASP D 245 -15.88 -11.30 -38.89
N GLN D 246 -16.13 -10.29 -39.70
CA GLN D 246 -17.40 -9.55 -39.66
C GLN D 246 -18.64 -10.42 -39.85
N GLU D 247 -18.49 -11.51 -40.62
CA GLU D 247 -19.53 -12.42 -40.88
C GLU D 247 -19.96 -13.15 -39.48
N ALA D 248 -18.97 -13.44 -38.75
CA ALA D 248 -19.19 -14.10 -37.47
C ALA D 248 -19.77 -13.06 -36.53
N VAL D 249 -19.32 -11.81 -36.66
CA VAL D 249 -19.84 -10.74 -35.82
C VAL D 249 -21.36 -10.59 -36.00
N LYS D 250 -21.80 -10.63 -37.22
CA LYS D 250 -23.14 -10.53 -37.62
C LYS D 250 -24.01 -11.73 -37.04
N ALA D 251 -23.40 -12.88 -36.97
CA ALA D 251 -24.10 -14.06 -36.47
C ALA D 251 -24.37 -13.87 -34.96
N TYR D 252 -23.48 -13.14 -34.29
CA TYR D 252 -23.67 -12.86 -32.87
C TYR D 252 -24.79 -11.85 -32.72
N VAL D 253 -24.74 -10.80 -33.55
CA VAL D 253 -25.77 -9.76 -33.51
C VAL D 253 -27.12 -10.36 -33.89
N GLY D 254 -27.10 -11.31 -34.82
CA GLY D 254 -28.33 -11.95 -35.25
C GLY D 254 -28.88 -12.96 -34.25
N GLY D 255 -28.04 -13.42 -33.34
CA GLY D 255 -28.49 -14.39 -32.36
C GLY D 255 -28.13 -15.83 -32.69
N GLU D 256 -27.57 -16.08 -33.88
CA GLU D 256 -27.20 -17.44 -34.26
C GLU D 256 -26.04 -17.97 -33.41
N PHE D 257 -25.08 -17.10 -33.10
CA PHE D 257 -23.95 -17.46 -32.23
C PHE D 257 -24.24 -16.83 -30.86
N LYS D 258 -24.21 -17.63 -29.81
CA LYS D 258 -24.49 -17.12 -28.47
C LYS D 258 -23.26 -16.51 -27.79
N PRO D 259 -23.44 -15.35 -27.13
CA PRO D 259 -22.32 -14.69 -26.44
C PRO D 259 -21.63 -15.60 -25.44
N ASN D 260 -20.31 -15.43 -25.33
CA ASN D 260 -19.50 -16.22 -24.40
C ASN D 260 -19.74 -17.73 -24.58
N ALA D 261 -19.94 -18.17 -25.81
CA ALA D 261 -20.17 -19.59 -26.11
C ALA D 261 -21.32 -20.22 -25.31
N GLY D 262 -22.27 -19.40 -24.89
CA GLY D 262 -23.42 -19.93 -24.15
C GLY D 262 -23.18 -20.08 -22.66
N ALA D 263 -22.17 -19.39 -22.13
CA ALA D 263 -21.84 -19.48 -20.71
C ALA D 263 -22.94 -18.95 -19.79
N HIS D 264 -23.84 -18.13 -20.32
CA HIS D 264 -24.91 -17.55 -19.50
C HIS D 264 -26.32 -17.99 -19.90
N ALA D 265 -26.43 -19.15 -20.54
CA ALA D 265 -27.73 -19.68 -20.99
C ALA D 265 -28.75 -19.95 -19.89
N GLY D 266 -28.30 -20.08 -18.65
CA GLY D 266 -29.21 -20.36 -17.56
C GLY D 266 -30.09 -19.22 -17.09
N ARG D 267 -29.92 -18.02 -17.64
CA ARG D 267 -30.75 -16.90 -17.24
C ARG D 267 -31.10 -16.07 -18.45
N ASP D 268 -32.27 -15.48 -18.43
CA ASP D 268 -32.72 -14.64 -19.54
C ASP D 268 -32.15 -13.23 -19.36
N TRP D 269 -30.97 -13.00 -19.92
CA TRP D 269 -30.35 -11.69 -19.84
C TRP D 269 -30.87 -10.80 -20.97
N GLY D 270 -31.45 -11.41 -21.99
CA GLY D 270 -31.97 -10.67 -23.12
C GLY D 270 -31.13 -10.98 -24.35
N LYS D 271 -31.52 -10.51 -25.50
CA LYS D 271 -30.84 -10.71 -26.73
C LYS D 271 -29.46 -10.00 -26.67
N PHE D 272 -28.47 -10.60 -27.28
CA PHE D 272 -27.14 -10.03 -27.30
C PHE D 272 -27.16 -8.55 -27.71
N ASP D 273 -26.31 -7.75 -27.06
CA ASP D 273 -26.19 -6.32 -27.34
C ASP D 273 -24.70 -6.07 -27.41
N ILE D 274 -24.12 -6.04 -28.54
CA ILE D 274 -22.68 -5.92 -28.73
C ILE D 274 -22.12 -4.63 -28.15
N GLU D 275 -23.00 -3.66 -28.20
CA GLU D 275 -22.57 -2.39 -27.64
C GLU D 275 -22.45 -2.43 -26.12
N ALA D 276 -23.49 -2.92 -25.45
CA ALA D 276 -23.46 -2.99 -23.99
C ALA D 276 -22.59 -4.12 -23.42
N GLU D 277 -22.42 -5.21 -24.16
CA GLU D 277 -21.65 -6.36 -23.67
C GLU D 277 -20.20 -6.48 -24.11
N VAL D 278 -19.80 -5.76 -25.15
CA VAL D 278 -18.43 -5.82 -25.65
C VAL D 278 -17.77 -4.44 -25.79
N VAL D 279 -18.23 -3.68 -26.78
CA VAL D 279 -17.67 -2.35 -27.01
C VAL D 279 -17.64 -1.51 -25.75
N GLY D 280 -18.77 -1.49 -25.04
CA GLY D 280 -18.90 -0.70 -23.83
C GLY D 280 -18.18 -1.20 -22.61
N LEU D 281 -17.78 -2.47 -22.59
CA LEU D 281 -17.07 -3.04 -21.43
C LEU D 281 -15.56 -3.12 -21.62
N CYS D 282 -15.09 -2.92 -22.85
CA CYS D 282 -13.65 -2.94 -23.14
C CYS D 282 -12.97 -1.95 -22.20
N PRO D 283 -12.03 -2.43 -21.36
CA PRO D 283 -11.32 -1.57 -20.41
C PRO D 283 -10.66 -0.32 -21.00
N THR D 284 -10.18 -0.39 -22.24
CA THR D 284 -9.53 0.77 -22.85
C THR D 284 -10.42 1.52 -23.82
N GLY D 285 -11.62 1.00 -24.06
CA GLY D 285 -12.52 1.64 -25.00
C GLY D 285 -11.89 1.78 -26.38
N CYS D 286 -11.08 0.80 -26.77
CA CYS D 286 -10.39 0.84 -28.06
C CYS D 286 -11.19 0.20 -29.19
N MET D 287 -12.43 -0.20 -28.89
CA MET D 287 -13.27 -0.85 -29.91
C MET D 287 -14.30 0.13 -30.49
N THR D 288 -14.72 -0.14 -31.72
CA THR D 288 -15.72 0.68 -32.40
C THR D 288 -16.73 -0.20 -33.11
N TYR D 289 -17.98 0.23 -33.12
CA TYR D 289 -19.03 -0.50 -33.81
C TYR D 289 -19.86 0.52 -34.56
N GLU D 290 -19.66 0.44 -35.85
CA GLU D 290 -20.34 1.44 -36.66
C GLU D 290 -20.70 0.89 -38.03
N SER D 291 -21.95 1.29 -38.54
CA SER D 291 -22.44 0.79 -39.82
C SER D 291 -22.35 -0.74 -39.85
N GLY D 292 -22.60 -1.36 -38.71
CA GLY D 292 -22.56 -2.81 -38.62
C GLY D 292 -21.19 -3.46 -38.57
N THR D 293 -20.13 -2.65 -38.66
CA THR D 293 -18.77 -3.18 -38.63
C THR D 293 -18.06 -2.99 -37.29
N LEU D 294 -17.40 -4.06 -36.82
CA LEU D 294 -16.66 -4.02 -35.56
C LEU D 294 -15.18 -3.83 -35.82
N SER D 295 -14.58 -2.88 -35.11
CA SER D 295 -13.15 -2.58 -35.25
C SER D 295 -12.48 -2.43 -33.89
N ILE D 296 -11.21 -2.58 -33.86
CA ILE D 296 -10.40 -2.52 -32.63
C ILE D 296 -9.12 -1.74 -32.88
N ASP D 297 -8.88 -0.84 -32.10
CA ASP D 297 -7.67 -0.02 -32.22
C ASP D 297 -6.62 -0.77 -31.42
N ASN D 298 -6.09 -1.83 -32.03
CA ASN D 298 -5.10 -2.69 -31.38
C ASN D 298 -3.98 -2.02 -30.60
N LYS D 299 -3.55 -0.84 -31.05
CA LYS D 299 -2.48 -0.13 -30.35
C LYS D 299 -2.89 0.19 -28.92
N ASN D 300 -4.19 0.37 -28.70
CA ASN D 300 -4.68 0.69 -27.37
C ASN D 300 -5.40 -0.47 -26.70
N CYS D 301 -5.19 -1.67 -27.25
CA CYS D 301 -5.77 -2.90 -26.72
C CYS D 301 -4.80 -3.48 -25.69
N THR D 302 -5.29 -3.81 -24.49
CA THR D 302 -4.43 -4.39 -23.47
C THR D 302 -4.52 -5.91 -23.49
N ARG D 303 -5.29 -6.43 -24.42
CA ARG D 303 -5.46 -7.88 -24.60
C ARG D 303 -5.96 -8.57 -23.34
N CYS D 304 -6.95 -7.95 -22.71
CA CYS D 304 -7.52 -8.50 -21.48
C CYS D 304 -8.34 -9.76 -21.73
N MET D 305 -8.64 -10.03 -23.01
CA MET D 305 -9.39 -11.21 -23.45
C MET D 305 -10.92 -11.10 -23.44
N HIS D 306 -11.46 -10.06 -22.81
CA HIS D 306 -12.91 -9.96 -22.74
C HIS D 306 -13.67 -10.08 -24.04
N CYS D 307 -13.30 -9.30 -25.06
CA CYS D 307 -14.02 -9.39 -26.33
C CYS D 307 -13.89 -10.79 -26.95
N ILE D 308 -12.81 -11.34 -26.92
CA ILE D 308 -12.53 -12.67 -27.44
C ILE D 308 -13.31 -13.72 -26.66
N ASN D 309 -13.28 -13.61 -25.36
CA ASN D 309 -14.04 -14.50 -24.50
C ASN D 309 -15.54 -14.44 -24.82
N THR D 310 -16.03 -13.25 -25.15
CA THR D 310 -17.45 -13.04 -25.43
C THR D 310 -17.91 -13.44 -26.83
N MET D 311 -17.04 -13.27 -27.82
CA MET D 311 -17.36 -13.62 -29.22
C MET D 311 -16.23 -14.47 -29.79
N PRO D 312 -15.94 -15.60 -29.15
CA PRO D 312 -14.86 -16.51 -29.56
C PRO D 312 -14.86 -17.01 -31.01
N ARG D 313 -16.03 -17.02 -31.66
CA ARG D 313 -16.07 -17.46 -33.05
C ARG D 313 -15.76 -16.31 -34.03
N ALA D 314 -15.86 -15.07 -33.54
CA ALA D 314 -15.63 -13.90 -34.38
C ALA D 314 -14.29 -13.20 -34.17
N LEU D 315 -13.83 -13.18 -32.92
CA LEU D 315 -12.57 -12.53 -32.55
C LEU D 315 -11.56 -13.59 -32.11
N LYS D 316 -10.38 -13.57 -32.73
CA LYS D 316 -9.34 -14.55 -32.40
C LYS D 316 -8.04 -13.89 -31.97
N ILE D 317 -7.21 -14.63 -31.25
CA ILE D 317 -5.91 -14.14 -30.80
C ILE D 317 -5.05 -13.90 -32.03
N GLY D 318 -3.95 -13.17 -31.86
CA GLY D 318 -3.06 -12.88 -32.97
C GLY D 318 -2.15 -14.05 -33.34
N ASP D 319 -1.37 -13.87 -34.40
CA ASP D 319 -0.43 -14.88 -34.88
C ASP D 319 0.98 -14.74 -34.31
N GLU D 320 1.35 -13.51 -33.96
CA GLU D 320 2.69 -13.25 -33.41
C GLU D 320 2.58 -13.44 -31.90
N ARG D 321 2.77 -14.69 -31.48
CA ARG D 321 2.62 -15.10 -30.09
C ARG D 321 3.89 -15.23 -29.26
N GLY D 322 3.72 -15.13 -27.95
CA GLY D 322 4.81 -15.25 -27.00
C GLY D 322 4.19 -15.32 -25.63
N ALA D 323 4.86 -14.76 -24.63
CA ALA D 323 4.33 -14.77 -23.27
C ALA D 323 4.93 -13.67 -22.41
N SER D 324 4.32 -13.45 -21.25
CA SER D 324 4.79 -12.45 -20.28
C SER D 324 5.26 -13.23 -19.07
N ILE D 325 6.23 -12.66 -18.35
CA ILE D 325 6.75 -13.28 -17.13
C ILE D 325 6.46 -12.38 -15.93
N LEU D 326 5.64 -12.87 -15.01
CA LEU D 326 5.27 -12.09 -13.83
C LEU D 326 5.78 -12.91 -12.64
N VAL D 327 6.38 -12.23 -11.67
CA VAL D 327 6.98 -12.95 -10.56
C VAL D 327 6.69 -12.45 -9.14
N GLY D 328 6.94 -13.34 -8.17
CA GLY D 328 6.75 -12.98 -6.78
C GLY D 328 5.44 -13.27 -6.11
N ALA D 329 4.50 -13.90 -6.80
CA ALA D 329 3.21 -14.21 -6.18
C ALA D 329 3.45 -15.14 -4.99
N LYS D 330 2.63 -14.99 -3.95
CA LYS D 330 2.72 -15.83 -2.75
C LYS D 330 1.54 -15.58 -1.82
N ALA D 331 1.33 -16.50 -0.89
CA ALA D 331 0.25 -16.37 0.08
C ALA D 331 0.75 -15.41 1.14
N PRO D 332 -0.06 -15.00 2.05
CA PRO D 332 0.37 -14.08 3.09
C PRO D 332 1.70 -14.23 3.92
N VAL D 333 1.88 -15.33 4.65
CA VAL D 333 3.05 -15.47 5.50
C VAL D 333 4.33 -15.25 4.70
N LEU D 334 5.18 -14.32 5.13
CA LEU D 334 5.01 -13.51 6.31
C LEU D 334 4.41 -12.00 6.13
N ASP D 335 4.99 -11.24 5.20
CA ASP D 335 4.73 -9.86 4.80
C ASP D 335 3.49 -9.53 3.96
N GLY D 336 2.60 -10.48 3.76
CA GLY D 336 1.40 -10.18 2.99
C GLY D 336 1.30 -10.87 1.64
N ALA D 337 0.08 -11.14 1.23
CA ALA D 337 -0.17 -11.80 -0.06
C ALA D 337 0.40 -10.99 -1.21
N GLN D 338 0.77 -11.69 -2.28
CA GLN D 338 1.34 -11.06 -3.45
C GLN D 338 0.94 -11.79 -4.73
N MET D 339 0.62 -11.01 -5.75
CA MET D 339 0.29 -11.60 -7.05
C MET D 339 1.51 -11.30 -7.90
N GLY D 340 1.64 -11.99 -9.03
CA GLY D 340 2.79 -11.78 -9.88
C GLY D 340 2.92 -10.36 -10.40
N SER D 341 4.14 -9.84 -10.37
CA SER D 341 4.44 -8.49 -10.87
C SER D 341 5.12 -8.64 -12.22
N LEU D 342 4.58 -7.96 -13.23
CA LEU D 342 5.12 -8.04 -14.58
C LEU D 342 6.61 -7.73 -14.65
N LEU D 343 7.38 -8.64 -15.24
CA LEU D 343 8.83 -8.47 -15.36
C LEU D 343 9.23 -8.35 -16.83
N ILE D 344 8.83 -9.34 -17.62
CA ILE D 344 9.13 -9.33 -19.06
C ILE D 344 7.77 -9.25 -19.79
N PRO D 345 7.43 -8.07 -20.33
CA PRO D 345 6.16 -7.92 -21.03
C PRO D 345 5.92 -8.92 -22.14
N PHE D 346 6.96 -9.20 -22.94
CA PHE D 346 6.81 -10.13 -24.06
C PHE D 346 8.11 -10.91 -24.32
N ILE D 347 8.06 -12.14 -24.41
CA ILE D 347 9.24 -12.98 -24.61
C ILE D 347 8.87 -14.21 -25.46
N ALA D 348 9.75 -14.85 -26.18
CA ALA D 348 9.50 -16.02 -27.01
C ALA D 348 9.06 -17.18 -26.14
N ALA D 349 8.15 -18.00 -26.65
CA ALA D 349 7.64 -19.13 -25.88
C ALA D 349 7.66 -20.46 -26.62
N GLU D 350 8.68 -20.68 -27.43
CA GLU D 350 8.80 -21.91 -28.22
C GLU D 350 9.97 -22.80 -27.75
N GLU D 351 9.78 -24.11 -27.83
CA GLU D 351 10.84 -25.02 -27.41
C GLU D 351 12.12 -24.76 -28.21
N PRO D 352 13.29 -24.97 -27.60
CA PRO D 352 13.52 -25.43 -26.22
C PRO D 352 13.36 -24.38 -25.11
N PHE D 353 12.61 -23.33 -25.38
CA PHE D 353 12.35 -22.27 -24.40
C PHE D 353 13.61 -21.69 -23.74
N ASP D 354 14.67 -21.50 -24.50
CA ASP D 354 15.89 -20.94 -23.93
C ASP D 354 15.71 -19.54 -23.32
N GLU D 355 14.91 -18.69 -23.97
CA GLU D 355 14.69 -17.34 -23.48
C GLU D 355 14.08 -17.32 -22.08
N VAL D 356 13.04 -18.12 -21.88
CA VAL D 356 12.37 -18.21 -20.59
C VAL D 356 13.33 -18.76 -19.53
N LYS D 357 14.01 -19.85 -19.87
CA LYS D 357 14.96 -20.49 -18.95
C LYS D 357 16.06 -19.56 -18.48
N GLU D 358 16.52 -18.69 -19.38
CA GLU D 358 17.57 -17.73 -19.06
C GLU D 358 17.08 -16.77 -17.93
N VAL D 359 15.82 -16.35 -18.00
CA VAL D 359 15.27 -15.45 -16.98
C VAL D 359 15.19 -16.22 -15.66
N ILE D 360 14.70 -17.45 -15.75
CA ILE D 360 14.58 -18.30 -14.57
C ILE D 360 15.93 -18.45 -13.88
N GLU D 361 16.93 -18.85 -14.63
CA GLU D 361 18.26 -19.07 -14.08
C GLU D 361 18.93 -17.80 -13.54
N ASN D 362 18.67 -16.66 -14.17
CA ASN D 362 19.23 -15.39 -13.71
C ASN D 362 18.59 -15.00 -12.38
N ILE D 363 17.31 -15.30 -12.24
CA ILE D 363 16.61 -15.00 -11.00
C ILE D 363 17.14 -15.89 -9.87
N TRP D 364 17.28 -17.19 -10.14
CA TRP D 364 17.80 -18.10 -9.12
C TRP D 364 19.21 -17.73 -8.69
N GLU D 365 20.10 -17.46 -9.66
CA GLU D 365 21.48 -17.12 -9.32
C GLU D 365 21.50 -16.01 -8.28
N TRP D 366 20.61 -15.03 -8.44
CA TRP D 366 20.54 -13.91 -7.51
C TRP D 366 19.83 -14.27 -6.21
N TRP D 367 18.60 -14.76 -6.32
CA TRP D 367 17.81 -15.12 -5.14
C TRP D 367 18.45 -16.20 -4.27
N MET D 368 19.13 -17.17 -4.88
CA MET D 368 19.77 -18.24 -4.11
C MET D 368 20.87 -17.70 -3.20
N GLU D 369 21.46 -16.58 -3.60
CA GLU D 369 22.53 -15.95 -2.84
C GLU D 369 22.05 -14.84 -1.90
N GLU D 370 21.15 -14.00 -2.39
CA GLU D 370 20.64 -12.88 -1.62
C GLU D 370 19.42 -13.15 -0.74
N GLY D 371 18.59 -14.11 -1.14
CA GLY D 371 17.41 -14.40 -0.34
C GLY D 371 17.73 -14.81 1.08
N LYS D 372 17.01 -14.25 2.04
CA LYS D 372 17.21 -14.60 3.45
C LYS D 372 16.61 -15.98 3.66
N ASN D 373 16.90 -16.61 4.79
CA ASN D 373 16.36 -17.93 5.07
C ASN D 373 14.83 -17.92 5.02
N ARG D 374 14.28 -18.87 4.27
CA ARG D 374 12.85 -19.03 4.06
C ARG D 374 12.12 -17.73 3.72
N GLU D 375 12.72 -16.99 2.80
CA GLU D 375 12.16 -15.74 2.29
C GLU D 375 11.77 -16.05 0.84
N ARG D 376 10.51 -15.86 0.50
CA ARG D 376 10.03 -16.11 -0.86
C ARG D 376 10.59 -15.03 -1.80
N LEU D 377 10.67 -15.35 -3.08
CA LEU D 377 11.16 -14.40 -4.08
C LEU D 377 10.40 -13.07 -3.96
N GLY D 378 9.09 -13.16 -3.78
CA GLY D 378 8.28 -11.96 -3.67
C GLY D 378 8.74 -11.03 -2.58
N GLU D 379 9.17 -11.60 -1.45
CA GLU D 379 9.64 -10.81 -0.32
C GLU D 379 11.05 -10.29 -0.51
N THR D 380 11.87 -11.02 -1.26
CA THR D 380 13.23 -10.55 -1.55
C THR D 380 13.07 -9.29 -2.42
N MET D 381 12.10 -9.35 -3.34
CA MET D 381 11.83 -8.22 -4.21
C MET D 381 11.46 -7.01 -3.38
N LYS D 382 10.53 -7.12 -2.42
CA LYS D 382 10.14 -6.02 -1.55
C LYS D 382 11.35 -5.50 -0.78
N ARG D 383 12.06 -6.43 -0.14
CA ARG D 383 13.20 -6.02 0.66
C ARG D 383 14.31 -5.34 -0.13
N VAL D 384 14.79 -6.01 -1.16
CA VAL D 384 15.88 -5.47 -1.97
C VAL D 384 15.49 -4.47 -3.06
N GLY D 385 14.25 -4.56 -3.56
CA GLY D 385 13.82 -3.62 -4.58
C GLY D 385 13.67 -4.18 -5.97
N PHE D 386 12.65 -3.71 -6.68
CA PHE D 386 12.37 -4.14 -8.04
C PHE D 386 13.55 -3.84 -8.95
N GLN D 387 14.17 -2.68 -8.75
CA GLN D 387 15.33 -2.26 -9.54
C GLN D 387 16.40 -3.34 -9.61
N LYS D 388 16.71 -3.95 -8.46
CA LYS D 388 17.72 -5.00 -8.38
C LYS D 388 17.31 -6.20 -9.24
N LEU D 389 16.05 -6.59 -9.14
CA LEU D 389 15.55 -7.71 -9.95
C LEU D 389 15.78 -7.43 -11.44
N LEU D 390 15.57 -6.18 -11.86
CA LEU D 390 15.77 -5.81 -13.26
C LEU D 390 17.23 -5.95 -13.68
N GLU D 391 18.13 -5.53 -12.80
CA GLU D 391 19.55 -5.61 -13.08
C GLU D 391 20.07 -7.05 -13.22
N VAL D 392 19.65 -7.92 -12.31
CA VAL D 392 20.10 -9.32 -12.35
C VAL D 392 19.56 -10.10 -13.56
N THR D 393 18.48 -9.60 -14.17
CA THR D 393 17.93 -10.27 -15.34
C THR D 393 18.27 -9.50 -16.62
N GLY D 394 19.07 -8.46 -16.48
CA GLY D 394 19.46 -7.66 -17.64
C GLY D 394 18.27 -7.03 -18.35
N THR D 395 17.25 -6.63 -17.57
CA THR D 395 16.06 -6.05 -18.16
C THR D 395 16.00 -4.52 -18.02
N LYS D 396 15.70 -3.85 -19.14
CA LYS D 396 15.60 -2.40 -19.17
C LYS D 396 14.29 -1.96 -18.52
N ALA D 397 14.35 -0.97 -17.64
CA ALA D 397 13.13 -0.48 -16.98
C ALA D 397 12.22 0.17 -18.01
N VAL D 398 10.93 -0.13 -17.93
CA VAL D 398 9.95 0.47 -18.85
C VAL D 398 8.67 0.80 -18.07
N PRO D 399 7.85 1.73 -18.59
CA PRO D 399 6.61 2.13 -17.93
C PRO D 399 5.70 0.94 -17.61
N GLN D 400 5.78 -0.08 -18.45
CA GLN D 400 4.95 -1.27 -18.28
C GLN D 400 5.23 -1.96 -16.94
N HIS D 401 6.35 -1.63 -16.31
CA HIS D 401 6.73 -2.23 -15.03
C HIS D 401 5.96 -1.70 -13.83
N VAL D 402 5.23 -0.61 -14.01
CA VAL D 402 4.50 -0.03 -12.89
C VAL D 402 3.02 0.18 -13.17
N SER D 403 2.21 0.13 -12.12
CA SER D 403 0.78 0.40 -12.25
C SER D 403 0.71 1.89 -11.93
N GLU D 404 1.72 2.37 -11.21
CA GLU D 404 1.83 3.77 -10.80
C GLU D 404 3.27 4.13 -10.42
N PRO D 405 3.79 5.27 -10.89
CA PRO D 405 5.16 5.55 -10.46
C PRO D 405 5.07 5.98 -9.00
N ARG D 406 6.22 6.04 -8.32
CA ARG D 406 6.28 6.41 -6.91
C ARG D 406 5.72 7.80 -6.56
N HIS D 407 5.17 7.92 -5.36
CA HIS D 407 4.67 9.21 -4.92
C HIS D 407 5.43 9.70 -3.68
N ASN D 408 6.55 9.06 -3.39
CA ASN D 408 7.44 9.49 -2.30
C ASN D 408 8.72 9.90 -3.02
N PRO D 409 9.40 10.96 -2.54
CA PRO D 409 10.63 11.40 -3.19
C PRO D 409 11.95 10.84 -2.64
N TYR D 410 11.88 9.66 -2.04
CA TYR D 410 13.07 9.04 -1.45
C TYR D 410 13.86 8.29 -2.52
N ILE D 411 14.30 9.02 -3.53
CA ILE D 411 15.02 8.44 -4.67
C ILE D 411 16.51 8.11 -4.51
N PHE D 412 16.84 6.84 -4.67
CA PHE D 412 18.24 6.43 -4.58
C PHE D 412 18.90 6.63 -5.94
N PHE D 413 20.15 7.05 -5.92
CA PHE D 413 20.94 7.25 -7.13
C PHE D 413 22.25 6.45 -6.99
N LYS D 414 22.87 6.12 -8.13
CA LYS D 414 24.14 5.41 -8.13
C LYS D 414 25.20 6.52 -8.07
N GLU D 415 26.20 6.35 -7.20
CA GLU D 415 27.23 7.37 -7.07
C GLU D 415 27.81 7.78 -8.41
N GLU D 416 28.06 6.77 -9.25
CA GLU D 416 28.64 6.98 -10.55
C GLU D 416 27.78 7.79 -11.51
N GLU D 417 26.51 8.00 -11.18
CA GLU D 417 25.66 8.78 -12.07
C GLU D 417 25.46 10.20 -11.53
N VAL D 418 26.19 10.51 -10.45
CA VAL D 418 26.10 11.84 -9.85
C VAL D 418 27.43 12.56 -9.99
N PRO D 419 27.47 13.64 -10.81
CA PRO D 419 28.73 14.38 -10.97
C PRO D 419 29.40 14.75 -9.66
N GLY D 420 30.68 14.39 -9.54
CA GLY D 420 31.43 14.69 -8.32
C GLY D 420 31.42 13.56 -7.30
N GLY D 421 30.53 12.60 -7.47
CA GLY D 421 30.49 11.51 -6.52
C GLY D 421 29.97 11.92 -5.15
N TRP D 422 30.26 11.11 -4.14
CA TRP D 422 29.80 11.37 -2.78
C TRP D 422 30.84 11.77 -1.76
N SER D 423 32.12 11.80 -2.15
CA SER D 423 33.15 12.19 -1.19
C SER D 423 33.29 13.71 -1.22
N ARG D 424 32.85 14.34 -0.12
CA ARG D 424 32.90 15.80 -0.02
C ARG D 424 33.62 16.25 1.24
N ASP D 425 34.30 17.39 1.13
CA ASP D 425 35.05 17.94 2.25
C ASP D 425 34.33 19.08 2.96
N ILE D 426 33.88 18.80 4.18
CA ILE D 426 33.16 19.77 5.01
C ILE D 426 33.86 21.14 5.12
N SER D 427 35.18 21.13 5.14
CA SER D 427 35.94 22.39 5.25
C SER D 427 35.80 23.25 4.00
N ASP D 428 35.69 22.63 2.84
CA ASP D 428 35.53 23.39 1.61
C ASP D 428 34.13 24.01 1.63
N TYR D 429 33.16 23.21 2.06
CA TYR D 429 31.78 23.69 2.16
C TYR D 429 31.74 24.89 3.10
N ARG D 430 32.53 24.79 4.17
CA ARG D 430 32.62 25.84 5.17
C ARG D 430 33.23 27.14 4.63
N LYS D 431 33.71 27.10 3.40
CA LYS D 431 34.30 28.30 2.79
C LYS D 431 33.23 29.16 2.16
N ARG D 432 32.12 28.54 1.75
CA ARG D 432 31.01 29.26 1.14
C ARG D 432 29.91 29.50 2.18
N HIS D 433 29.89 28.70 3.25
CA HIS D 433 28.87 28.84 4.28
C HIS D 433 29.46 28.84 5.69
N MET D 434 29.45 30.01 6.32
CA MET D 434 29.97 30.15 7.67
C MET D 434 29.08 29.51 8.72
N ARG D 435 29.70 28.80 9.65
CA ARG D 435 28.99 28.13 10.73
C ARG D 435 28.34 29.16 11.66
N ALA E 1 2.80 -61.69 4.70
CA ALA E 1 4.23 -61.84 4.30
C ALA E 1 4.75 -60.49 3.81
N PHE E 2 6.07 -60.36 3.69
CA PHE E 2 6.66 -59.12 3.21
C PHE E 2 6.82 -59.27 1.70
N ILE E 3 6.13 -58.60 0.96
CA ILE E 3 6.16 -58.66 -0.50
C ILE E 3 7.07 -57.53 -1.00
N SER E 4 8.21 -57.81 -1.36
CA SER E 4 9.20 -56.85 -1.79
C SER E 4 9.02 -56.36 -3.23
N SER E 5 9.39 -55.10 -3.45
CA SER E 5 9.30 -54.49 -4.76
C SER E 5 10.63 -54.75 -5.48
N GLY E 6 11.62 -55.23 -4.73
CA GLY E 6 12.92 -55.50 -5.30
C GLY E 6 13.96 -54.58 -4.69
N TYR E 7 13.51 -53.57 -3.96
CA TYR E 7 14.42 -52.64 -3.31
C TYR E 7 15.25 -53.41 -2.27
N ASN E 8 16.51 -53.06 -2.12
CA ASN E 8 17.39 -53.73 -1.16
C ASN E 8 17.84 -52.75 -0.08
N PRO E 9 17.22 -52.81 1.11
CA PRO E 9 17.60 -51.91 2.21
C PRO E 9 19.06 -51.98 2.60
N ALA E 10 19.69 -53.12 2.31
CA ALA E 10 21.11 -53.32 2.63
C ALA E 10 21.99 -52.58 1.63
N LYS E 11 21.50 -52.45 0.41
CA LYS E 11 22.23 -51.77 -0.66
C LYS E 11 21.21 -50.85 -1.34
N PRO E 12 20.74 -49.82 -0.61
CA PRO E 12 19.76 -48.83 -1.05
C PRO E 12 20.05 -48.12 -2.35
N MET E 13 21.32 -47.87 -2.64
CA MET E 13 21.66 -47.17 -3.86
C MET E 13 21.80 -48.10 -5.06
N GLU E 14 21.67 -49.40 -4.82
CA GLU E 14 21.76 -50.35 -5.92
C GLU E 14 20.45 -50.40 -6.69
N ASN E 15 20.53 -50.24 -8.01
CA ASN E 15 19.35 -50.25 -8.86
C ASN E 15 18.40 -49.08 -8.59
N ARG E 16 18.94 -47.94 -8.17
CA ARG E 16 18.09 -46.78 -7.89
C ARG E 16 17.94 -45.87 -9.11
N ILE E 17 16.69 -45.62 -9.49
CA ILE E 17 16.39 -44.74 -10.61
C ILE E 17 15.93 -43.39 -10.08
N THR E 18 16.49 -42.31 -10.61
CA THR E 18 16.14 -40.98 -10.11
C THR E 18 16.11 -39.92 -11.22
N ASP E 19 15.40 -38.84 -10.94
CA ASP E 19 15.28 -37.71 -11.86
C ASP E 19 14.68 -38.05 -13.23
N ILE E 20 13.57 -38.79 -13.23
CA ILE E 20 12.91 -39.16 -14.47
C ILE E 20 11.66 -38.32 -14.67
N GLY E 21 11.21 -37.66 -13.60
CA GLY E 21 10.04 -36.81 -13.68
C GLY E 21 8.76 -37.55 -14.01
N PRO E 22 7.71 -36.82 -14.40
CA PRO E 22 6.43 -37.43 -14.75
C PRO E 22 6.45 -38.00 -16.16
N ARG E 23 5.40 -38.75 -16.49
CA ARG E 23 5.25 -39.34 -17.83
C ARG E 23 4.88 -38.14 -18.69
N LYS E 24 5.19 -38.19 -19.99
CA LYS E 24 4.85 -37.07 -20.87
C LYS E 24 3.34 -37.07 -21.16
N PHE E 25 2.71 -35.92 -21.02
CA PHE E 25 1.28 -35.79 -21.25
C PHE E 25 0.84 -36.38 -22.60
N THR E 26 1.69 -36.26 -23.61
CA THR E 26 1.37 -36.77 -24.93
C THR E 26 1.01 -38.24 -24.96
N GLU E 27 1.61 -39.04 -24.07
CA GLU E 27 1.33 -40.47 -24.03
C GLU E 27 -0.12 -40.82 -23.68
N PHE E 28 -0.82 -39.88 -23.06
CA PHE E 28 -2.18 -40.13 -22.62
C PHE E 28 -3.28 -39.39 -23.36
N PHE E 29 -2.92 -38.69 -24.42
CA PHE E 29 -3.89 -37.93 -25.22
C PHE E 29 -4.90 -38.79 -25.96
N PRO E 30 -6.14 -38.30 -26.09
CA PRO E 30 -7.14 -39.08 -26.83
C PRO E 30 -6.71 -38.82 -28.27
N PRO E 31 -6.91 -39.78 -29.18
CA PRO E 31 -6.50 -39.54 -30.57
C PRO E 31 -6.96 -38.20 -31.18
N VAL E 32 -8.21 -37.82 -30.94
CA VAL E 32 -8.70 -36.58 -31.52
C VAL E 32 -7.95 -35.35 -31.02
N ILE E 33 -7.46 -35.33 -29.71
CA ILE E 33 -6.61 -34.28 -29.15
C ILE E 33 -5.20 -34.32 -29.74
N ALA E 34 -4.62 -35.45 -29.71
CA ALA E 34 -3.24 -35.55 -30.17
C ALA E 34 -3.14 -34.98 -31.59
N LYS E 35 -4.09 -35.37 -32.42
CA LYS E 35 -4.13 -34.94 -33.81
C LYS E 35 -4.41 -33.45 -34.05
N ASN E 36 -5.37 -32.89 -33.33
CA ASN E 36 -5.75 -31.49 -33.55
C ASN E 36 -5.23 -30.44 -32.57
N ALA E 37 -4.32 -30.82 -31.69
CA ALA E 37 -3.79 -29.86 -30.72
C ALA E 37 -3.17 -28.67 -31.43
N GLY E 38 -3.56 -27.46 -31.03
CA GLY E 38 -3.01 -26.27 -31.65
C GLY E 38 -3.75 -25.85 -32.90
N ASN E 39 -4.74 -26.64 -33.31
CA ASN E 39 -5.51 -26.33 -34.51
C ASN E 39 -6.99 -26.14 -34.22
N TRP E 40 -7.33 -25.80 -32.97
CA TRP E 40 -8.74 -25.59 -32.62
C TRP E 40 -9.25 -24.28 -33.17
N ASP E 41 -10.48 -24.31 -33.68
CA ASP E 41 -11.11 -23.14 -34.28
C ASP E 41 -11.94 -22.38 -33.25
N TYR E 42 -12.87 -23.09 -32.61
CA TYR E 42 -13.72 -22.48 -31.58
C TYR E 42 -14.34 -23.55 -30.68
N HIS E 43 -15.12 -23.11 -29.70
CA HIS E 43 -15.77 -24.03 -28.77
C HIS E 43 -17.17 -23.52 -28.51
N GLU E 44 -18.01 -24.40 -27.96
CA GLU E 44 -19.38 -24.08 -27.63
C GLU E 44 -19.77 -24.83 -26.37
N ILE E 45 -20.50 -24.18 -25.48
CA ILE E 45 -20.96 -24.85 -24.26
C ILE E 45 -22.35 -25.37 -24.62
N LEU E 46 -22.53 -26.68 -24.80
CA LEU E 46 -23.85 -27.20 -25.21
C LEU E 46 -24.95 -27.24 -24.13
N GLU E 47 -24.60 -27.45 -22.88
CA GLU E 47 -25.39 -27.68 -21.68
C GLU E 47 -24.49 -27.40 -20.48
N PRO E 48 -24.99 -27.30 -19.33
CA PRO E 48 -24.21 -27.33 -18.10
C PRO E 48 -23.38 -28.54 -18.04
N GLY E 49 -22.07 -28.36 -17.94
CA GLY E 49 -21.14 -29.47 -17.83
C GLY E 49 -20.73 -30.19 -19.11
N ILE E 50 -21.14 -29.67 -20.26
CA ILE E 50 -20.81 -30.31 -21.54
C ILE E 50 -20.26 -29.34 -22.57
N LEU E 51 -19.07 -29.63 -23.08
CA LEU E 51 -18.44 -28.76 -24.07
C LEU E 51 -18.14 -29.46 -25.38
N VAL E 52 -17.96 -28.65 -26.41
CA VAL E 52 -17.56 -29.17 -27.71
C VAL E 52 -16.52 -28.20 -28.26
N HIS E 53 -15.42 -28.75 -28.76
CA HIS E 53 -14.38 -27.95 -29.38
C HIS E 53 -14.29 -28.41 -30.83
N VAL E 54 -14.23 -27.46 -31.76
CA VAL E 54 -14.18 -27.78 -33.18
C VAL E 54 -12.85 -27.36 -33.80
N ALA E 55 -12.12 -28.32 -34.36
CA ALA E 55 -10.84 -28.03 -34.99
C ALA E 55 -11.04 -27.37 -36.37
N LYS E 56 -9.99 -26.75 -36.88
CA LYS E 56 -10.01 -26.09 -38.17
C LYS E 56 -10.41 -27.05 -39.30
N ASN E 57 -10.15 -28.34 -39.13
CA ASN E 57 -10.47 -29.34 -40.13
C ASN E 57 -11.86 -29.95 -39.94
N GLY E 58 -12.63 -29.41 -39.00
CA GLY E 58 -13.97 -29.93 -38.76
C GLY E 58 -14.10 -30.99 -37.68
N ASP E 59 -12.98 -31.60 -37.28
CA ASP E 59 -13.03 -32.62 -36.22
C ASP E 59 -13.60 -31.99 -34.96
N LYS E 60 -14.32 -32.79 -34.18
CA LYS E 60 -14.89 -32.31 -32.93
C LYS E 60 -14.52 -33.22 -31.77
N VAL E 61 -14.48 -32.65 -30.58
CA VAL E 61 -14.21 -33.40 -29.37
C VAL E 61 -15.19 -32.87 -28.32
N PHE E 62 -16.02 -33.76 -27.78
CA PHE E 62 -17.00 -33.36 -26.77
C PHE E 62 -16.48 -33.69 -25.38
N THR E 63 -16.64 -32.74 -24.46
CA THR E 63 -16.19 -32.90 -23.09
C THR E 63 -17.34 -32.84 -22.08
N VAL E 64 -17.37 -33.81 -21.18
CA VAL E 64 -18.38 -33.85 -20.13
C VAL E 64 -17.61 -33.67 -18.83
N ARG E 65 -17.91 -32.59 -18.11
CA ARG E 65 -17.23 -32.29 -16.84
C ARG E 65 -18.03 -32.80 -15.65
N CYS E 66 -17.35 -33.48 -14.74
CA CYS E 66 -18.01 -34.02 -13.56
C CYS E 66 -17.35 -33.53 -12.27
N GLY E 67 -18.18 -33.21 -11.28
CA GLY E 67 -17.65 -32.78 -10.00
C GLY E 67 -17.06 -33.99 -9.29
N ALA E 68 -16.10 -33.74 -8.40
CA ALA E 68 -15.46 -34.81 -7.65
C ALA E 68 -15.05 -34.28 -6.28
N ALA E 69 -14.92 -35.17 -5.30
CA ALA E 69 -14.57 -34.78 -3.93
C ALA E 69 -13.08 -34.53 -3.65
N ARG E 70 -12.24 -34.67 -4.67
CA ARG E 70 -10.79 -34.48 -4.57
C ARG E 70 -10.18 -35.58 -3.70
N LEU E 71 -10.66 -35.70 -2.47
CA LEU E 71 -10.19 -36.76 -1.59
C LEU E 71 -11.00 -37.96 -2.10
N MET E 72 -10.35 -38.92 -2.74
CA MET E 72 -11.08 -40.07 -3.26
C MET E 72 -10.33 -41.38 -3.09
N SER E 73 -11.07 -42.49 -3.22
CA SER E 73 -10.49 -43.82 -3.06
C SER E 73 -10.01 -44.39 -4.38
N THR E 74 -9.27 -45.50 -4.30
CA THR E 74 -8.79 -46.16 -5.51
C THR E 74 -10.00 -46.75 -6.23
N SER E 75 -10.97 -47.22 -5.45
CA SER E 75 -12.19 -47.77 -6.02
C SER E 75 -12.88 -46.72 -6.90
N HIS E 76 -12.97 -45.49 -6.42
CA HIS E 76 -13.60 -44.43 -7.21
C HIS E 76 -12.78 -44.11 -8.46
N ILE E 77 -11.49 -44.01 -8.37
CA ILE E 77 -10.61 -43.79 -9.51
C ILE E 77 -10.82 -44.94 -10.49
N ARG E 78 -10.89 -46.19 -10.03
CA ARG E 78 -11.14 -47.31 -10.93
C ARG E 78 -12.50 -47.20 -11.62
N GLU E 79 -13.47 -46.55 -10.99
CA GLU E 79 -14.77 -46.41 -11.63
C GLU E 79 -14.71 -45.40 -12.76
N ALA E 80 -13.94 -44.33 -12.57
CA ALA E 80 -13.78 -43.32 -13.62
C ALA E 80 -13.11 -44.01 -14.80
N CYS E 81 -12.09 -44.82 -14.49
CA CYS E 81 -11.36 -45.58 -15.52
C CYS E 81 -12.29 -46.56 -16.23
N GLU E 82 -13.22 -47.14 -15.49
CA GLU E 82 -14.18 -48.08 -16.05
C GLU E 82 -15.01 -47.35 -17.09
N ILE E 83 -15.46 -46.16 -16.72
CA ILE E 83 -16.26 -45.33 -17.62
C ILE E 83 -15.43 -44.87 -18.80
N ALA E 84 -14.20 -44.44 -18.54
CA ALA E 84 -13.30 -43.99 -19.59
C ALA E 84 -13.10 -45.08 -20.63
N LYS E 85 -12.90 -46.32 -20.17
CA LYS E 85 -12.70 -47.44 -21.06
C LYS E 85 -13.95 -47.80 -21.86
N LYS E 86 -15.11 -47.61 -21.23
CA LYS E 86 -16.37 -47.92 -21.88
C LYS E 86 -16.80 -46.95 -22.99
N PHE E 87 -16.57 -45.66 -22.77
CA PHE E 87 -16.99 -44.66 -23.76
C PHE E 87 -15.88 -43.79 -24.37
N CYS E 88 -14.72 -43.74 -23.73
CA CYS E 88 -13.65 -42.86 -24.22
C CYS E 88 -12.35 -43.52 -24.66
N ASN E 89 -12.40 -44.82 -24.94
CA ASN E 89 -11.19 -45.51 -25.36
C ASN E 89 -10.12 -45.42 -24.28
N GLY E 90 -10.55 -45.43 -23.03
CA GLY E 90 -9.62 -45.39 -21.91
C GLY E 90 -9.03 -44.04 -21.54
N HIS E 91 -9.52 -42.97 -22.15
CA HIS E 91 -8.99 -41.64 -21.84
C HIS E 91 -9.87 -40.79 -20.94
N LEU E 92 -9.22 -39.88 -20.22
CA LEU E 92 -9.88 -38.94 -19.33
C LEU E 92 -8.84 -37.97 -18.76
N ARG E 93 -9.30 -36.91 -18.11
CA ARG E 93 -8.39 -35.96 -17.50
C ARG E 93 -9.04 -35.30 -16.29
N PHE E 94 -8.22 -34.59 -15.52
CA PHE E 94 -8.68 -33.85 -14.35
C PHE E 94 -8.40 -32.36 -14.59
N THR E 95 -9.28 -31.50 -14.11
CA THR E 95 -9.12 -30.06 -14.31
C THR E 95 -8.34 -29.40 -13.19
N THR E 96 -8.06 -28.11 -13.37
CA THR E 96 -7.33 -27.34 -12.38
C THR E 96 -8.19 -27.02 -11.13
N ARG E 97 -9.43 -27.47 -11.12
CA ARG E 97 -10.30 -27.26 -9.96
C ARG E 97 -10.74 -28.63 -9.42
N ASN E 98 -10.00 -29.64 -9.87
CA ASN E 98 -10.20 -31.03 -9.49
C ASN E 98 -11.52 -31.67 -9.90
N ASN E 99 -12.00 -31.33 -11.08
CA ASN E 99 -13.21 -31.96 -11.59
C ASN E 99 -12.66 -32.98 -12.58
N ILE E 100 -13.48 -33.94 -12.97
CA ILE E 100 -13.05 -34.96 -13.92
C ILE E 100 -13.72 -34.69 -15.26
N GLU E 101 -12.97 -34.87 -16.35
CA GLU E 101 -13.53 -34.66 -17.66
C GLU E 101 -13.37 -35.88 -18.56
N PHE E 102 -14.48 -36.31 -19.14
CA PHE E 102 -14.48 -37.44 -20.07
C PHE E 102 -14.67 -36.84 -21.46
N MET E 103 -13.91 -37.33 -22.43
CA MET E 103 -14.00 -36.83 -23.80
C MET E 103 -14.32 -37.91 -24.82
N VAL E 104 -15.19 -37.58 -25.77
CA VAL E 104 -15.60 -38.50 -26.84
C VAL E 104 -15.59 -37.71 -28.15
N ASP E 105 -15.49 -38.41 -29.29
CA ASP E 105 -15.45 -37.71 -30.58
C ASP E 105 -16.74 -37.68 -31.40
N ASN E 106 -17.85 -38.18 -30.85
CA ASN E 106 -19.10 -38.14 -31.59
C ASN E 106 -20.32 -38.02 -30.68
N GLU E 107 -21.34 -37.36 -31.23
CA GLU E 107 -22.60 -37.09 -30.55
C GLU E 107 -23.30 -38.30 -29.91
N GLU E 108 -23.43 -39.38 -30.66
CA GLU E 108 -24.10 -40.56 -30.11
C GLU E 108 -23.39 -41.13 -28.90
N THR E 109 -22.07 -41.24 -28.95
CA THR E 109 -21.34 -41.76 -27.81
C THR E 109 -21.57 -40.82 -26.62
N LEU E 110 -21.57 -39.51 -26.88
CA LEU E 110 -21.80 -38.51 -25.83
C LEU E 110 -23.11 -38.78 -25.09
N LYS E 111 -24.19 -39.00 -25.83
CA LYS E 111 -25.49 -39.26 -25.23
C LYS E 111 -25.45 -40.50 -24.34
N ALA E 112 -24.84 -41.57 -24.84
CA ALA E 112 -24.73 -42.80 -24.07
C ALA E 112 -23.94 -42.54 -22.78
N LEU E 113 -22.81 -41.84 -22.91
CA LEU E 113 -21.96 -41.53 -21.76
C LEU E 113 -22.72 -40.78 -20.70
N VAL E 114 -23.35 -39.68 -21.11
CA VAL E 114 -24.13 -38.83 -20.22
C VAL E 114 -25.24 -39.61 -19.52
N ALA E 115 -25.98 -40.39 -20.29
CA ALA E 115 -27.06 -41.20 -19.72
C ALA E 115 -26.51 -42.11 -18.63
N ASP E 116 -25.34 -42.69 -18.88
CA ASP E 116 -24.73 -43.61 -17.90
C ASP E 116 -24.23 -42.89 -16.64
N LEU E 117 -23.64 -41.72 -16.80
CA LEU E 117 -23.12 -40.98 -15.65
C LEU E 117 -24.20 -40.61 -14.61
N LYS E 118 -25.39 -40.28 -15.11
CA LYS E 118 -26.50 -39.88 -14.24
C LYS E 118 -27.01 -41.00 -13.34
N THR E 119 -26.69 -42.24 -13.68
CA THR E 119 -27.17 -43.38 -12.89
C THR E 119 -26.23 -43.84 -11.78
N ARG E 120 -25.04 -43.24 -11.72
CA ARG E 120 -24.04 -43.62 -10.72
C ARG E 120 -24.15 -42.80 -9.45
N LYS E 121 -24.59 -43.45 -8.38
CA LYS E 121 -24.73 -42.82 -7.08
C LYS E 121 -24.17 -43.74 -6.02
N PHE E 122 -23.89 -43.17 -4.85
CA PHE E 122 -23.41 -43.96 -3.72
C PHE E 122 -24.63 -44.54 -3.04
N ALA E 123 -24.46 -45.55 -2.20
CA ALA E 123 -25.57 -46.04 -1.40
C ALA E 123 -26.30 -44.88 -0.72
N ALA E 124 -25.60 -44.20 0.19
CA ALA E 124 -26.11 -43.05 0.93
C ALA E 124 -27.01 -42.16 0.07
N GLY E 125 -26.61 -41.92 -1.17
CA GLY E 125 -27.37 -41.09 -2.01
C GLY E 125 -26.74 -40.17 -3.02
N SER E 126 -25.61 -39.76 -2.62
CA SER E 126 -24.95 -38.69 -3.36
C SER E 126 -24.50 -39.09 -4.77
N PHE E 127 -24.50 -38.13 -5.69
CA PHE E 127 -24.08 -38.39 -7.07
C PHE E 127 -22.61 -38.71 -7.08
N LYS E 128 -22.20 -39.64 -7.95
CA LYS E 128 -20.80 -40.04 -8.05
C LYS E 128 -20.05 -39.15 -9.02
N PHE E 129 -20.72 -38.79 -10.11
CA PHE E 129 -20.13 -37.96 -11.17
C PHE E 129 -21.14 -36.91 -11.65
N PRO E 130 -21.55 -35.98 -10.76
CA PRO E 130 -22.51 -34.94 -11.12
C PRO E 130 -22.01 -34.05 -12.25
N ILE E 131 -22.79 -33.98 -13.33
CA ILE E 131 -22.44 -33.20 -14.51
C ILE E 131 -22.65 -31.69 -14.32
N GLY E 132 -21.61 -30.90 -14.57
CA GLY E 132 -21.72 -29.46 -14.43
C GLY E 132 -20.38 -28.74 -14.31
N GLY E 133 -20.39 -27.53 -13.79
CA GLY E 133 -19.17 -26.77 -13.62
C GLY E 133 -18.72 -25.89 -14.78
N THR E 134 -19.53 -25.78 -15.82
CA THR E 134 -19.18 -24.95 -16.97
C THR E 134 -19.88 -23.60 -16.93
N GLY E 135 -19.37 -22.66 -17.73
CA GLY E 135 -19.96 -21.34 -17.80
C GLY E 135 -20.07 -20.57 -16.50
N ALA E 136 -21.11 -19.75 -16.40
CA ALA E 136 -21.37 -18.93 -15.22
C ALA E 136 -21.99 -19.72 -14.08
N SER E 137 -21.15 -20.51 -13.41
CA SER E 137 -21.59 -21.36 -12.30
C SER E 137 -20.54 -21.44 -11.19
N ILE E 138 -20.83 -22.27 -10.20
CA ILE E 138 -19.91 -22.48 -9.08
C ILE E 138 -19.37 -23.89 -9.27
N SER E 139 -18.15 -23.98 -9.79
CA SER E 139 -17.53 -25.26 -10.08
C SER E 139 -16.54 -25.80 -9.05
N ASN E 140 -17.05 -26.58 -8.10
CA ASN E 140 -16.21 -27.18 -7.09
C ASN E 140 -15.51 -26.13 -6.23
N ILE E 141 -14.78 -26.54 -5.38
CA ILE E 141 -14.11 -25.63 -4.45
C ILE E 141 -12.67 -26.05 -4.22
N VAL E 142 -11.66 -25.27 -4.51
CA VAL E 142 -10.24 -25.56 -4.33
C VAL E 142 -10.07 -25.62 -2.81
N HIS E 143 -9.52 -26.72 -2.29
CA HIS E 143 -9.35 -26.83 -0.84
C HIS E 143 -8.14 -27.58 -0.33
N THR E 144 -8.04 -27.64 1.00
CA THR E 144 -6.89 -28.25 1.66
C THR E 144 -7.10 -29.57 2.42
N GLN E 145 -6.16 -29.85 3.32
CA GLN E 145 -6.14 -31.07 4.13
C GLN E 145 -7.07 -31.06 5.34
N GLY E 146 -7.08 -29.95 6.08
CA GLY E 146 -7.92 -29.89 7.26
C GLY E 146 -7.52 -30.97 8.27
N TRP E 147 -8.51 -31.54 8.95
CA TRP E 147 -8.27 -32.56 9.97
C TRP E 147 -8.00 -33.93 9.38
N VAL E 148 -7.99 -34.01 8.06
CA VAL E 148 -7.72 -35.26 7.38
C VAL E 148 -6.23 -35.59 7.40
N TYR E 149 -5.39 -34.57 7.46
CA TYR E 149 -3.97 -34.85 7.41
C TYR E 149 -2.98 -33.81 7.96
N CYS E 150 -3.38 -32.54 8.02
CA CYS E 150 -2.43 -31.52 8.49
C CYS E 150 -2.40 -31.28 10.00
N HIS E 151 -1.29 -30.74 10.48
CA HIS E 151 -1.14 -30.47 11.91
C HIS E 151 -1.38 -29.00 12.28
N THR E 152 -1.40 -28.10 11.30
CA THR E 152 -1.64 -26.69 11.62
C THR E 152 -3.03 -26.13 11.34
N PRO E 153 -4.04 -26.98 11.07
CA PRO E 153 -5.36 -26.39 10.80
C PRO E 153 -6.08 -25.71 11.97
N ALA E 154 -7.03 -24.85 11.61
CA ALA E 154 -7.87 -24.12 12.55
C ALA E 154 -9.31 -24.54 12.26
N THR E 155 -9.48 -25.37 11.23
CA THR E 155 -10.79 -25.86 10.82
C THR E 155 -10.60 -27.03 9.87
N ASP E 156 -11.70 -27.64 9.41
CA ASP E 156 -11.61 -28.77 8.48
C ASP E 156 -11.74 -28.28 7.05
N ALA E 157 -11.47 -29.17 6.08
CA ALA E 157 -11.58 -28.78 4.67
C ALA E 157 -12.65 -29.59 3.92
N SER E 158 -12.54 -30.92 3.93
CA SER E 158 -13.51 -31.77 3.23
C SER E 158 -14.93 -31.58 3.78
N GLY E 159 -15.05 -31.50 5.10
CA GLY E 159 -16.36 -31.34 5.71
C GLY E 159 -17.08 -30.09 5.24
N PRO E 160 -16.47 -28.91 5.46
CA PRO E 160 -17.08 -27.65 5.04
C PRO E 160 -17.38 -27.62 3.54
N VAL E 161 -16.44 -28.13 2.75
CA VAL E 161 -16.58 -28.18 1.30
C VAL E 161 -17.81 -28.96 0.87
N LYS E 162 -18.03 -30.10 1.53
CA LYS E 162 -19.18 -30.94 1.23
C LYS E 162 -20.47 -30.20 1.59
N ALA E 163 -20.48 -29.57 2.76
CA ALA E 163 -21.67 -28.84 3.19
C ALA E 163 -22.01 -27.67 2.26
N VAL E 164 -20.99 -26.93 1.84
CA VAL E 164 -21.21 -25.79 0.95
C VAL E 164 -21.66 -26.19 -0.45
N MET E 165 -21.02 -27.20 -1.04
CA MET E 165 -21.43 -27.63 -2.37
C MET E 165 -22.83 -28.22 -2.39
N ASP E 166 -23.24 -28.82 -1.28
CA ASP E 166 -24.59 -29.38 -1.18
C ASP E 166 -25.60 -28.22 -1.27
N GLU E 167 -25.33 -27.14 -0.55
CA GLU E 167 -26.24 -26.01 -0.55
C GLU E 167 -26.16 -25.17 -1.83
N LEU E 168 -25.08 -25.31 -2.58
CA LEU E 168 -24.91 -24.56 -3.82
C LEU E 168 -24.98 -25.49 -5.03
N PHE E 169 -25.39 -26.73 -4.82
CA PHE E 169 -25.46 -27.70 -5.90
C PHE E 169 -26.20 -27.19 -7.14
N GLU E 170 -27.30 -26.46 -6.93
CA GLU E 170 -28.08 -25.94 -8.03
C GLU E 170 -27.26 -24.97 -8.86
N GLU E 171 -26.25 -24.37 -8.23
CA GLU E 171 -25.37 -23.42 -8.92
C GLU E 171 -24.30 -24.17 -9.73
N PHE E 172 -24.06 -25.44 -9.38
CA PHE E 172 -23.07 -26.24 -10.11
C PHE E 172 -23.65 -26.80 -11.40
N THR E 173 -24.90 -27.24 -11.33
CA THR E 173 -25.56 -27.83 -12.49
C THR E 173 -26.29 -26.85 -13.41
N SER E 174 -26.08 -25.55 -13.20
CA SER E 174 -26.74 -24.54 -14.03
C SER E 174 -25.79 -23.38 -14.31
N MET E 175 -26.15 -22.53 -15.27
CA MET E 175 -25.30 -21.40 -15.61
C MET E 175 -26.14 -20.13 -15.57
N ARG E 176 -26.58 -19.80 -14.35
CA ARG E 176 -27.45 -18.66 -14.12
C ARG E 176 -26.80 -17.43 -13.49
N LEU E 177 -25.53 -17.51 -13.15
CA LEU E 177 -24.84 -16.38 -12.52
C LEU E 177 -24.36 -15.29 -13.49
N PRO E 178 -24.06 -14.09 -12.97
CA PRO E 178 -23.58 -12.98 -13.82
C PRO E 178 -22.20 -13.29 -14.40
N ALA E 179 -21.50 -14.20 -13.73
CA ALA E 179 -20.16 -14.62 -14.11
C ALA E 179 -19.78 -15.76 -13.17
N ILE E 180 -18.61 -16.38 -13.38
CA ILE E 180 -18.15 -17.45 -12.51
C ILE E 180 -17.93 -16.95 -11.08
N VAL E 181 -18.28 -17.81 -10.12
CA VAL E 181 -18.06 -17.51 -8.72
C VAL E 181 -17.12 -18.59 -8.22
N ARG E 182 -15.87 -18.21 -7.96
CA ARG E 182 -14.87 -19.15 -7.47
C ARG E 182 -14.86 -19.16 -5.95
N VAL E 183 -14.97 -20.34 -5.36
CA VAL E 183 -14.95 -20.50 -3.92
C VAL E 183 -13.71 -21.31 -3.57
N SER E 184 -13.07 -20.98 -2.46
CA SER E 184 -11.87 -21.70 -2.04
C SER E 184 -11.78 -21.71 -0.54
N LEU E 185 -11.18 -22.76 0.01
CA LEU E 185 -11.04 -22.87 1.45
C LEU E 185 -9.64 -23.31 1.85
N ALA E 186 -9.14 -22.75 2.94
CA ALA E 186 -7.82 -23.09 3.46
C ALA E 186 -8.03 -23.26 4.96
N CYS E 187 -7.53 -24.35 5.53
CA CYS E 187 -7.74 -24.60 6.95
C CYS E 187 -6.89 -23.80 7.92
N CYS E 188 -5.96 -22.99 7.42
CA CYS E 188 -5.15 -22.14 8.28
C CYS E 188 -4.62 -20.97 7.45
N ILE E 189 -4.08 -19.95 8.11
CA ILE E 189 -3.60 -18.77 7.39
C ILE E 189 -2.46 -18.96 6.40
N ASN E 190 -1.84 -20.14 6.36
CA ASN E 190 -0.79 -20.38 5.36
C ASN E 190 -1.51 -20.22 4.03
N MET E 191 -2.83 -20.39 4.10
CA MET E 191 -3.72 -20.27 2.96
C MET E 191 -3.27 -20.97 1.70
N CYS E 192 -3.11 -22.28 1.81
CA CYS E 192 -2.72 -23.07 0.65
C CYS E 192 -3.93 -22.97 -0.30
N GLY E 193 -3.68 -23.03 -1.60
CA GLY E 193 -4.78 -22.95 -2.53
C GLY E 193 -5.02 -21.57 -3.13
N ALA E 194 -6.28 -21.17 -3.25
CA ALA E 194 -6.61 -19.89 -3.86
C ALA E 194 -7.56 -19.00 -3.07
N VAL E 195 -7.52 -19.08 -1.75
CA VAL E 195 -8.40 -18.25 -0.94
C VAL E 195 -8.16 -16.77 -1.20
N HIS E 196 -6.90 -16.39 -1.39
CA HIS E 196 -6.55 -14.99 -1.61
C HIS E 196 -6.87 -14.40 -2.98
N CYS E 197 -7.37 -15.21 -3.90
CA CYS E 197 -7.69 -14.72 -5.23
C CYS E 197 -9.04 -15.24 -5.74
N SER E 198 -9.94 -15.56 -4.81
CA SER E 198 -11.25 -16.07 -5.18
C SER E 198 -12.40 -15.11 -4.86
N ASP E 199 -13.52 -15.31 -5.53
CA ASP E 199 -14.72 -14.50 -5.31
C ASP E 199 -15.18 -14.65 -3.87
N ILE E 200 -15.11 -15.80 -3.27
CA ILE E 200 -15.46 -16.11 -1.88
C ILE E 200 -14.33 -16.99 -1.32
N GLY E 201 -13.69 -16.55 -0.24
CA GLY E 201 -12.61 -17.32 0.35
C GLY E 201 -12.87 -17.71 1.78
N LEU E 202 -12.58 -18.96 2.13
CA LEU E 202 -12.80 -19.41 3.50
C LEU E 202 -11.47 -19.76 4.14
N VAL E 203 -11.11 -19.10 5.24
CA VAL E 203 -9.84 -19.42 5.88
C VAL E 203 -9.98 -19.69 7.36
N GLY E 204 -9.34 -20.76 7.81
CA GLY E 204 -9.37 -21.10 9.22
C GLY E 204 -8.45 -20.18 9.99
N ILE E 205 -8.92 -19.71 11.16
CA ILE E 205 -8.13 -18.81 11.99
C ILE E 205 -8.29 -19.13 13.48
N HIS E 206 -7.28 -18.74 14.25
CA HIS E 206 -7.29 -18.96 15.69
C HIS E 206 -7.59 -17.63 16.40
N ARG E 207 -8.03 -17.70 17.65
CA ARG E 207 -8.34 -16.50 18.43
C ARG E 207 -7.65 -16.51 19.78
N LYS E 208 -6.68 -17.42 19.94
CA LYS E 208 -5.95 -17.55 21.19
C LYS E 208 -4.45 -17.77 20.95
N PRO E 209 -3.59 -17.04 21.69
CA PRO E 209 -2.15 -17.19 21.53
C PRO E 209 -1.70 -18.61 21.84
N PRO E 210 -0.56 -19.02 21.28
CA PRO E 210 -0.05 -20.36 21.51
C PRO E 210 0.33 -20.66 22.96
N MET E 211 0.32 -21.95 23.29
CA MET E 211 0.69 -22.40 24.62
C MET E 211 2.19 -22.66 24.51
N ILE E 212 2.92 -22.51 25.61
CA ILE E 212 4.37 -22.70 25.58
C ILE E 212 4.82 -23.90 26.39
N ASP E 213 5.52 -24.84 25.74
CA ASP E 213 6.03 -26.01 26.43
C ASP E 213 7.49 -25.76 26.79
N HIS E 214 7.70 -24.94 27.82
CA HIS E 214 9.05 -24.58 28.26
C HIS E 214 10.00 -25.74 28.53
N GLU E 215 9.50 -26.81 29.13
CA GLU E 215 10.35 -27.94 29.44
C GLU E 215 11.06 -28.56 28.25
N ASN E 216 10.43 -28.51 27.07
CA ASN E 216 11.03 -29.11 25.89
C ASN E 216 11.35 -28.18 24.73
N LEU E 217 10.85 -26.95 24.80
CA LEU E 217 11.06 -25.99 23.72
C LEU E 217 12.50 -25.93 23.22
N ALA E 218 13.42 -25.58 24.11
CA ALA E 218 14.82 -25.40 23.74
C ALA E 218 15.43 -26.71 23.27
N GLU E 219 14.67 -27.78 23.42
CA GLU E 219 15.15 -29.09 22.98
C GLU E 219 14.72 -29.44 21.56
N LEU E 220 13.45 -29.11 21.34
CA LEU E 220 12.80 -29.36 20.05
C LEU E 220 12.82 -28.18 19.09
N CYS E 221 13.16 -27.00 19.57
CA CYS E 221 13.10 -25.83 18.72
C CYS E 221 14.36 -25.00 18.47
N GLU E 222 14.44 -24.44 17.27
CA GLU E 222 15.53 -23.56 16.88
C GLU E 222 15.05 -22.13 17.13
N ILE E 223 15.13 -21.71 18.39
CA ILE E 223 14.61 -20.43 18.85
C ILE E 223 14.68 -19.25 17.88
N PRO E 224 15.83 -19.03 17.23
CA PRO E 224 15.86 -17.90 16.29
C PRO E 224 14.79 -18.04 15.20
N LEU E 225 14.43 -19.28 14.88
CA LEU E 225 13.41 -19.55 13.86
C LEU E 225 12.01 -19.16 14.31
N ALA E 226 11.72 -19.40 15.58
CA ALA E 226 10.41 -19.08 16.16
C ALA E 226 10.25 -17.57 16.27
N VAL E 227 11.33 -16.90 16.66
CA VAL E 227 11.35 -15.45 16.80
C VAL E 227 11.09 -14.80 15.44
N ALA E 228 11.86 -15.21 14.45
CA ALA E 228 11.72 -14.65 13.09
C ALA E 228 10.42 -15.03 12.38
N ALA E 229 9.72 -16.03 12.90
CA ALA E 229 8.48 -16.48 12.27
C ALA E 229 7.27 -15.60 12.60
N CYS E 230 7.46 -14.66 13.52
CA CYS E 230 6.36 -13.82 13.92
C CYS E 230 6.23 -12.52 13.14
N PRO E 231 5.13 -12.36 12.40
CA PRO E 231 4.88 -11.15 11.60
C PRO E 231 4.74 -9.88 12.46
N THR E 232 4.27 -10.06 13.69
CA THR E 232 4.08 -8.94 14.60
C THR E 232 5.10 -8.83 15.74
N ALA E 233 6.22 -9.53 15.62
CA ALA E 233 7.28 -9.50 16.62
C ALA E 233 6.83 -9.74 18.08
N ALA E 234 5.97 -10.72 18.28
CA ALA E 234 5.46 -11.02 19.61
C ALA E 234 6.30 -12.08 20.35
N VAL E 235 7.23 -12.70 19.63
CA VAL E 235 8.10 -13.74 20.20
C VAL E 235 9.49 -13.21 20.50
N LYS E 236 9.94 -13.39 21.74
CA LYS E 236 11.28 -12.95 22.13
C LYS E 236 11.97 -14.02 22.98
N PRO E 237 13.31 -14.11 22.87
CA PRO E 237 14.07 -15.09 23.64
C PRO E 237 14.05 -14.75 25.13
N ILE E 238 13.95 -15.76 25.98
CA ILE E 238 13.95 -15.52 27.42
C ILE E 238 14.49 -16.73 28.16
N THR E 239 14.79 -16.53 29.44
CA THR E 239 15.26 -17.59 30.30
C THR E 239 14.03 -18.07 31.04
N ALA E 240 13.85 -19.38 31.14
CA ALA E 240 12.72 -19.95 31.85
C ALA E 240 13.25 -20.96 32.85
N GLU E 241 12.35 -21.50 33.67
CA GLU E 241 12.78 -22.48 34.66
C GLU E 241 12.10 -23.82 34.43
N VAL E 242 12.88 -24.89 34.61
CA VAL E 242 12.39 -26.24 34.44
C VAL E 242 13.08 -27.09 35.51
N ASN E 243 12.30 -27.54 36.48
CA ASN E 243 12.83 -28.35 37.58
C ASN E 243 13.72 -27.47 38.45
N GLY E 244 13.45 -26.18 38.42
CA GLY E 244 14.23 -25.24 39.20
C GLY E 244 15.51 -24.78 38.53
N GLN E 245 15.84 -25.39 37.40
CA GLN E 245 17.06 -25.03 36.68
C GLN E 245 16.77 -23.99 35.59
N LYS E 246 17.84 -23.42 35.02
CA LYS E 246 17.71 -22.41 33.99
C LYS E 246 17.73 -23.00 32.59
N VAL E 247 16.76 -22.61 31.77
CA VAL E 247 16.68 -23.11 30.39
C VAL E 247 16.35 -21.97 29.42
N LYS E 248 16.72 -22.15 28.15
CA LYS E 248 16.42 -21.13 27.14
C LYS E 248 15.04 -21.41 26.56
N SER E 249 14.24 -20.37 26.46
CA SER E 249 12.89 -20.50 25.92
C SER E 249 12.45 -19.22 25.22
N VAL E 250 11.15 -19.07 25.02
CA VAL E 250 10.61 -17.87 24.38
C VAL E 250 9.43 -17.34 25.16
N ALA E 251 9.19 -16.03 25.02
CA ALA E 251 8.09 -15.37 25.68
C ALA E 251 7.22 -14.70 24.61
N ILE E 252 5.90 -14.83 24.74
CA ILE E 252 4.99 -14.24 23.78
C ILE E 252 4.16 -13.13 24.40
N ASN E 253 4.19 -11.96 23.78
CA ASN E 253 3.40 -10.82 24.24
C ASN E 253 2.00 -10.96 23.63
N ASN E 254 1.04 -11.34 24.44
CA ASN E 254 -0.32 -11.54 23.95
C ASN E 254 -0.92 -10.31 23.29
N ASP E 255 -0.32 -9.15 23.53
CA ASP E 255 -0.84 -7.92 22.94
C ASP E 255 -0.31 -7.69 21.52
N ARG E 256 0.70 -8.46 21.12
CA ARG E 256 1.26 -8.34 19.78
C ARG E 256 0.92 -9.59 18.96
N CYS E 257 0.34 -10.59 19.62
CA CYS E 257 -0.01 -11.85 18.99
C CYS E 257 -1.39 -11.81 18.34
N MET E 258 -1.44 -12.17 17.06
CA MET E 258 -2.71 -12.21 16.33
C MET E 258 -3.05 -13.65 15.94
N TYR E 259 -2.46 -14.57 16.69
CA TYR E 259 -2.71 -16.01 16.56
C TYR E 259 -2.60 -16.66 15.18
N CYS E 260 -1.62 -16.24 14.39
CA CYS E 260 -1.43 -16.81 13.05
C CYS E 260 -0.89 -18.24 13.12
N GLY E 261 -0.16 -18.54 14.19
CA GLY E 261 0.39 -19.87 14.37
C GLY E 261 1.67 -20.17 13.60
N ASN E 262 2.24 -19.16 12.96
CA ASN E 262 3.47 -19.40 12.21
C ASN E 262 4.61 -19.88 13.10
N CYS E 263 4.58 -19.48 14.38
CA CYS E 263 5.65 -19.88 15.29
C CYS E 263 5.55 -21.39 15.58
N TYR E 264 4.33 -21.89 15.58
CA TYR E 264 4.09 -23.31 15.80
C TYR E 264 4.61 -24.08 14.60
N THR E 265 4.42 -23.53 13.41
CA THR E 265 4.92 -24.17 12.19
C THR E 265 6.41 -24.43 12.35
N MET E 266 7.12 -23.46 12.93
CA MET E 266 8.56 -23.57 13.12
C MET E 266 8.98 -24.27 14.41
N CYS E 267 8.11 -24.27 15.41
CA CYS E 267 8.42 -24.86 16.71
C CYS E 267 7.26 -25.69 17.27
N PRO E 268 7.45 -27.01 17.39
CA PRO E 268 6.40 -27.90 17.89
C PRO E 268 6.02 -27.70 19.37
N ALA E 269 6.77 -26.85 20.08
CA ALA E 269 6.49 -26.58 21.48
C ALA E 269 5.62 -25.32 21.66
N LEU E 270 4.94 -24.92 20.60
CA LEU E 270 4.06 -23.73 20.63
C LEU E 270 2.70 -24.01 20.01
N PRO E 271 2.04 -25.12 20.40
CA PRO E 271 0.73 -25.46 19.83
C PRO E 271 -0.32 -24.43 20.24
N LEU E 272 -1.34 -24.24 19.40
CA LEU E 272 -2.40 -23.28 19.72
C LEU E 272 -3.82 -23.75 19.35
N SER E 273 -3.94 -24.92 18.73
CA SER E 273 -5.25 -25.44 18.35
C SER E 273 -6.27 -25.32 19.50
N ASP E 274 -7.52 -25.04 19.18
CA ASP E 274 -8.54 -24.88 20.22
C ASP E 274 -9.94 -25.00 19.66
N GLY E 275 -10.69 -25.99 20.15
CA GLY E 275 -12.04 -26.22 19.69
C GLY E 275 -13.01 -25.05 19.73
N THR E 276 -13.03 -24.30 20.82
CA THR E 276 -13.95 -23.15 20.92
C THR E 276 -13.34 -21.89 20.35
N GLY E 277 -12.03 -21.78 20.40
CA GLY E 277 -11.38 -20.58 19.88
C GLY E 277 -11.29 -20.51 18.37
N ASP E 278 -11.06 -21.66 17.73
CA ASP E 278 -10.92 -21.71 16.28
C ASP E 278 -12.22 -21.53 15.50
N GLY E 279 -12.11 -20.94 14.32
CA GLY E 279 -13.27 -20.71 13.48
C GLY E 279 -12.86 -20.41 12.06
N ILE E 280 -13.72 -19.70 11.33
CA ILE E 280 -13.44 -19.37 9.93
C ILE E 280 -13.72 -17.92 9.60
N ALA E 281 -12.81 -17.31 8.85
CA ALA E 281 -12.99 -15.93 8.41
C ALA E 281 -13.47 -16.01 6.96
N ILE E 282 -14.29 -15.19 6.65
CA ILE E 282 -14.88 -15.18 5.31
C ILE E 282 -14.43 -13.99 4.48
N MET E 283 -14.00 -14.24 3.22
CA MET E 283 -13.50 -13.19 2.33
C MET E 283 -14.23 -13.22 1.00
N VAL E 284 -14.25 -12.08 0.31
CA VAL E 284 -14.94 -11.97 -0.97
C VAL E 284 -14.29 -10.94 -1.89
N GLY E 285 -14.53 -11.07 -3.19
CA GLY E 285 -14.03 -10.09 -4.14
C GLY E 285 -12.74 -10.28 -4.90
N GLY E 286 -12.06 -11.40 -4.73
CA GLY E 286 -10.83 -11.59 -5.47
C GLY E 286 -11.07 -12.28 -6.80
N LYS E 287 -10.06 -12.26 -7.67
CA LYS E 287 -10.12 -12.95 -8.96
C LYS E 287 -8.72 -13.00 -9.56
N ILE E 288 -8.49 -13.95 -10.47
CA ILE E 288 -7.17 -14.04 -11.05
C ILE E 288 -7.13 -13.75 -12.55
N SER E 289 -8.26 -13.86 -13.27
CA SER E 289 -8.22 -13.54 -14.70
C SER E 289 -7.99 -12.04 -14.85
N ASN E 290 -7.62 -11.63 -16.06
CA ASN E 290 -7.35 -10.22 -16.37
C ASN E 290 -8.48 -9.63 -17.22
N ARG E 291 -9.60 -10.34 -17.26
CA ARG E 291 -10.76 -9.94 -18.05
C ARG E 291 -11.37 -8.63 -17.57
N ILE E 292 -11.24 -7.60 -18.39
CA ILE E 292 -11.72 -6.25 -18.11
C ILE E 292 -10.95 -5.60 -16.95
N LYS E 293 -11.28 -5.98 -15.72
CA LYS E 293 -10.61 -5.44 -14.55
C LYS E 293 -9.40 -6.32 -14.18
N VAL E 294 -8.38 -5.70 -13.60
CA VAL E 294 -7.18 -6.43 -13.22
C VAL E 294 -7.51 -7.40 -12.10
N PRO E 295 -6.61 -8.36 -11.84
CA PRO E 295 -6.83 -9.35 -10.77
C PRO E 295 -6.87 -8.64 -9.41
N SER E 296 -7.51 -9.26 -8.43
CA SER E 296 -7.57 -8.64 -7.11
C SER E 296 -7.62 -9.67 -5.98
N PHE E 297 -7.24 -9.22 -4.79
CA PHE E 297 -7.24 -10.04 -3.58
C PHE E 297 -8.67 -10.09 -3.05
N SER E 298 -8.99 -11.13 -2.30
CA SER E 298 -10.29 -11.25 -1.67
C SER E 298 -10.15 -10.46 -0.37
N LYS E 299 -11.23 -9.83 0.09
CA LYS E 299 -11.19 -9.02 1.31
C LYS E 299 -12.01 -9.64 2.44
N VAL E 300 -11.53 -9.49 3.69
CA VAL E 300 -12.25 -10.05 4.84
C VAL E 300 -13.53 -9.25 5.12
N VAL E 301 -14.69 -9.89 4.98
CA VAL E 301 -15.97 -9.20 5.24
C VAL E 301 -16.63 -9.64 6.53
N VAL E 302 -16.29 -10.85 6.98
CA VAL E 302 -16.81 -11.39 8.24
C VAL E 302 -15.56 -11.96 8.90
N ALA E 303 -15.16 -11.30 9.99
CA ALA E 303 -13.95 -11.68 10.72
C ALA E 303 -13.95 -13.08 11.35
N PHE E 304 -15.11 -13.54 11.80
CA PHE E 304 -15.16 -14.85 12.43
C PHE E 304 -16.54 -15.49 12.50
N VAL E 305 -16.56 -16.79 12.25
CA VAL E 305 -17.76 -17.60 12.33
C VAL E 305 -17.24 -18.84 13.03
N PRO E 306 -17.95 -19.33 14.06
CA PRO E 306 -17.47 -20.53 14.76
C PRO E 306 -17.47 -21.82 13.93
N ASN E 307 -16.65 -22.78 14.35
CA ASN E 307 -16.62 -24.07 13.69
C ASN E 307 -17.83 -24.82 14.26
N GLU E 308 -18.64 -25.39 13.39
CA GLU E 308 -19.83 -26.13 13.81
C GLU E 308 -19.99 -27.41 13.00
N PRO E 309 -19.13 -28.41 13.26
CA PRO E 309 -19.21 -29.68 12.52
C PRO E 309 -20.55 -30.38 12.79
N PRO E 310 -21.02 -31.20 11.85
CA PRO E 310 -20.38 -31.52 10.58
C PRO E 310 -20.81 -30.66 9.37
N ARG E 311 -21.74 -29.72 9.57
CA ARG E 311 -22.18 -28.94 8.42
C ARG E 311 -21.99 -27.42 8.44
N TRP E 312 -21.33 -26.90 9.46
CA TRP E 312 -21.06 -25.46 9.57
C TRP E 312 -22.20 -24.59 9.03
N PRO E 313 -23.40 -24.70 9.62
CA PRO E 313 -24.57 -23.93 9.20
C PRO E 313 -24.40 -22.41 9.16
N THR E 314 -23.75 -21.84 10.17
CA THR E 314 -23.56 -20.39 10.20
C THR E 314 -22.73 -19.93 9.01
N MET E 315 -21.61 -20.60 8.78
CA MET E 315 -20.74 -20.26 7.67
C MET E 315 -21.43 -20.53 6.35
N ALA E 316 -22.07 -21.69 6.24
CA ALA E 316 -22.76 -22.05 5.01
C ALA E 316 -23.84 -21.05 4.64
N LYS E 317 -24.56 -20.56 5.66
CA LYS E 317 -25.62 -19.58 5.44
C LYS E 317 -25.07 -18.25 4.93
N ILE E 318 -23.90 -17.87 5.42
CA ILE E 318 -23.27 -16.61 5.02
C ILE E 318 -22.88 -16.66 3.55
N VAL E 319 -22.26 -17.75 3.15
CA VAL E 319 -21.83 -17.95 1.77
C VAL E 319 -23.02 -17.90 0.82
N LYS E 320 -24.09 -18.59 1.18
CA LYS E 320 -25.30 -18.64 0.37
C LYS E 320 -25.90 -17.25 0.21
N LYS E 321 -25.97 -16.51 1.31
CA LYS E 321 -26.53 -15.16 1.29
C LYS E 321 -25.75 -14.28 0.34
N ILE E 322 -24.53 -14.26 0.38
CA ILE E 322 -23.65 -13.46 -0.46
C ILE E 322 -23.89 -13.82 -1.94
N VAL E 323 -23.87 -15.18 -2.28
CA VAL E 323 -24.15 -15.60 -3.65
C VAL E 323 -25.51 -15.14 -4.15
N GLU E 324 -26.53 -15.29 -3.32
CA GLU E 324 -27.90 -14.90 -3.69
C GLU E 324 -28.05 -13.40 -3.96
N VAL E 325 -27.52 -12.58 -3.05
CA VAL E 325 -27.61 -11.13 -3.20
C VAL E 325 -26.79 -10.68 -4.41
N TYR E 326 -25.59 -11.24 -4.53
CA TYR E 326 -24.72 -10.91 -5.66
C TYR E 326 -25.39 -11.29 -6.98
N ALA E 327 -25.90 -12.52 -7.07
CA ALA E 327 -26.54 -12.99 -8.29
C ALA E 327 -27.76 -12.17 -8.68
N GLU E 328 -28.41 -11.59 -7.67
CA GLU E 328 -29.62 -10.80 -7.89
C GLU E 328 -29.37 -9.33 -8.18
N ASP E 329 -28.21 -8.81 -7.76
CA ASP E 329 -27.90 -7.39 -7.92
C ASP E 329 -26.79 -7.05 -8.92
N ALA E 330 -25.90 -7.99 -9.21
CA ALA E 330 -24.79 -7.71 -10.14
C ALA E 330 -25.23 -7.71 -11.60
N ARG E 331 -24.48 -6.99 -12.42
CA ARG E 331 -24.79 -6.92 -13.86
C ARG E 331 -24.07 -8.07 -14.54
N LYS E 332 -24.51 -8.40 -15.75
CA LYS E 332 -23.91 -9.48 -16.53
C LYS E 332 -22.39 -9.26 -16.67
N TYR E 333 -21.63 -10.36 -16.56
CA TYR E 333 -20.16 -10.36 -16.67
C TYR E 333 -19.44 -9.83 -15.43
N GLU E 334 -20.19 -9.30 -14.47
CA GLU E 334 -19.60 -8.77 -13.24
C GLU E 334 -19.25 -9.85 -12.23
N ARG E 335 -17.97 -9.92 -11.86
CA ARG E 335 -17.52 -10.87 -10.84
C ARG E 335 -17.90 -10.19 -9.53
N ILE E 336 -17.98 -10.95 -8.44
CA ILE E 336 -18.34 -10.38 -7.15
C ILE E 336 -17.51 -9.13 -6.85
N GLY E 337 -16.22 -9.20 -7.12
CA GLY E 337 -15.35 -8.05 -6.90
C GLY E 337 -15.74 -6.86 -7.76
N ASP E 338 -16.13 -7.12 -9.00
CA ASP E 338 -16.55 -6.06 -9.92
C ASP E 338 -17.77 -5.36 -9.31
N TRP E 339 -18.78 -6.15 -8.99
CA TRP E 339 -20.04 -5.72 -8.40
C TRP E 339 -19.84 -4.79 -7.19
N ILE E 340 -19.06 -5.27 -6.22
CA ILE E 340 -18.80 -4.53 -5.02
C ILE E 340 -18.04 -3.24 -5.33
N HIS E 341 -17.18 -3.28 -6.34
CA HIS E 341 -16.43 -2.08 -6.71
C HIS E 341 -17.39 -1.04 -7.27
N ARG E 342 -18.48 -1.53 -7.88
CA ARG E 342 -19.48 -0.65 -8.46
C ARG E 342 -20.44 -0.06 -7.43
N ILE E 343 -20.99 -0.91 -6.54
CA ILE E 343 -21.95 -0.42 -5.56
C ILE E 343 -21.37 0.20 -4.29
N GLY E 344 -20.16 -0.21 -3.91
CA GLY E 344 -19.56 0.33 -2.69
C GLY E 344 -19.71 -0.63 -1.52
N TRP E 345 -18.74 -0.62 -0.60
CA TRP E 345 -18.79 -1.53 0.54
C TRP E 345 -19.96 -1.33 1.49
N GLU E 346 -20.29 -0.08 1.81
CA GLU E 346 -21.41 0.16 2.71
C GLU E 346 -22.69 -0.41 2.10
N THR E 347 -22.85 -0.28 0.78
CA THR E 347 -24.02 -0.80 0.09
C THR E 347 -24.00 -2.33 0.10
N PHE E 348 -22.81 -2.91 -0.02
CA PHE E 348 -22.66 -4.37 0.02
C PHE E 348 -23.22 -4.88 1.35
N TYR E 349 -22.78 -4.29 2.45
CA TYR E 349 -23.25 -4.72 3.77
C TYR E 349 -24.74 -4.48 3.97
N GLU E 350 -25.21 -3.36 3.44
CA GLU E 350 -26.62 -3.02 3.56
C GLU E 350 -27.46 -4.07 2.84
N LYS E 351 -27.07 -4.43 1.63
CA LYS E 351 -27.80 -5.40 0.83
C LYS E 351 -27.69 -6.82 1.35
N THR E 352 -26.52 -7.20 1.88
CA THR E 352 -26.36 -8.55 2.39
C THR E 352 -26.91 -8.72 3.80
N GLY E 353 -26.89 -7.65 4.59
CA GLY E 353 -27.38 -7.72 5.95
C GLY E 353 -26.28 -8.18 6.89
N LEU E 354 -25.08 -8.33 6.35
CA LEU E 354 -23.94 -8.76 7.14
C LEU E 354 -23.48 -7.65 8.08
N GLU E 355 -23.17 -8.00 9.32
CA GLU E 355 -22.71 -7.00 10.26
C GLU E 355 -21.23 -6.73 10.10
N PHE E 356 -20.90 -5.45 10.04
CA PHE E 356 -19.53 -5.00 9.87
C PHE E 356 -18.89 -4.84 11.24
N SER E 357 -17.61 -5.19 11.35
CA SER E 357 -16.90 -5.06 12.62
C SER E 357 -15.54 -4.42 12.36
N HIS E 358 -15.03 -3.71 13.34
CA HIS E 358 -13.74 -3.03 13.24
C HIS E 358 -12.63 -4.05 12.96
N HIS E 359 -12.93 -5.33 13.14
CA HIS E 359 -11.95 -6.39 12.91
C HIS E 359 -11.56 -6.48 11.43
N CYS E 360 -12.45 -6.01 10.56
CA CYS E 360 -12.23 -6.03 9.12
C CYS E 360 -11.37 -4.85 8.66
N ILE E 361 -11.15 -3.88 9.53
CA ILE E 361 -10.33 -2.73 9.17
C ILE E 361 -8.87 -3.15 9.31
N ASP E 362 -8.11 -3.02 8.23
CA ASP E 362 -6.71 -3.41 8.23
C ASP E 362 -5.85 -2.61 9.20
N ASP E 363 -4.96 -3.30 9.89
CA ASP E 363 -4.05 -2.69 10.85
C ASP E 363 -2.67 -3.34 10.78
N PHE E 364 -2.36 -4.01 9.67
CA PHE E 364 -1.06 -4.66 9.53
C PHE E 364 -0.08 -3.79 8.74
N ARG E 365 0.84 -3.16 9.46
CA ARG E 365 1.87 -2.31 8.86
C ARG E 365 1.35 -1.10 8.08
N ASP E 366 2.27 -0.34 7.51
CA ASP E 366 1.97 0.87 6.73
C ASP E 366 0.99 0.72 5.58
N PRO E 367 0.97 -0.44 4.91
CA PRO E 367 0.02 -0.56 3.80
C PRO E 367 -1.42 -0.43 4.29
N ALA E 368 -1.63 -0.64 5.60
CA ALA E 368 -2.97 -0.55 6.17
C ALA E 368 -3.64 0.78 5.85
N TYR E 369 -2.87 1.86 5.95
CA TYR E 369 -3.36 3.21 5.67
C TYR E 369 -4.14 3.25 4.34
N TYR E 370 -3.65 2.53 3.34
CA TYR E 370 -4.30 2.52 2.05
C TYR E 370 -5.70 1.91 2.03
N THR E 371 -6.01 1.05 3.00
CA THR E 371 -7.34 0.43 3.03
C THR E 371 -8.36 1.37 3.67
N TRP E 372 -7.91 2.49 4.21
CA TRP E 372 -8.82 3.45 4.82
C TRP E 372 -9.40 4.30 3.69
N ARG E 373 -10.36 5.16 4.02
CA ARG E 373 -11.00 5.98 2.99
C ARG E 373 -10.56 7.43 2.95
N GLN E 374 -9.74 7.75 1.94
CA GLN E 374 -9.25 9.10 1.76
C GLN E 374 -10.10 9.86 0.73
N SER E 375 -11.39 9.98 1.04
CA SER E 375 -12.34 10.68 0.18
C SER E 375 -13.61 10.98 0.97
N THR E 376 -14.35 12.00 0.54
CA THR E 376 -15.61 12.38 1.18
C THR E 376 -16.75 11.58 0.56
N GLN E 377 -16.43 10.87 -0.50
CA GLN E 377 -17.44 10.07 -1.20
C GLN E 377 -17.89 8.86 -0.40
N PHE E 378 -19.15 8.90 0.04
CA PHE E 378 -19.73 7.79 0.80
C PHE E 378 -21.25 7.92 0.71
N LYS E 379 -21.95 6.81 0.86
CA LYS E 379 -23.42 6.81 0.81
C LYS E 379 -23.95 6.60 2.23
N PHE E 380 -25.08 7.23 2.54
CA PHE E 380 -25.67 7.08 3.86
C PHE E 380 -26.37 5.71 3.92
N VAL E 381 -26.07 4.94 4.96
CA VAL E 381 -26.66 3.63 5.16
C VAL E 381 -27.12 3.57 6.60
N SER E 382 -27.84 2.52 6.94
CA SER E 382 -28.34 2.35 8.30
C SER E 382 -27.19 2.30 9.32
N PHE E 383 -25.98 2.05 8.82
CA PHE E 383 -24.81 2.00 9.69
C PHE E 383 -24.50 3.35 10.34
N ASP E 384 -24.86 4.43 9.65
CA ASP E 384 -24.63 5.77 10.16
C ASP E 384 -25.67 6.18 11.19
N SER E 385 -26.70 5.35 11.34
CA SER E 385 -27.77 5.62 12.29
C SER E 385 -27.43 5.01 13.64
N ALA F 1 11.14 -42.76 22.03
CA ALA F 1 11.78 -44.00 22.54
C ALA F 1 13.24 -43.73 22.91
N VAL F 2 13.95 -44.76 23.35
CA VAL F 2 15.34 -44.62 23.73
C VAL F 2 16.21 -45.67 23.05
N VAL F 3 17.14 -45.19 22.23
CA VAL F 3 18.05 -46.09 21.53
C VAL F 3 19.10 -46.60 22.51
N GLU F 4 19.29 -47.92 22.54
CA GLU F 4 20.29 -48.53 23.41
C GLU F 4 21.37 -49.07 22.47
N PHE F 5 22.58 -48.51 22.55
CA PHE F 5 23.67 -48.95 21.69
C PHE F 5 25.06 -48.69 22.27
N ALA F 6 25.90 -49.72 22.24
CA ALA F 6 27.26 -49.62 22.75
C ALA F 6 27.34 -49.02 24.15
N GLY F 7 26.43 -49.43 25.01
CA GLY F 7 26.42 -48.94 26.38
C GLY F 7 25.95 -47.50 26.53
N SER F 8 25.38 -46.93 25.48
CA SER F 8 24.88 -45.57 25.54
C SER F 8 23.37 -45.55 25.36
N ALA F 9 22.74 -44.48 25.83
CA ALA F 9 21.30 -44.34 25.72
C ALA F 9 20.98 -43.05 24.99
N PHE F 10 20.18 -43.13 23.93
CA PHE F 10 19.82 -41.94 23.15
C PHE F 10 18.32 -41.77 22.99
N GLU F 11 17.76 -40.78 23.68
CA GLU F 11 16.33 -40.50 23.59
C GLU F 11 16.10 -39.96 22.17
N VAL F 12 15.15 -40.51 21.28
CA VAL F 12 14.82 -40.06 19.93
C VAL F 12 13.31 -39.92 19.70
N ASP F 13 12.95 -39.40 18.68
CA ASP F 13 11.55 -39.33 18.29
C ASP F 13 11.26 -40.38 17.22
N GLU F 14 10.05 -40.35 16.65
CA GLU F 14 9.68 -41.33 15.64
C GLU F 14 10.52 -41.26 14.36
N ASP F 15 11.17 -40.12 14.13
CA ASP F 15 11.99 -39.97 12.93
C ASP F 15 13.49 -40.22 13.14
N GLY F 16 13.87 -40.55 14.36
CA GLY F 16 15.27 -40.83 14.62
C GLY F 16 16.15 -39.69 15.09
N PHE F 17 15.58 -38.51 15.32
CA PHE F 17 16.37 -37.38 15.80
C PHE F 17 16.51 -37.37 17.32
N LEU F 18 17.65 -36.89 17.81
CA LEU F 18 17.87 -36.80 19.25
C LEU F 18 16.95 -35.74 19.81
N ASN F 19 16.32 -36.03 20.95
CA ASN F 19 15.43 -35.06 21.57
C ASN F 19 16.28 -33.98 22.23
N ALA F 20 17.48 -34.37 22.62
CA ALA F 20 18.41 -33.45 23.28
C ALA F 20 19.78 -33.53 22.61
N PHE F 21 20.17 -32.42 21.98
CA PHE F 21 21.44 -32.29 21.27
C PHE F 21 22.62 -32.66 22.18
N ASP F 22 22.48 -32.34 23.45
CA ASP F 22 23.52 -32.60 24.44
C ASP F 22 23.79 -34.09 24.61
N ASP F 23 22.80 -34.93 24.29
CA ASP F 23 22.99 -36.37 24.44
C ASP F 23 23.84 -36.95 23.33
N TRP F 24 24.24 -36.11 22.38
CA TRP F 24 25.05 -36.59 21.26
C TRP F 24 26.37 -37.20 21.70
N CYS F 25 26.74 -38.30 21.05
CA CYS F 25 27.98 -38.99 21.32
C CYS F 25 28.47 -39.63 20.03
N PRO F 26 29.78 -39.89 19.92
CA PRO F 26 30.30 -40.51 18.70
C PRO F 26 29.57 -41.82 18.38
N GLU F 27 29.08 -42.49 19.40
CA GLU F 27 28.33 -43.74 19.22
C GLU F 27 27.07 -43.52 18.41
N TRP F 28 26.44 -42.36 18.60
CA TRP F 28 25.22 -42.02 17.88
C TRP F 28 25.41 -42.14 16.38
N VAL F 29 26.54 -41.65 15.89
CA VAL F 29 26.86 -41.70 14.47
C VAL F 29 26.98 -43.15 13.99
N LYS F 30 27.81 -43.93 14.68
CA LYS F 30 28.01 -45.33 14.32
C LYS F 30 26.68 -46.06 14.27
N TYR F 31 25.76 -45.66 15.15
CA TYR F 31 24.43 -46.27 15.21
C TYR F 31 23.56 -45.86 14.03
N ALA F 32 23.54 -44.56 13.72
CA ALA F 32 22.72 -44.03 12.63
C ALA F 32 23.19 -44.41 11.23
N LYS F 33 24.47 -44.72 10.88
CA LYS F 33 25.05 -45.07 9.57
C LYS F 33 24.12 -45.89 8.69
N GLY F 34 23.91 -47.03 9.25
CA GLY F 34 23.06 -47.90 8.46
C GLY F 34 21.76 -47.29 7.97
N SER F 35 20.92 -46.85 8.89
CA SER F 35 19.63 -46.27 8.53
C SER F 35 19.74 -45.10 7.54
N GLU F 36 20.88 -44.43 7.52
CA GLU F 36 21.05 -43.31 6.60
C GLU F 36 21.84 -43.68 5.36
N GLY F 37 21.91 -44.97 5.07
CA GLY F 37 22.62 -45.44 3.88
C GLY F 37 24.11 -45.20 3.83
N ILE F 38 24.77 -45.21 4.98
CA ILE F 38 26.22 -44.99 5.03
C ILE F 38 26.94 -46.26 5.44
N GLY F 39 27.93 -46.68 4.66
CA GLY F 39 28.68 -47.88 4.95
C GLY F 39 29.82 -47.64 5.91
N ALA F 40 30.64 -46.64 5.60
CA ALA F 40 31.79 -46.29 6.43
C ALA F 40 31.84 -44.78 6.61
N GLY F 41 32.24 -44.35 7.80
CA GLY F 41 32.35 -42.93 8.07
C GLY F 41 33.69 -42.42 7.56
N SER F 42 33.67 -41.35 6.77
CA SER F 42 34.89 -40.78 6.23
C SER F 42 35.20 -39.46 6.92
N ALA F 43 36.40 -38.94 6.69
CA ALA F 43 36.79 -37.67 7.29
C ALA F 43 35.89 -36.59 6.72
N ASP F 44 35.44 -36.77 5.48
CA ASP F 44 34.56 -35.80 4.85
C ASP F 44 33.23 -35.76 5.59
N HIS F 45 32.71 -36.92 5.98
CA HIS F 45 31.46 -36.95 6.72
C HIS F 45 31.66 -36.17 8.01
N GLN F 46 32.74 -36.49 8.72
CA GLN F 46 33.05 -35.83 9.99
C GLN F 46 33.16 -34.31 9.86
N LYS F 47 33.80 -33.86 8.79
CA LYS F 47 33.98 -32.44 8.54
C LYS F 47 32.63 -31.73 8.54
N ILE F 48 31.64 -32.38 7.92
CA ILE F 48 30.29 -31.82 7.85
C ILE F 48 29.60 -31.87 9.20
N ILE F 49 29.72 -32.98 9.90
CA ILE F 49 29.10 -33.12 11.23
C ILE F 49 29.62 -32.02 12.13
N ASP F 50 30.94 -31.87 12.19
CA ASP F 50 31.57 -30.86 13.02
C ASP F 50 31.06 -29.47 12.66
N PHE F 51 30.99 -29.18 11.36
CA PHE F 51 30.50 -27.87 10.94
C PHE F 51 29.11 -27.63 11.48
N LEU F 52 28.20 -28.55 11.19
CA LEU F 52 26.83 -28.44 11.64
C LEU F 52 26.78 -28.22 13.16
N GLN F 53 27.54 -29.00 13.91
CA GLN F 53 27.55 -28.87 15.36
C GLN F 53 28.05 -27.49 15.80
N ASP F 54 29.11 -27.00 15.16
CA ASP F 54 29.66 -25.69 15.52
C ASP F 54 28.65 -24.57 15.24
N TYR F 55 28.08 -24.58 14.04
CA TYR F 55 27.10 -23.56 13.64
C TYR F 55 25.90 -23.53 14.59
N TYR F 56 25.37 -24.70 14.89
CA TYR F 56 24.21 -24.81 15.77
C TYR F 56 24.50 -24.22 17.14
N LYS F 57 25.65 -24.57 17.70
CA LYS F 57 26.04 -24.06 19.02
C LYS F 57 26.15 -22.56 18.96
N ALA F 58 26.81 -22.06 17.92
CA ALA F 58 27.02 -20.63 17.73
C ALA F 58 25.77 -19.83 17.38
N ASN F 59 24.94 -20.35 16.48
CA ASN F 59 23.75 -19.61 16.04
C ASN F 59 22.39 -20.11 16.54
N GLY F 60 22.34 -21.28 17.15
CA GLY F 60 21.08 -21.78 17.64
C GLY F 60 20.14 -22.32 16.57
N ILE F 61 20.64 -22.46 15.35
CA ILE F 61 19.85 -22.99 14.24
C ILE F 61 20.75 -23.75 13.29
N ALA F 62 20.17 -24.63 12.47
CA ALA F 62 20.95 -25.37 11.50
C ALA F 62 21.27 -24.35 10.41
N PRO F 63 22.42 -24.51 9.73
CA PRO F 63 22.83 -23.59 8.67
C PRO F 63 22.14 -23.84 7.34
N MET F 64 21.94 -22.78 6.55
CA MET F 64 21.32 -22.91 5.24
C MET F 64 22.24 -23.73 4.35
N VAL F 65 21.64 -24.50 3.44
CA VAL F 65 22.42 -25.33 2.53
C VAL F 65 23.55 -24.58 1.85
N ARG F 66 23.31 -23.33 1.45
CA ARG F 66 24.34 -22.58 0.76
C ARG F 66 25.53 -22.30 1.66
N ILE F 67 25.27 -22.13 2.95
CA ILE F 67 26.35 -21.87 3.90
C ILE F 67 27.12 -23.15 4.19
N LEU F 68 26.40 -24.26 4.27
CA LEU F 68 27.01 -25.55 4.53
C LEU F 68 28.01 -25.85 3.41
N SER F 69 27.59 -25.59 2.17
CA SER F 69 28.43 -25.83 1.01
C SER F 69 29.57 -24.83 0.87
N LYS F 70 29.27 -23.59 1.13
CA LYS F 70 30.28 -22.58 1.16
C LYS F 70 31.45 -22.82 2.10
N VAL F 71 31.17 -23.06 3.38
CA VAL F 71 32.22 -23.33 4.36
C VAL F 71 32.95 -24.65 4.16
N THR F 72 32.21 -25.74 3.90
CA THR F 72 32.84 -27.04 3.77
C THR F 72 33.48 -27.20 2.40
N GLY F 73 32.98 -26.45 1.43
CA GLY F 73 33.52 -26.55 0.08
C GLY F 73 32.91 -27.71 -0.68
N PHE F 74 31.88 -28.33 -0.09
CA PHE F 74 31.18 -29.45 -0.72
C PHE F 74 29.89 -28.97 -1.39
N LYS F 75 29.77 -29.20 -2.70
CA LYS F 75 28.55 -28.82 -3.42
C LYS F 75 27.45 -29.77 -2.94
N LEU F 76 26.19 -29.47 -3.28
CA LEU F 76 25.08 -30.31 -2.86
C LEU F 76 25.22 -31.78 -3.28
N LYS F 77 25.54 -31.99 -4.55
CA LYS F 77 25.70 -33.34 -5.08
C LYS F 77 26.62 -34.16 -4.18
N GLN F 78 27.71 -33.55 -3.74
CA GLN F 78 28.67 -34.22 -2.87
C GLN F 78 28.03 -34.49 -1.51
N ILE F 79 27.35 -33.49 -0.97
CA ILE F 79 26.68 -33.65 0.30
C ILE F 79 25.80 -34.90 0.26
N TYR F 80 25.09 -35.10 -0.84
CA TYR F 80 24.23 -36.28 -0.96
C TYR F 80 25.03 -37.56 -1.15
N GLU F 81 26.21 -37.43 -1.77
CA GLU F 81 27.06 -38.60 -1.99
C GLU F 81 27.55 -39.09 -0.63
N LEU F 82 27.71 -38.17 0.30
CA LEU F 82 28.15 -38.48 1.65
C LEU F 82 26.95 -38.87 2.51
N PHE F 83 25.85 -38.15 2.35
CA PHE F 83 24.61 -38.42 3.10
C PHE F 83 23.44 -38.54 2.12
N PRO F 84 23.12 -39.77 1.69
CA PRO F 84 22.02 -40.04 0.75
C PRO F 84 20.65 -39.43 1.04
N SER F 85 20.35 -39.19 2.32
CA SER F 85 19.05 -38.63 2.69
C SER F 85 19.03 -37.12 2.64
N GLY F 86 20.23 -36.54 2.46
CA GLY F 86 20.36 -35.10 2.37
C GLY F 86 20.94 -34.45 3.62
N PRO F 87 21.13 -33.13 3.58
CA PRO F 87 21.69 -32.38 4.71
C PRO F 87 20.82 -32.42 5.97
N GLY F 88 19.51 -32.52 5.78
CA GLY F 88 18.60 -32.54 6.92
C GLY F 88 18.46 -33.90 7.58
N LYS F 89 17.59 -34.73 7.01
CA LYS F 89 17.33 -36.07 7.53
C LYS F 89 18.63 -36.85 7.68
N GLY F 90 19.62 -36.53 6.85
CA GLY F 90 20.90 -37.21 6.91
C GLY F 90 21.94 -36.62 7.85
N ALA F 91 22.62 -35.57 7.42
CA ALA F 91 23.67 -34.94 8.22
C ALA F 91 23.20 -34.37 9.56
N CYS F 92 22.20 -33.49 9.55
CA CYS F 92 21.71 -32.91 10.79
C CYS F 92 21.29 -34.00 11.80
N LYS F 93 20.58 -35.02 11.32
CA LYS F 93 20.15 -36.10 12.20
C LYS F 93 21.35 -36.73 12.88
N MET F 94 22.37 -37.03 12.09
CA MET F 94 23.59 -37.65 12.60
C MET F 94 24.42 -36.70 13.45
N ALA F 95 24.26 -35.39 13.24
CA ALA F 95 25.01 -34.40 14.02
C ALA F 95 24.32 -34.16 15.35
N GLY F 96 23.17 -34.81 15.54
CA GLY F 96 22.43 -34.67 16.78
C GLY F 96 21.51 -33.45 16.84
N LEU F 97 21.40 -32.72 15.88
CA LEU F 97 20.56 -31.52 15.80
C LEU F 97 19.08 -31.90 15.79
N PRO F 98 18.27 -30.91 16.12
CA PRO F 98 16.82 -31.15 16.19
C PRO F 98 16.20 -31.32 14.80
N LYS F 99 15.11 -32.09 14.75
CA LYS F 99 14.43 -32.36 13.49
C LYS F 99 14.04 -31.06 12.76
N PRO F 100 14.27 -31.02 11.45
CA PRO F 100 13.94 -29.82 10.64
C PRO F 100 12.42 -29.58 10.66
N THR F 101 12.01 -28.31 10.53
CA THR F 101 10.59 -27.94 10.49
C THR F 101 10.16 -27.09 9.26
N GLY F 102 8.91 -26.62 9.26
CA GLY F 102 8.40 -25.79 8.17
C GLY F 102 7.89 -26.60 6.99
N CYS F 103 7.29 -25.96 5.99
CA CYS F 103 6.82 -26.70 4.90
C CYS F 103 7.87 -27.56 4.09
N VAL F 104 8.19 -28.72 4.62
CA VAL F 104 9.25 -29.63 4.22
C VAL F 104 10.77 -29.11 4.16
#